data_9UA9
#
_entry.id   9UA9
#
_cell.length_a   1.00
_cell.length_b   1.00
_cell.length_c   1.00
_cell.angle_alpha   90.00
_cell.angle_beta   90.00
_cell.angle_gamma   90.00
#
_symmetry.space_group_name_H-M   'P 1'
#
loop_
_entity.id
_entity.type
_entity.pdbx_description
1 polymer 1D6-VL
2 polymer '1D6 VH'
3 polymer 'Fusion glycoprotein F0'
4 branched 2-acetamido-2-deoxy-beta-D-glucopyranose-(1-4)-2-acetamido-2-deoxy-beta-D-glucopyranose
5 non-polymer 2-acetamido-2-deoxy-beta-D-glucopyranose
6 water water
#
loop_
_entity_poly.entity_id
_entity_poly.type
_entity_poly.pdbx_seq_one_letter_code
_entity_poly.pdbx_strand_id
1 'polypeptide(L)'
;PVLTQPPSASEAARKSVTISCSGSSSNIGSNSVSWYQQLPGTALKLLISYNDQRASGVSDRFSGSKSGTSASLAISGLQT
EDEADYYCAAWDDSLSGPVFGGGTRLTVL
;
F,E,D
2 'polypeptide(L)'
;QVQLQESGPGLVKPSETLSLTCTVSGASISSYWWGWIRQPPGKGLEWIADIYPNSGSTNYNPSLKSRVTNSKDASKNQFS
LKLSSVTAADTAMYYCARAPRGYSYSYVFGHRFDVWGPGVLVTVS
;
H,G,I
3 'polypeptide(L)'
;ILHYEKLSKIGLVKGVTRKYKIKSNPLTKDIVIKMIPNVSNMSQCTGSVMENYKTRLNGILTPIKGALEIYKNNTHDLVG
DVRLAGVIMAGVAIGIATAAQITAGVALYEAMKNADNINKLKSSIESTNEAVVKLQETAEKTVYVLTALQDYINTNLVPT
IDKISCKQTELSLDLALSKYLSDLLFVFGPNLQDPVSNSMTIQAISQAFGGNYETLLRTLGYATEDFDDLLESDSITGQI
IYVDLSSYYIIVRVYFPILTEIQQAYIQELLPVSFNNDNSEWISIVPNFILVRNTLISNIEIGFCLITKRSVICNQDYAT
PMTNNMRECLTGSTEKCPRELVVSSHVPRFALSNGVLFANCISVTCQCQTTGRAISQSGEQTLLMIDNTTCPTAVLGNVI
ISLGKYLGSVNYNSEGIAIGPPVFTDKVDISSQISSMNQSLQQSKDYIKE
;
A,C,B
#
# COMPACT_ATOMS: atom_id res chain seq x y z
N PRO A 1 24.28 3.90 37.15
CA PRO A 1 25.41 4.08 38.08
C PRO A 1 25.65 2.83 38.93
N VAL A 2 24.71 2.50 39.81
CA VAL A 2 24.84 1.31 40.66
C VAL A 2 23.43 0.87 41.07
N LEU A 3 23.29 -0.42 41.33
CA LEU A 3 22.04 -1.01 41.79
C LEU A 3 22.18 -1.39 43.26
N THR A 4 21.08 -1.30 44.00
CA THR A 4 21.09 -1.53 45.45
C THR A 4 20.57 -2.92 45.76
N GLN A 5 21.40 -3.71 46.45
CA GLN A 5 21.10 -5.05 46.93
C GLN A 5 21.31 -5.13 48.44
N PRO A 6 20.63 -6.04 49.14
CA PRO A 6 20.93 -6.27 50.55
C PRO A 6 22.21 -7.09 50.70
N PRO A 7 23.09 -6.70 51.62
CA PRO A 7 24.37 -7.42 51.74
C PRO A 7 24.24 -8.89 52.10
N SER A 8 23.20 -9.29 52.82
CA SER A 8 23.10 -10.65 53.31
C SER A 8 21.65 -11.13 53.25
N ALA A 9 21.50 -12.45 53.21
CA ALA A 9 20.18 -13.09 53.30
C ALA A 9 20.37 -14.48 53.90
N SER A 10 19.33 -14.95 54.59
CA SER A 10 19.44 -16.23 55.28
C SER A 10 18.06 -16.84 55.44
N GLU A 11 17.99 -18.16 55.36
CA GLU A 11 16.75 -18.91 55.52
C GLU A 11 17.09 -20.39 55.70
N ALA A 12 16.23 -21.09 56.43
CA ALA A 12 16.47 -22.49 56.72
C ALA A 12 16.17 -23.35 55.49
N ALA A 13 16.58 -24.62 55.57
CA ALA A 13 16.44 -25.54 54.45
C ALA A 13 14.97 -25.87 54.20
N ARG A 14 14.68 -26.30 52.97
CA ARG A 14 13.36 -26.67 52.51
C ARG A 14 12.40 -25.47 52.52
N LYS A 15 12.93 -24.28 52.76
CA LYS A 15 12.15 -23.06 52.76
C LYS A 15 12.42 -22.29 51.46
N SER A 16 11.91 -21.06 51.39
CA SER A 16 12.08 -20.21 50.21
C SER A 16 12.55 -18.82 50.65
N VAL A 17 13.39 -18.21 49.82
CA VAL A 17 13.97 -16.90 50.10
C VAL A 17 13.82 -16.02 48.85
N THR A 18 13.89 -14.71 49.07
CA THR A 18 13.74 -13.72 48.02
C THR A 18 14.81 -12.65 48.16
N ILE A 19 15.45 -12.30 47.04
CA ILE A 19 16.52 -11.32 46.99
C ILE A 19 16.07 -10.17 46.09
N SER A 20 16.18 -8.94 46.59
CA SER A 20 15.71 -7.77 45.87
C SER A 20 16.85 -7.01 45.23
N CYS A 21 16.51 -6.23 44.20
CA CYS A 21 17.47 -5.43 43.46
C CYS A 21 16.76 -4.16 43.01
N SER A 22 17.27 -3.01 43.45
CA SER A 22 16.61 -1.72 43.21
C SER A 22 17.45 -0.87 42.28
N GLY A 23 16.78 -0.22 41.32
CA GLY A 23 17.46 0.62 40.36
C GLY A 23 16.73 1.91 40.06
N SER A 24 16.86 2.40 38.82
CA SER A 24 16.24 3.67 38.45
C SER A 24 15.52 3.56 37.10
N SER A 25 15.07 4.70 36.57
CA SER A 25 14.31 4.70 35.33
C SER A 25 15.20 4.45 34.12
N SER A 26 16.48 4.81 34.21
CA SER A 26 17.35 4.68 33.04
C SER A 26 17.78 3.23 32.81
N ASN A 27 17.83 2.40 33.84
CA ASN A 27 18.33 1.04 33.69
C ASN A 27 17.27 -0.02 33.91
N ILE A 28 16.67 -0.10 35.10
CA ILE A 28 15.71 -1.16 35.36
C ILE A 28 14.31 -0.81 34.84
N GLY A 29 13.92 0.46 34.93
CA GLY A 29 12.59 0.85 34.49
C GLY A 29 12.36 0.58 33.01
N SER A 30 13.40 0.77 32.20
CA SER A 30 13.26 0.66 30.75
C SER A 30 13.89 -0.60 30.16
N ASN A 31 14.67 -1.37 30.93
CA ASN A 31 15.34 -2.55 30.41
C ASN A 31 15.20 -3.69 31.41
N SER A 32 15.67 -4.87 31.01
CA SER A 32 15.48 -6.08 31.79
C SER A 32 16.68 -6.33 32.72
N VAL A 33 16.58 -7.37 33.55
CA VAL A 33 17.57 -7.66 34.58
C VAL A 33 18.14 -9.05 34.35
N SER A 34 19.43 -9.20 34.61
CA SER A 34 20.11 -10.49 34.58
C SER A 34 20.66 -10.81 35.96
N TRP A 35 20.66 -12.10 36.30
CA TRP A 35 21.11 -12.60 37.60
C TRP A 35 22.21 -13.64 37.41
N TYR A 36 23.31 -13.46 38.14
CA TYR A 36 24.48 -14.32 38.09
C TYR A 36 24.78 -14.92 39.47
N GLN A 37 25.34 -16.12 39.47
CA GLN A 37 25.70 -16.85 40.67
C GLN A 37 27.21 -17.09 40.71
N GLN A 38 27.79 -16.93 41.90
CA GLN A 38 29.21 -17.17 42.12
C GLN A 38 29.36 -18.09 43.32
N LEU A 39 29.72 -19.34 43.08
CA LEU A 39 29.98 -20.31 44.12
C LEU A 39 31.41 -20.14 44.64
N PRO A 40 31.70 -20.65 45.83
CA PRO A 40 33.06 -20.47 46.40
C PRO A 40 34.13 -21.10 45.53
N GLY A 41 35.03 -20.27 45.01
CA GLY A 41 36.16 -20.73 44.25
C GLY A 41 35.85 -21.41 42.94
N THR A 42 34.96 -20.83 42.13
CA THR A 42 34.65 -21.37 40.83
C THR A 42 34.15 -20.25 39.92
N ALA A 43 34.04 -20.56 38.63
CA ALA A 43 33.67 -19.57 37.64
C ALA A 43 32.23 -19.10 37.82
N LEU A 44 32.00 -17.83 37.53
CA LEU A 44 30.65 -17.28 37.55
C LEU A 44 29.82 -17.84 36.40
N LYS A 45 28.52 -17.98 36.64
CA LYS A 45 27.61 -18.47 35.60
C LYS A 45 26.33 -17.65 35.60
N LEU A 46 25.69 -17.60 34.43
CA LEU A 46 24.46 -16.85 34.23
C LEU A 46 23.27 -17.69 34.68
N LEU A 47 22.50 -17.16 35.63
CA LEU A 47 21.28 -17.83 36.09
C LEU A 47 20.05 -17.37 35.32
N ILE A 48 19.80 -16.07 35.28
CA ILE A 48 18.55 -15.53 34.75
C ILE A 48 18.85 -14.40 33.79
N SER A 49 18.05 -14.29 32.72
CA SER A 49 18.10 -13.15 31.81
C SER A 49 16.69 -12.81 31.34
N TYR A 50 16.53 -11.57 30.86
CA TYR A 50 15.22 -11.05 30.40
C TYR A 50 14.16 -11.13 31.50
N ASN A 51 14.59 -10.97 32.75
CA ASN A 51 13.79 -10.88 33.96
C ASN A 51 13.17 -12.20 34.42
N ASP A 52 13.04 -13.19 33.53
CA ASP A 52 12.46 -14.45 33.97
C ASP A 52 12.95 -15.69 33.24
N GLN A 53 13.89 -15.60 32.31
CA GLN A 53 14.25 -16.73 31.46
C GLN A 53 15.46 -17.45 32.03
N ARG A 54 15.27 -18.70 32.43
CA ARG A 54 16.35 -19.50 32.98
C ARG A 54 17.28 -20.00 31.88
N ALA A 55 18.56 -20.09 32.19
CA ALA A 55 19.53 -20.64 31.27
C ALA A 55 19.40 -22.16 31.20
N SER A 56 20.08 -22.76 30.23
CA SER A 56 20.05 -24.21 30.06
C SER A 56 20.68 -24.90 31.26
N GLY A 57 20.02 -25.96 31.72
CA GLY A 57 20.51 -26.69 32.88
C GLY A 57 20.48 -25.92 34.18
N VAL A 58 19.43 -25.13 34.39
CA VAL A 58 19.22 -24.38 35.63
C VAL A 58 17.94 -24.87 36.26
N SER A 59 18.00 -25.22 37.55
CA SER A 59 16.87 -25.86 38.22
C SER A 59 15.67 -24.92 38.26
N ASP A 60 14.47 -25.54 38.26
CA ASP A 60 13.22 -24.78 38.27
C ASP A 60 12.96 -24.07 39.58
N ARG A 61 13.76 -24.33 40.62
CA ARG A 61 13.59 -23.67 41.90
C ARG A 61 14.01 -22.21 41.87
N PHE A 62 14.66 -21.75 40.81
CA PHE A 62 15.03 -20.35 40.64
C PHE A 62 13.99 -19.66 39.77
N SER A 63 13.49 -18.52 40.24
CA SER A 63 12.54 -17.72 39.47
C SER A 63 12.90 -16.25 39.60
N GLY A 64 12.47 -15.46 38.62
CA GLY A 64 12.73 -14.04 38.63
C GLY A 64 11.48 -13.25 38.26
N SER A 65 11.46 -12.01 38.74
CA SER A 65 10.34 -11.11 38.46
C SER A 65 10.82 -9.67 38.46
N LYS A 66 10.03 -8.80 37.84
CA LYS A 66 10.33 -7.38 37.77
C LYS A 66 9.05 -6.57 37.94
N SER A 67 9.14 -5.49 38.70
CA SER A 67 8.02 -4.57 38.89
C SER A 67 8.57 -3.16 39.05
N GLY A 68 8.12 -2.25 38.20
CA GLY A 68 8.58 -0.87 38.29
C GLY A 68 10.09 -0.78 38.07
N THR A 69 10.77 -0.14 39.02
CA THR A 69 12.22 -0.02 39.01
C THR A 69 12.90 -1.04 39.92
N SER A 70 12.20 -2.12 40.28
CA SER A 70 12.76 -3.14 41.15
C SER A 70 12.63 -4.52 40.51
N ALA A 71 13.49 -5.43 40.95
CA ALA A 71 13.47 -6.81 40.48
C ALA A 71 13.73 -7.74 41.65
N SER A 72 13.32 -8.99 41.50
CA SER A 72 13.44 -9.97 42.57
C SER A 72 13.82 -11.33 42.02
N LEU A 73 14.63 -12.06 42.81
CA LEU A 73 15.00 -13.44 42.53
C LEU A 73 14.53 -14.31 43.68
N ALA A 74 13.74 -15.34 43.37
CA ALA A 74 13.16 -16.22 44.37
C ALA A 74 13.76 -17.61 44.25
N ILE A 75 14.13 -18.19 45.39
CA ILE A 75 14.70 -19.53 45.46
C ILE A 75 13.84 -20.36 46.40
N SER A 76 13.31 -21.47 45.90
CA SER A 76 12.46 -22.37 46.68
C SER A 76 13.17 -23.70 46.89
N GLY A 77 12.70 -24.45 47.89
CA GLY A 77 13.32 -25.72 48.22
C GLY A 77 14.77 -25.58 48.59
N LEU A 78 15.05 -24.64 49.50
CA LEU A 78 16.42 -24.24 49.79
C LEU A 78 17.27 -25.42 50.23
N GLN A 79 18.48 -25.52 49.67
CA GLN A 79 19.41 -26.59 49.95
C GLN A 79 20.77 -26.00 50.32
N THR A 80 21.70 -26.88 50.68
CA THR A 80 23.05 -26.44 51.05
C THR A 80 23.89 -26.05 49.85
N GLU A 81 23.62 -26.62 48.68
CA GLU A 81 24.38 -26.29 47.48
C GLU A 81 24.07 -24.89 46.96
N ASP A 82 23.05 -24.22 47.49
CA ASP A 82 22.67 -22.89 47.05
C ASP A 82 23.45 -21.77 47.73
N GLU A 83 24.30 -22.09 48.70
CA GLU A 83 25.13 -21.08 49.33
C GLU A 83 26.12 -20.51 48.32
N ALA A 84 26.03 -19.22 48.06
CA ALA A 84 26.85 -18.55 47.04
C ALA A 84 26.68 -17.04 47.19
N ASP A 85 27.22 -16.30 46.23
CA ASP A 85 26.92 -14.89 46.06
C ASP A 85 26.08 -14.71 44.80
N TYR A 86 25.15 -13.77 44.84
CA TYR A 86 24.23 -13.52 43.74
C TYR A 86 24.30 -12.06 43.36
N TYR A 87 24.42 -11.79 42.06
CA TYR A 87 24.56 -10.44 41.54
C TYR A 87 23.47 -10.16 40.51
N CYS A 88 22.94 -8.93 40.54
CA CYS A 88 22.02 -8.46 39.52
C CYS A 88 22.69 -7.42 38.64
N ALA A 89 22.27 -7.36 37.37
CA ALA A 89 22.82 -6.41 36.43
C ALA A 89 21.73 -5.95 35.47
N ALA A 90 21.86 -4.72 34.98
CA ALA A 90 20.88 -4.18 34.04
C ALA A 90 21.55 -3.22 33.08
N TRP A 91 21.09 -3.24 31.83
CA TRP A 91 21.57 -2.31 30.82
C TRP A 91 21.11 -0.88 31.13
N ASP A 92 22.02 0.08 30.98
CA ASP A 92 21.73 1.48 31.25
C ASP A 92 21.87 2.28 29.95
N ASP A 93 20.81 3.01 29.59
CA ASP A 93 20.80 3.75 28.34
C ASP A 93 21.78 4.93 28.36
N SER A 94 22.10 5.48 29.53
CA SER A 94 23.02 6.60 29.60
C SER A 94 24.48 6.18 29.51
N LEU A 95 24.78 4.89 29.68
CA LEU A 95 26.15 4.39 29.62
C LEU A 95 26.43 3.51 28.41
N SER A 96 25.41 3.01 27.73
CA SER A 96 25.56 2.00 26.69
C SER A 96 26.31 0.78 27.22
N GLY A 97 25.96 0.36 28.44
CA GLY A 97 26.57 -0.78 29.07
C GLY A 97 25.82 -1.22 30.32
N PRO A 98 26.26 -2.31 30.92
CA PRO A 98 25.58 -2.81 32.13
C PRO A 98 26.03 -2.08 33.38
N VAL A 99 25.13 -2.08 34.37
CA VAL A 99 25.43 -1.64 35.73
C VAL A 99 25.10 -2.79 36.67
N PHE A 100 25.97 -3.02 37.65
CA PHE A 100 25.90 -4.14 38.56
C PHE A 100 25.36 -3.71 39.92
N GLY A 101 24.81 -4.69 40.65
CA GLY A 101 24.52 -4.51 42.05
C GLY A 101 25.70 -4.89 42.92
N GLY A 102 25.54 -4.63 44.23
CA GLY A 102 26.62 -4.92 45.16
C GLY A 102 26.80 -6.37 45.51
N GLY A 103 25.79 -7.20 45.25
CA GLY A 103 25.88 -8.62 45.53
C GLY A 103 25.27 -8.98 46.88
N THR A 104 24.69 -10.18 46.94
CA THR A 104 24.07 -10.70 48.15
C THR A 104 24.62 -12.10 48.42
N ARG A 105 25.13 -12.32 49.62
CA ARG A 105 25.62 -13.63 50.02
C ARG A 105 24.51 -14.40 50.73
N LEU A 106 24.28 -15.64 50.30
CA LEU A 106 23.20 -16.46 50.82
C LEU A 106 23.75 -17.50 51.77
N THR A 107 23.25 -17.51 53.01
CA THR A 107 23.62 -18.49 54.03
C THR A 107 22.40 -19.29 54.40
N VAL A 108 22.52 -20.62 54.37
CA VAL A 108 21.43 -21.52 54.71
C VAL A 108 21.66 -22.07 56.11
N LEU A 109 20.60 -22.18 56.89
CA LEU A 109 20.69 -22.66 58.27
C LEU A 109 20.46 -24.16 58.34
N GLN B 1 25.94 19.75 -32.88
CA GLN B 1 27.08 18.92 -32.51
C GLN B 1 27.97 19.64 -31.50
N VAL B 2 28.32 18.95 -30.42
CA VAL B 2 29.18 19.51 -29.39
C VAL B 2 30.62 19.45 -29.86
N GLN B 3 31.35 20.55 -29.67
CA GLN B 3 32.76 20.62 -30.03
C GLN B 3 33.56 21.22 -28.88
N LEU B 4 34.81 20.78 -28.77
CA LEU B 4 35.69 21.19 -27.68
C LEU B 4 37.03 21.64 -28.26
N GLN B 5 37.64 22.62 -27.60
CA GLN B 5 38.95 23.12 -28.02
C GLN B 5 39.82 23.34 -26.80
N GLU B 6 41.03 22.78 -26.81
CA GLU B 6 42.01 22.99 -25.77
C GLU B 6 42.94 24.16 -26.12
N SER B 7 43.45 24.82 -25.09
CA SER B 7 44.39 25.91 -25.26
C SER B 7 45.34 25.95 -24.06
N GLY B 8 46.60 26.26 -24.33
CA GLY B 8 47.59 26.34 -23.28
C GLY B 8 48.94 26.81 -23.79
N PRO B 9 49.93 26.86 -22.91
CA PRO B 9 51.27 27.30 -23.31
C PRO B 9 52.04 26.18 -23.98
N GLY B 10 52.76 26.52 -25.05
CA GLY B 10 53.56 25.53 -25.75
C GLY B 10 54.70 24.99 -24.92
N LEU B 11 55.39 25.87 -24.19
CA LEU B 11 56.55 25.50 -23.39
C LEU B 11 56.34 25.97 -21.95
N VAL B 12 56.65 25.08 -21.01
CA VAL B 12 56.55 25.38 -19.58
C VAL B 12 57.90 25.09 -18.93
N LYS B 13 58.42 26.09 -18.22
CA LYS B 13 59.69 25.90 -17.53
C LYS B 13 59.52 24.97 -16.33
N PRO B 14 60.55 24.21 -15.99
CA PRO B 14 60.44 23.29 -14.84
C PRO B 14 60.14 24.04 -13.55
N SER B 15 59.39 23.36 -12.68
CA SER B 15 58.95 23.83 -11.36
C SER B 15 57.90 24.93 -11.45
N GLU B 16 57.50 25.36 -12.64
CA GLU B 16 56.44 26.34 -12.80
C GLU B 16 55.09 25.65 -12.83
N THR B 17 54.04 26.38 -13.20
CA THR B 17 52.68 25.86 -13.21
C THR B 17 52.15 25.86 -14.63
N LEU B 18 51.55 24.74 -15.03
CA LEU B 18 50.92 24.58 -16.34
C LEU B 18 49.43 24.87 -16.22
N SER B 19 48.91 25.69 -17.14
CA SER B 19 47.50 26.06 -17.14
C SER B 19 46.90 25.73 -18.50
N LEU B 20 45.74 25.07 -18.48
CA LEU B 20 45.05 24.69 -19.70
C LEU B 20 43.59 25.13 -19.61
N THR B 21 42.99 25.41 -20.77
CA THR B 21 41.62 25.85 -20.85
C THR B 21 40.89 25.08 -21.94
N CYS B 22 39.68 24.63 -21.63
CA CYS B 22 38.82 23.95 -22.58
C CYS B 22 37.59 24.81 -22.84
N THR B 23 37.32 25.09 -24.12
CA THR B 23 36.20 25.90 -24.56
C THR B 23 35.22 25.02 -25.32
N VAL B 24 33.94 25.12 -24.97
CA VAL B 24 32.90 24.25 -25.50
C VAL B 24 31.96 25.06 -26.39
N SER B 25 31.60 24.49 -27.54
CA SER B 25 30.64 25.10 -28.45
C SER B 25 29.54 24.10 -28.74
N GLY B 26 28.29 24.54 -28.64
CA GLY B 26 27.14 23.70 -28.90
C GLY B 26 26.47 23.12 -27.68
N ALA B 27 26.96 23.43 -26.48
CA ALA B 27 26.36 22.95 -25.26
C ALA B 27 26.81 23.82 -24.10
N SER B 28 26.09 23.73 -22.99
CA SER B 28 26.41 24.47 -21.78
C SER B 28 27.24 23.59 -20.85
N ILE B 29 28.32 24.14 -20.31
CA ILE B 29 29.20 23.38 -19.43
C ILE B 29 28.52 23.03 -18.11
N SER B 30 27.40 23.68 -17.78
CA SER B 30 26.76 23.50 -16.49
C SER B 30 25.75 22.36 -16.47
N SER B 31 25.66 21.57 -17.54
CA SER B 31 24.70 20.48 -17.59
C SER B 31 25.36 19.12 -17.88
N TYR B 32 26.68 19.00 -17.71
CA TYR B 32 27.36 17.75 -18.03
C TYR B 32 28.59 17.57 -17.15
N TRP B 33 29.05 16.32 -17.07
CA TRP B 33 30.37 15.99 -16.54
C TRP B 33 31.42 16.16 -17.63
N TRP B 34 32.62 16.59 -17.22
CA TRP B 34 33.74 16.73 -18.14
C TRP B 34 34.98 16.09 -17.51
N GLY B 35 36.02 15.86 -18.32
CA GLY B 35 37.21 15.19 -17.84
C GLY B 35 38.45 15.58 -18.62
N TRP B 36 39.60 15.36 -17.98
CA TRP B 36 40.91 15.65 -18.56
C TRP B 36 41.75 14.37 -18.63
N ILE B 37 42.39 14.15 -19.78
CA ILE B 37 43.24 12.98 -20.00
C ILE B 37 44.55 13.46 -20.62
N ARG B 38 45.62 12.69 -20.43
CA ARG B 38 46.89 13.00 -21.06
C ARG B 38 47.59 11.73 -21.55
N GLN B 39 48.44 11.90 -22.56
CA GLN B 39 49.21 10.82 -23.16
C GLN B 39 50.65 11.26 -23.37
N PRO B 40 51.60 10.64 -22.67
CA PRO B 40 53.01 10.94 -22.97
C PRO B 40 53.38 10.45 -24.34
N PRO B 41 54.39 11.06 -24.97
CA PRO B 41 54.79 10.63 -26.31
C PRO B 41 55.25 9.18 -26.32
N GLY B 42 54.59 8.38 -27.15
CA GLY B 42 54.93 6.97 -27.28
C GLY B 42 54.38 6.06 -26.20
N LYS B 43 53.49 6.56 -25.34
CA LYS B 43 52.97 5.74 -24.26
C LYS B 43 51.44 5.75 -24.23
N GLY B 44 50.85 5.19 -23.17
CA GLY B 44 49.41 5.05 -23.09
C GLY B 44 48.73 6.21 -22.38
N LEU B 45 47.40 6.12 -22.32
CA LEU B 45 46.57 7.17 -21.75
C LEU B 45 46.62 7.14 -20.23
N GLU B 46 46.39 8.31 -19.62
CA GLU B 46 46.35 8.43 -18.18
C GLU B 46 45.27 9.43 -17.78
N TRP B 47 44.38 9.03 -16.87
CA TRP B 47 43.30 9.89 -16.43
C TRP B 47 43.80 10.90 -15.40
N ILE B 48 43.31 12.13 -15.51
CA ILE B 48 43.74 13.21 -14.63
C ILE B 48 42.64 13.55 -13.61
N ALA B 49 41.49 14.00 -14.10
CA ALA B 49 40.41 14.40 -13.19
C ALA B 49 39.10 14.54 -13.95
N ASP B 50 37.99 14.39 -13.23
CA ASP B 50 36.65 14.66 -13.74
C ASP B 50 36.00 15.76 -12.90
N ILE B 51 35.18 16.58 -13.56
CA ILE B 51 34.57 17.75 -12.93
C ILE B 51 33.11 17.89 -13.35
N TYR B 52 32.28 18.33 -12.41
CA TYR B 52 30.91 18.76 -12.66
C TYR B 52 30.78 20.22 -12.26
N PRO B 53 30.86 21.15 -13.21
CA PRO B 53 30.92 22.58 -12.86
C PRO B 53 29.68 23.11 -12.16
N ASN B 54 28.50 22.59 -12.45
CA ASN B 54 27.26 23.17 -11.90
C ASN B 54 27.26 23.12 -10.38
N SER B 55 27.71 22.01 -9.81
CA SER B 55 27.80 21.87 -8.36
C SER B 55 29.22 21.99 -7.84
N GLY B 56 30.20 22.17 -8.73
CA GLY B 56 31.59 22.22 -8.32
C GLY B 56 32.13 20.90 -7.78
N SER B 57 31.70 19.78 -8.35
CA SER B 57 32.18 18.48 -7.89
C SER B 57 33.42 18.06 -8.68
N THR B 58 34.32 17.34 -8.00
CA THR B 58 35.56 16.93 -8.65
C THR B 58 36.01 15.57 -8.12
N ASN B 59 36.45 14.72 -9.04
CA ASN B 59 37.11 13.45 -8.71
C ASN B 59 38.52 13.46 -9.29
N TYR B 60 39.48 13.00 -8.48
CA TYR B 60 40.90 13.11 -8.80
C TYR B 60 41.55 11.74 -8.96
N ASN B 61 42.55 11.69 -9.82
CA ASN B 61 43.51 10.58 -9.81
C ASN B 61 44.37 10.68 -8.56
N PRO B 62 44.42 9.65 -7.72
CA PRO B 62 45.14 9.79 -6.43
C PRO B 62 46.60 10.15 -6.57
N SER B 63 47.27 9.72 -7.65
CA SER B 63 48.68 10.06 -7.80
C SER B 63 48.88 11.56 -8.00
N LEU B 64 47.99 12.21 -8.76
CA LEU B 64 48.13 13.62 -9.11
C LEU B 64 47.27 14.56 -8.28
N LYS B 65 46.61 14.06 -7.23
CA LYS B 65 45.62 14.86 -6.52
C LYS B 65 46.23 16.13 -5.92
N SER B 66 47.43 16.02 -5.34
CA SER B 66 48.02 17.13 -4.61
C SER B 66 48.50 18.28 -5.50
N ARG B 67 48.52 18.10 -6.82
CA ARG B 67 49.07 19.09 -7.73
C ARG B 67 48.05 19.64 -8.72
N VAL B 68 46.75 19.44 -8.48
CA VAL B 68 45.72 19.74 -9.45
C VAL B 68 44.73 20.74 -8.85
N THR B 69 44.44 21.80 -9.60
CA THR B 69 43.35 22.73 -9.28
C THR B 69 42.51 22.95 -10.52
N ASN B 70 41.23 23.27 -10.31
N ASN B 70 41.23 23.27 -10.32
CA ASN B 70 40.26 23.44 -11.38
CA ASN B 70 40.32 23.47 -11.43
C ASN B 70 39.49 24.73 -11.18
C ASN B 70 39.45 24.70 -11.19
N SER B 71 38.98 25.28 -12.28
CA SER B 71 38.17 26.50 -12.23
C SER B 71 37.24 26.52 -13.44
N LYS B 72 36.28 27.44 -13.41
CA LYS B 72 35.28 27.53 -14.48
C LYS B 72 34.95 28.99 -14.77
N ASP B 73 34.27 29.20 -15.90
CA ASP B 73 33.78 30.53 -16.29
C ASP B 73 32.55 30.30 -17.16
N ALA B 74 31.36 30.51 -16.58
CA ALA B 74 30.13 30.19 -17.27
C ALA B 74 29.78 31.19 -18.36
N SER B 75 30.20 32.45 -18.20
CA SER B 75 29.86 33.47 -19.19
C SER B 75 30.46 33.14 -20.55
N LYS B 76 31.72 32.72 -20.57
CA LYS B 76 32.40 32.33 -21.80
C LYS B 76 32.34 30.83 -22.04
N ASN B 77 31.67 30.08 -21.17
CA ASN B 77 31.48 28.63 -21.34
C ASN B 77 32.82 27.90 -21.43
N GLN B 78 33.66 28.10 -20.42
CA GLN B 78 35.01 27.53 -20.42
C GLN B 78 35.30 26.91 -19.05
N PHE B 79 36.18 25.90 -19.05
CA PHE B 79 36.70 25.39 -17.79
C PHE B 79 38.20 25.15 -17.91
N SER B 80 38.90 25.34 -16.78
CA SER B 80 40.35 25.42 -16.79
C SER B 80 40.94 24.50 -15.74
N LEU B 81 42.13 23.99 -16.05
CA LEU B 81 42.89 23.08 -15.21
C LEU B 81 44.28 23.66 -14.98
N LYS B 82 44.84 23.39 -13.80
CA LYS B 82 46.17 23.88 -13.46
C LYS B 82 46.94 22.83 -12.69
N LEU B 83 48.15 22.52 -13.16
CA LEU B 83 49.03 21.53 -12.55
C LEU B 83 50.31 22.23 -12.11
N SER B 84 50.66 22.08 -10.83
CA SER B 84 51.77 22.80 -10.23
C SER B 84 52.99 21.91 -10.04
N SER B 85 54.15 22.56 -10.02
CA SER B 85 55.45 21.89 -9.77
C SER B 85 55.71 20.82 -10.84
N VAL B 86 55.77 21.26 -12.09
CA VAL B 86 55.92 20.35 -13.21
C VAL B 86 57.39 19.98 -13.39
N THR B 87 57.62 18.72 -13.76
CA THR B 87 58.94 18.20 -14.06
C THR B 87 58.97 17.71 -15.50
N ALA B 88 60.06 17.05 -15.88
CA ALA B 88 60.20 16.50 -17.23
C ALA B 88 59.20 15.38 -17.50
N ALA B 89 58.65 14.77 -16.47
CA ALA B 89 57.68 13.68 -16.65
C ALA B 89 56.31 14.17 -17.07
N ASP B 90 56.07 15.48 -17.10
CA ASP B 90 54.76 16.02 -17.39
C ASP B 90 54.59 16.48 -18.84
N THR B 91 55.58 16.26 -19.70
CA THR B 91 55.41 16.60 -21.11
C THR B 91 54.55 15.54 -21.78
N ALA B 92 53.49 15.98 -22.47
CA ALA B 92 52.50 15.06 -23.02
C ALA B 92 51.50 15.83 -23.87
N MET B 93 50.64 15.09 -24.55
CA MET B 93 49.46 15.65 -25.19
C MET B 93 48.29 15.60 -24.22
N TYR B 94 47.52 16.69 -24.16
CA TYR B 94 46.43 16.83 -23.21
C TYR B 94 45.11 16.98 -23.95
N TYR B 95 44.08 16.30 -23.44
CA TYR B 95 42.74 16.31 -24.01
C TYR B 95 41.71 16.63 -22.94
N CYS B 96 40.66 17.35 -23.34
CA CYS B 96 39.43 17.44 -22.55
C CYS B 96 38.33 16.68 -23.27
N ALA B 97 37.39 16.16 -22.49
CA ALA B 97 36.34 15.31 -23.05
C ALA B 97 35.08 15.44 -22.22
N ARG B 98 33.95 15.08 -22.83
CA ARG B 98 32.68 14.94 -22.11
C ARG B 98 32.58 13.52 -21.58
N ALA B 99 32.19 13.38 -20.31
CA ALA B 99 32.34 12.11 -19.58
C ALA B 99 31.05 11.74 -18.85
N PRO B 100 30.00 11.35 -19.57
CA PRO B 100 28.79 10.86 -18.91
C PRO B 100 29.02 9.52 -18.21
N ARG B 101 28.28 9.30 -17.14
CA ARG B 101 28.32 8.03 -16.41
C ARG B 101 26.94 7.76 -15.80
N GLY B 102 26.63 6.49 -15.62
CA GLY B 102 25.39 6.12 -14.97
C GLY B 102 24.93 4.73 -15.37
N TYR B 103 23.73 4.39 -14.90
CA TYR B 103 23.10 3.10 -15.21
C TYR B 103 22.39 3.15 -16.56
N SER B 104 22.48 2.05 -17.29
CA SER B 104 21.76 1.93 -18.56
C SER B 104 20.30 1.54 -18.31
N TYR B 105 19.56 1.35 -19.40
CA TYR B 105 18.16 0.92 -19.29
C TYR B 105 18.02 -0.40 -18.56
N SER B 106 18.99 -1.30 -18.71
CA SER B 106 18.98 -2.61 -18.07
C SER B 106 19.85 -2.67 -16.81
N TYR B 107 20.05 -1.52 -16.16
CA TYR B 107 20.74 -1.44 -14.86
C TYR B 107 22.17 -1.97 -14.91
N VAL B 108 22.88 -1.64 -15.98
CA VAL B 108 24.33 -1.84 -16.07
C VAL B 108 25.01 -0.49 -15.93
N PHE B 109 25.90 -0.36 -14.96
CA PHE B 109 26.58 0.91 -14.72
C PHE B 109 27.79 1.05 -15.63
N GLY B 110 27.98 2.26 -16.19
CA GLY B 110 29.09 2.50 -17.09
C GLY B 110 29.55 3.94 -17.08
N HIS B 111 30.76 4.12 -17.60
CA HIS B 111 31.40 5.42 -17.79
C HIS B 111 31.99 5.46 -19.18
N ARG B 112 31.96 6.64 -19.81
CA ARG B 112 32.49 6.76 -21.16
C ARG B 112 32.87 8.20 -21.47
N PHE B 113 33.94 8.37 -22.24
CA PHE B 113 34.32 9.65 -22.83
C PHE B 113 33.77 9.67 -24.26
N ASP B 114 32.60 10.28 -24.45
CA ASP B 114 31.91 10.16 -25.72
C ASP B 114 32.29 11.23 -26.75
N VAL B 115 32.87 12.35 -26.33
CA VAL B 115 33.33 13.40 -27.24
C VAL B 115 34.71 13.85 -26.80
N TRP B 116 35.65 13.91 -27.74
CA TRP B 116 37.03 14.28 -27.46
C TRP B 116 37.41 15.54 -28.22
N GLY B 117 38.28 16.34 -27.61
CA GLY B 117 38.89 17.46 -28.30
C GLY B 117 40.14 17.05 -29.06
N PRO B 118 40.67 17.97 -29.85
CA PRO B 118 41.89 17.65 -30.63
C PRO B 118 43.12 17.44 -29.77
N GLY B 119 43.25 18.14 -28.65
CA GLY B 119 44.40 18.01 -27.79
C GLY B 119 45.45 19.08 -28.02
N VAL B 120 46.27 19.32 -27.01
CA VAL B 120 47.33 20.32 -27.06
C VAL B 120 48.60 19.71 -26.49
N LEU B 121 49.73 19.94 -27.17
CA LEU B 121 51.01 19.39 -26.73
C LEU B 121 51.71 20.34 -25.77
N VAL B 122 52.17 19.80 -24.65
CA VAL B 122 52.90 20.57 -23.65
C VAL B 122 54.26 19.92 -23.44
N THR B 123 55.31 20.70 -23.62
CA THR B 123 56.69 20.25 -23.45
C THR B 123 57.31 20.99 -22.28
N VAL B 124 57.92 20.26 -21.35
CA VAL B 124 58.54 20.83 -20.17
C VAL B 124 60.04 20.82 -20.41
N SER B 125 60.62 21.99 -20.69
CA SER B 125 62.05 22.12 -20.92
C SER B 125 62.64 23.30 -20.15
N ILE C 1 -47.70 0.96 6.17
CA ILE C 1 -47.66 0.46 4.81
C ILE C 1 -47.16 -0.99 4.81
N LEU C 2 -46.12 -1.25 5.59
CA LEU C 2 -45.66 -2.61 5.84
C LEU C 2 -46.38 -3.19 7.06
N HIS C 3 -46.68 -4.49 6.99
CA HIS C 3 -47.40 -5.17 8.07
C HIS C 3 -46.37 -5.80 9.00
N TYR C 4 -45.88 -5.01 9.96
CA TYR C 4 -44.77 -5.45 10.79
C TYR C 4 -45.15 -6.62 11.69
N GLU C 5 -46.38 -6.63 12.20
CA GLU C 5 -46.79 -7.69 13.12
C GLU C 5 -46.77 -9.05 12.43
N LYS C 6 -47.34 -9.13 11.22
CA LYS C 6 -47.32 -10.39 10.49
C LYS C 6 -45.91 -10.77 10.06
N LEU C 7 -45.11 -9.79 9.65
CA LEU C 7 -43.74 -10.08 9.22
C LEU C 7 -42.89 -10.64 10.36
N SER C 8 -43.10 -10.14 11.58
CA SER C 8 -42.29 -10.62 12.70
C SER C 8 -42.51 -12.09 12.99
N LYS C 9 -43.67 -12.64 12.63
CA LYS C 9 -43.97 -14.05 12.89
C LYS C 9 -43.26 -15.00 11.93
N ILE C 10 -42.71 -14.50 10.81
CA ILE C 10 -41.90 -15.33 9.95
C ILE C 10 -40.44 -14.87 10.05
N GLY C 11 -40.09 -14.31 11.20
CA GLY C 11 -38.70 -14.01 11.52
C GLY C 11 -38.13 -12.74 10.93
N LEU C 12 -38.98 -11.80 10.50
CA LEU C 12 -38.54 -10.53 9.95
C LEU C 12 -38.86 -9.44 10.98
N VAL C 13 -37.91 -9.17 11.87
CA VAL C 13 -38.11 -8.25 12.97
C VAL C 13 -37.80 -6.83 12.51
N LYS C 14 -38.63 -5.87 12.94
CA LYS C 14 -38.45 -4.49 12.53
C LYS C 14 -37.16 -3.91 13.08
N GLY C 15 -36.38 -3.26 12.22
CA GLY C 15 -35.13 -2.65 12.63
C GLY C 15 -35.15 -1.14 12.60
N VAL C 16 -33.97 -0.54 12.41
CA VAL C 16 -33.84 0.91 12.41
C VAL C 16 -34.41 1.49 11.12
N THR C 17 -35.07 2.65 11.23
CA THR C 17 -35.51 3.43 10.08
C THR C 17 -34.50 4.55 9.81
N ARG C 18 -34.20 4.78 8.53
CA ARG C 18 -33.17 5.72 8.12
C ARG C 18 -33.68 6.67 7.04
N LYS C 19 -33.03 7.81 6.93
CA LYS C 19 -33.32 8.80 5.90
C LYS C 19 -32.54 8.50 4.63
N TYR C 20 -32.96 9.14 3.53
CA TYR C 20 -32.40 8.94 2.20
C TYR C 20 -31.78 10.26 1.73
N LYS C 21 -30.48 10.22 1.40
CA LYS C 21 -29.76 11.42 0.98
C LYS C 21 -28.96 11.16 -0.29
N ILE C 22 -28.93 12.15 -1.18
CA ILE C 22 -28.23 12.06 -2.46
C ILE C 22 -27.45 13.35 -2.70
N LYS C 23 -26.30 13.22 -3.34
CA LYS C 23 -25.46 14.39 -3.62
C LYS C 23 -26.10 15.30 -4.67
N SER C 24 -25.78 16.59 -4.58
CA SER C 24 -26.29 17.58 -5.53
C SER C 24 -25.49 18.88 -5.41
N ASN C 25 -25.63 19.73 -6.45
CA ASN C 25 -25.13 21.11 -6.50
C ASN C 25 -23.65 21.21 -6.17
N PRO C 26 -22.75 20.77 -7.04
CA PRO C 26 -21.32 20.82 -6.73
C PRO C 26 -20.68 22.18 -7.02
N LEU C 27 -19.68 22.50 -6.21
CA LEU C 27 -18.76 23.60 -6.47
C LEU C 27 -17.51 23.03 -7.15
N THR C 28 -16.80 23.89 -7.88
CA THR C 28 -15.67 23.45 -8.68
C THR C 28 -14.40 24.21 -8.30
N LYS C 29 -13.27 23.51 -8.33
CA LYS C 29 -11.99 24.17 -8.11
C LYS C 29 -10.86 23.40 -8.80
N ASP C 30 -9.92 24.14 -9.40
CA ASP C 30 -8.87 23.54 -10.21
C ASP C 30 -7.55 23.47 -9.44
N ILE C 31 -6.76 22.43 -9.73
CA ILE C 31 -5.47 22.23 -9.08
C ILE C 31 -4.52 21.53 -10.05
N VAL C 32 -3.22 21.79 -9.88
CA VAL C 32 -2.18 21.25 -10.74
C VAL C 32 -1.44 20.14 -10.00
N ILE C 33 -1.19 19.02 -10.69
CA ILE C 33 -0.39 17.93 -10.17
C ILE C 33 0.79 17.71 -11.11
N LYS C 34 2.00 17.92 -10.60
CA LYS C 34 3.23 17.74 -11.36
C LYS C 34 3.79 16.35 -11.06
N MET C 35 3.99 15.56 -12.11
CA MET C 35 4.32 14.15 -11.96
C MET C 35 5.81 13.86 -12.14
N ILE C 36 6.66 14.88 -12.09
CA ILE C 36 8.11 14.69 -12.13
C ILE C 36 8.75 15.61 -11.08
N PRO C 37 9.63 15.09 -10.23
CA PRO C 37 10.22 15.92 -9.19
C PRO C 37 11.34 16.82 -9.71
N ASN C 38 11.68 17.82 -8.89
CA ASN C 38 12.75 18.76 -9.19
C ASN C 38 14.05 18.24 -8.57
N VAL C 39 15.02 17.90 -9.41
CA VAL C 39 16.28 17.31 -8.95
C VAL C 39 17.44 18.29 -9.11
N SER C 40 17.16 19.59 -9.14
CA SER C 40 18.22 20.58 -9.38
C SER C 40 19.23 20.64 -8.25
N ASN C 41 18.89 20.20 -7.04
CA ASN C 41 19.82 20.22 -5.92
C ASN C 41 20.64 18.94 -5.79
N MET C 42 20.47 17.98 -6.71
CA MET C 42 21.29 16.78 -6.74
C MET C 42 21.70 16.43 -8.17
N SER C 43 21.87 17.45 -9.01
CA SER C 43 22.00 17.24 -10.45
C SER C 43 23.24 16.43 -10.81
N GLN C 44 24.28 16.44 -9.98
CA GLN C 44 25.47 15.68 -10.31
C GLN C 44 25.28 14.17 -10.12
N CYS C 45 24.17 13.74 -9.53
CA CYS C 45 23.94 12.34 -9.19
C CYS C 45 22.78 11.73 -9.98
N THR C 46 22.43 12.29 -11.14
CA THR C 46 21.23 11.87 -11.83
C THR C 46 21.46 10.87 -12.96
N GLY C 47 22.65 10.84 -13.56
CA GLY C 47 22.92 9.91 -14.65
C GLY C 47 21.99 10.09 -15.83
N SER C 48 21.31 9.02 -16.25
CA SER C 48 20.30 9.09 -17.30
C SER C 48 18.93 8.65 -16.77
N VAL C 49 18.71 8.81 -15.47
CA VAL C 49 17.47 8.36 -14.85
C VAL C 49 16.27 9.13 -15.39
N MET C 50 16.39 10.46 -15.45
CA MET C 50 15.25 11.29 -15.79
C MET C 50 14.83 11.07 -17.25
N GLU C 51 15.78 10.80 -18.14
CA GLU C 51 15.44 10.57 -19.54
C GLU C 51 14.58 9.32 -19.71
N ASN C 52 15.01 8.20 -19.10
CA ASN C 52 14.23 6.98 -19.16
C ASN C 52 12.85 7.16 -18.51
N TYR C 53 12.82 7.84 -17.35
CA TYR C 53 11.55 8.09 -16.69
C TYR C 53 10.61 8.90 -17.58
N LYS C 54 11.13 9.93 -18.24
CA LYS C 54 10.32 10.75 -19.13
C LYS C 54 9.79 9.94 -20.30
N THR C 55 10.62 9.06 -20.87
CA THR C 55 10.13 8.22 -21.96
C THR C 55 8.94 7.37 -21.51
N ARG C 56 9.09 6.68 -20.37
CA ARG C 56 8.00 5.85 -19.86
C ARG C 56 6.74 6.67 -19.57
N LEU C 57 6.92 7.82 -18.91
CA LEU C 57 5.76 8.65 -18.53
C LEU C 57 5.06 9.23 -19.75
N ASN C 58 5.83 9.63 -20.77
CA ASN C 58 5.22 10.12 -22.00
C ASN C 58 4.39 9.02 -22.67
N GLY C 59 4.93 7.79 -22.68
CA GLY C 59 4.15 6.67 -23.19
C GLY C 59 2.84 6.49 -22.45
N ILE C 60 2.86 6.70 -21.13
CA ILE C 60 1.64 6.57 -20.35
C ILE C 60 0.67 7.71 -20.65
N LEU C 61 1.16 8.94 -20.77
CA LEU C 61 0.29 10.11 -20.81
C LEU C 61 -0.26 10.43 -22.19
N THR C 62 0.39 9.99 -23.27
CA THR C 62 -0.07 10.36 -24.62
C THR C 62 -1.51 9.96 -24.92
N PRO C 63 -1.98 8.73 -24.63
CA PRO C 63 -3.37 8.39 -24.97
C PRO C 63 -4.42 9.26 -24.27
N ILE C 64 -4.15 9.72 -23.05
CA ILE C 64 -5.12 10.56 -22.35
C ILE C 64 -5.32 11.88 -23.09
N LYS C 65 -4.21 12.51 -23.48
CA LYS C 65 -4.31 13.74 -24.26
C LYS C 65 -5.00 13.49 -25.59
N GLY C 66 -4.69 12.37 -26.24
CA GLY C 66 -5.38 12.02 -27.48
C GLY C 66 -6.88 11.92 -27.31
N ALA C 67 -7.32 11.29 -26.22
CA ALA C 67 -8.75 11.17 -25.96
C ALA C 67 -9.40 12.52 -25.67
N LEU C 68 -8.70 13.41 -24.94
CA LEU C 68 -9.27 14.73 -24.68
C LEU C 68 -9.38 15.55 -25.96
N GLU C 69 -8.41 15.41 -26.88
CA GLU C 69 -8.42 16.21 -28.09
C GLU C 69 -9.68 15.98 -28.94
N ILE C 70 -10.27 14.79 -28.87
CA ILE C 70 -11.46 14.49 -29.67
C ILE C 70 -12.57 15.48 -29.37
N TYR C 71 -12.82 15.75 -28.09
CA TYR C 71 -13.81 16.75 -27.72
C TYR C 71 -13.29 18.17 -27.81
N LYS C 72 -12.00 18.40 -27.53
CA LYS C 72 -11.50 19.77 -27.55
C LYS C 72 -11.51 20.37 -28.96
N ASN C 73 -11.17 19.57 -29.98
CA ASN C 73 -11.09 20.08 -31.35
C ASN C 73 -12.45 20.22 -32.01
N ASN C 74 -13.51 19.63 -31.45
CA ASN C 74 -14.81 19.58 -32.11
C ASN C 74 -15.89 20.28 -31.29
N THR C 75 -15.54 21.32 -30.54
CA THR C 75 -16.49 22.07 -29.74
C THR C 75 -16.22 23.56 -29.89
N HIS C 76 -17.26 24.34 -30.18
CA HIS C 76 -17.09 25.77 -30.42
C HIS C 76 -18.28 26.53 -29.83
N ASP C 77 -18.07 27.82 -29.62
CA ASP C 77 -19.14 28.69 -29.14
C ASP C 77 -20.23 28.87 -30.20
N LEU C 78 -21.44 29.12 -29.73
CA LEU C 78 -22.57 29.33 -30.62
C LEU C 78 -22.79 30.82 -30.91
N GLY C 86 -24.64 27.62 -24.37
CA GLY C 86 -24.34 28.33 -25.61
C GLY C 86 -23.16 27.76 -26.35
N VAL C 87 -22.99 26.44 -26.27
CA VAL C 87 -21.89 25.75 -26.91
C VAL C 87 -22.46 24.61 -27.75
N ILE C 88 -21.83 24.36 -28.91
CA ILE C 88 -22.31 23.37 -29.87
C ILE C 88 -21.21 22.36 -30.14
N MET C 89 -21.59 21.09 -30.22
CA MET C 89 -20.68 20.00 -30.55
C MET C 89 -20.97 19.48 -31.96
N ALA C 90 -19.92 19.07 -32.65
CA ALA C 90 -20.05 18.49 -33.99
C ALA C 90 -20.33 17.01 -33.85
N GLY C 91 -21.59 16.62 -34.00
CA GLY C 91 -21.98 15.24 -33.82
C GLY C 91 -21.37 14.29 -34.84
N VAL C 92 -21.20 14.76 -36.08
CA VAL C 92 -20.61 13.91 -37.11
C VAL C 92 -19.17 13.56 -36.76
N ALA C 93 -18.41 14.54 -36.28
CA ALA C 93 -17.00 14.29 -35.94
C ALA C 93 -16.88 13.37 -34.73
N ILE C 94 -17.75 13.55 -33.72
CA ILE C 94 -17.69 12.69 -32.54
C ILE C 94 -18.07 11.26 -32.90
N GLY C 95 -19.13 11.10 -33.67
CA GLY C 95 -19.55 9.78 -34.14
C GLY C 95 -20.43 9.01 -33.18
N ILE C 96 -19.83 8.45 -32.12
CA ILE C 96 -20.52 7.57 -31.19
C ILE C 96 -20.20 8.02 -29.77
N ALA C 97 -21.24 8.24 -28.96
CA ALA C 97 -21.04 8.68 -27.58
C ALA C 97 -22.31 8.46 -26.78
N THR C 98 -22.13 8.22 -25.47
CA THR C 98 -23.24 8.18 -24.53
C THR C 98 -23.59 9.61 -24.09
N ALA C 99 -24.76 9.75 -23.45
CA ALA C 99 -25.17 11.05 -22.95
C ALA C 99 -24.22 11.58 -21.88
N ALA C 100 -23.77 10.69 -20.98
CA ALA C 100 -22.84 11.10 -19.92
C ALA C 100 -21.55 11.65 -20.50
N GLN C 101 -21.02 11.00 -21.55
CA GLN C 101 -19.79 11.47 -22.17
C GLN C 101 -19.97 12.85 -22.80
N ILE C 102 -21.12 13.08 -23.45
CA ILE C 102 -21.38 14.38 -24.06
C ILE C 102 -21.49 15.47 -23.00
N THR C 103 -22.18 15.19 -21.90
CA THR C 103 -22.28 16.15 -20.80
C THR C 103 -20.90 16.45 -20.22
N ALA C 104 -20.08 15.41 -20.03
CA ALA C 104 -18.72 15.63 -19.56
C ALA C 104 -17.90 16.47 -20.54
N GLY C 105 -18.14 16.30 -21.84
CA GLY C 105 -17.46 17.12 -22.83
C GLY C 105 -17.86 18.59 -22.72
N VAL C 106 -19.13 18.85 -22.45
CA VAL C 106 -19.57 20.23 -22.23
C VAL C 106 -18.85 20.82 -21.02
N ALA C 107 -18.75 20.06 -19.94
CA ALA C 107 -18.02 20.52 -18.75
C ALA C 107 -16.55 20.78 -19.08
N LEU C 108 -15.94 19.90 -19.88
CA LEU C 108 -14.55 20.07 -20.28
C LEU C 108 -14.35 21.37 -21.06
N TYR C 109 -15.29 21.68 -21.96
CA TYR C 109 -15.21 22.95 -22.68
C TYR C 109 -15.35 24.12 -21.73
N GLU C 110 -16.20 24.00 -20.70
CA GLU C 110 -16.35 25.09 -19.74
C GLU C 110 -15.06 25.34 -18.96
N ALA C 111 -14.29 24.30 -18.63
CA ALA C 111 -13.11 24.48 -17.80
C ALA C 111 -11.90 25.10 -18.53
N MET C 112 -11.93 25.18 -19.86
CA MET C 112 -10.73 25.60 -20.59
C MET C 112 -10.39 27.07 -20.39
N LYS C 113 -11.36 27.91 -20.05
CA LYS C 113 -11.08 29.33 -19.81
C LYS C 113 -10.13 29.50 -18.63
N ASN C 114 -10.37 28.76 -17.54
CA ASN C 114 -9.44 28.80 -16.42
C ASN C 114 -8.18 27.99 -16.70
N ALA C 115 -8.29 26.95 -17.54
CA ALA C 115 -7.08 26.20 -17.92
C ALA C 115 -6.06 27.10 -18.60
N ASP C 116 -6.51 28.00 -19.49
CA ASP C 116 -5.59 28.90 -20.18
C ASP C 116 -4.87 29.83 -19.18
N ASN C 117 -5.62 30.40 -18.25
CA ASN C 117 -5.00 31.26 -17.24
C ASN C 117 -3.98 30.51 -16.42
N ILE C 118 -4.29 29.26 -16.03
CA ILE C 118 -3.31 28.47 -15.28
C ILE C 118 -2.07 28.22 -16.13
N ASN C 119 -2.25 27.84 -17.39
CA ASN C 119 -1.12 27.54 -18.26
C ASN C 119 -0.27 28.76 -18.55
N LYS C 120 -0.77 29.97 -18.28
CA LYS C 120 0.11 31.14 -18.33
C LYS C 120 1.21 31.10 -17.26
N LEU C 121 1.14 30.18 -16.30
CA LEU C 121 2.13 30.07 -15.23
C LEU C 121 3.09 28.90 -15.43
N LYS C 122 3.38 28.55 -16.69
CA LYS C 122 4.13 27.32 -16.98
C LYS C 122 5.54 27.35 -16.40
N SER C 123 6.25 28.47 -16.58
CA SER C 123 7.63 28.56 -16.09
C SER C 123 7.69 28.47 -14.57
N SER C 124 6.75 29.12 -13.89
CA SER C 124 6.69 29.03 -12.43
C SER C 124 6.37 27.61 -11.98
N ILE C 125 5.47 26.93 -12.70
CA ILE C 125 5.13 25.55 -12.34
C ILE C 125 6.36 24.65 -12.46
N GLU C 126 7.13 24.82 -13.54
CA GLU C 126 8.28 23.96 -13.77
C GLU C 126 9.35 24.11 -12.68
N SER C 127 9.39 25.27 -12.01
CA SER C 127 10.49 25.57 -11.10
C SER C 127 10.16 25.33 -9.62
N THR C 128 8.99 24.80 -9.29
CA THR C 128 8.67 24.52 -7.89
C THR C 128 9.60 23.44 -7.35
N ASN C 129 9.98 23.60 -6.07
N ASN C 129 10.00 23.59 -6.09
CA ASN C 129 10.96 22.71 -5.44
CA ASN C 129 10.93 22.64 -5.48
C ASN C 129 10.47 22.20 -4.08
C ASN C 129 10.47 22.22 -4.08
N GLU C 130 9.17 22.25 -3.82
CA GLU C 130 8.59 21.76 -2.58
C GLU C 130 7.36 20.92 -2.91
N ALA C 131 6.97 20.08 -1.96
CA ALA C 131 5.88 19.14 -2.22
C ALA C 131 4.55 19.88 -2.43
N VAL C 132 4.30 20.95 -1.68
CA VAL C 132 3.08 21.75 -1.80
C VAL C 132 3.48 23.22 -1.94
N VAL C 133 3.01 23.88 -3.00
CA VAL C 133 3.32 25.30 -3.22
C VAL C 133 2.05 26.00 -3.70
N LYS C 134 1.83 27.23 -3.22
CA LYS C 134 0.73 28.06 -3.70
C LYS C 134 1.30 29.19 -4.54
N LEU C 135 0.99 29.19 -5.83
CA LEU C 135 1.39 30.26 -6.75
C LEU C 135 0.28 31.32 -6.76
N GLN C 136 0.65 32.57 -6.48
CA GLN C 136 -0.30 33.68 -6.39
C GLN C 136 0.33 34.90 -7.05
N GLU C 137 0.10 35.06 -8.36
CA GLU C 137 0.60 36.21 -9.10
C GLU C 137 -0.45 37.29 -9.27
N THR C 138 -1.65 36.93 -9.70
CA THR C 138 -2.78 37.85 -9.78
C THR C 138 -4.01 37.16 -9.23
N ALA C 139 -5.12 37.90 -9.17
CA ALA C 139 -6.37 37.33 -8.69
C ALA C 139 -6.84 36.20 -9.59
N GLU C 140 -6.56 36.27 -10.89
CA GLU C 140 -6.95 35.20 -11.80
C GLU C 140 -5.87 34.15 -11.97
N LYS C 141 -4.61 34.50 -11.77
CA LYS C 141 -3.50 33.54 -11.89
C LYS C 141 -3.07 33.12 -10.48
N THR C 142 -3.83 32.19 -9.92
CA THR C 142 -3.57 31.65 -8.59
C THR C 142 -3.95 30.18 -8.57
N VAL C 143 -3.05 29.32 -8.12
CA VAL C 143 -3.30 27.88 -8.14
C VAL C 143 -2.28 27.19 -7.22
N TYR C 144 -2.68 26.04 -6.68
CA TYR C 144 -1.78 25.19 -5.90
C TYR C 144 -1.11 24.17 -6.81
N VAL C 145 0.15 23.85 -6.50
CA VAL C 145 0.92 22.84 -7.22
C VAL C 145 1.37 21.79 -6.21
N LEU C 146 1.04 20.53 -6.50
CA LEU C 146 1.46 19.38 -5.71
C LEU C 146 2.41 18.53 -6.54
N THR C 147 3.59 18.23 -6.00
CA THR C 147 4.64 17.55 -6.73
C THR C 147 4.93 16.18 -6.12
N ALA C 148 4.86 15.14 -6.94
CA ALA C 148 5.11 13.79 -6.47
C ALA C 148 6.59 13.56 -6.20
N LEU C 149 6.89 12.84 -5.12
CA LEU C 149 8.21 12.39 -4.69
C LEU C 149 9.14 13.52 -4.25
N GLN C 150 8.70 14.78 -4.26
CA GLN C 150 9.58 15.87 -3.86
C GLN C 150 9.98 15.75 -2.39
N ASP C 151 9.05 15.32 -1.54
CA ASP C 151 9.36 15.17 -0.11
C ASP C 151 10.44 14.13 0.12
N TYR C 152 10.38 13.00 -0.58
CA TYR C 152 11.40 11.97 -0.42
C TYR C 152 12.77 12.48 -0.84
N ILE C 153 12.83 13.24 -1.94
CA ILE C 153 14.09 13.79 -2.40
C ILE C 153 14.65 14.81 -1.41
N ASN C 154 13.79 15.71 -0.93
CA ASN C 154 14.25 16.78 -0.04
C ASN C 154 14.65 16.26 1.33
N THR C 155 13.98 15.21 1.82
CA THR C 155 14.22 14.74 3.18
C THR C 155 15.26 13.63 3.27
N ASN C 156 15.37 12.78 2.25
CA ASN C 156 16.21 11.59 2.33
C ASN C 156 17.45 11.64 1.45
N LEU C 157 17.32 12.07 0.19
CA LEU C 157 18.44 11.95 -0.73
C LEU C 157 19.40 13.14 -0.66
N VAL C 158 18.87 14.37 -0.66
CA VAL C 158 19.74 15.54 -0.57
C VAL C 158 20.57 15.56 0.72
N PRO C 159 20.00 15.30 1.91
CA PRO C 159 20.84 15.33 3.12
C PRO C 159 21.92 14.27 3.17
N THR C 160 21.82 13.18 2.41
CA THR C 160 22.83 12.13 2.45
C THR C 160 23.85 12.22 1.33
N ILE C 161 23.86 13.34 0.59
CA ILE C 161 24.88 13.53 -0.44
C ILE C 161 26.27 13.52 0.20
N ASP C 162 27.17 12.72 -0.36
CA ASP C 162 28.55 12.49 0.05
C ASP C 162 28.68 11.61 1.29
N LYS C 163 27.58 11.27 1.97
CA LYS C 163 27.59 10.22 2.97
C LYS C 163 27.49 8.84 2.34
N ILE C 164 26.87 8.76 1.16
CA ILE C 164 26.86 7.57 0.33
C ILE C 164 27.43 7.96 -1.02
N SER C 165 27.79 6.95 -1.81
CA SER C 165 28.37 7.22 -3.13
C SER C 165 27.30 7.76 -4.08
N CYS C 166 27.77 8.44 -5.13
CA CYS C 166 26.86 8.98 -6.14
C CYS C 166 26.07 7.87 -6.83
N LYS C 167 26.73 6.73 -7.05
CA LYS C 167 26.07 5.57 -7.66
C LYS C 167 24.89 5.08 -6.81
N GLN C 168 25.08 5.03 -5.49
CA GLN C 168 24.00 4.61 -4.60
C GLN C 168 22.83 5.59 -4.63
N THR C 169 23.13 6.89 -4.62
CA THR C 169 22.07 7.90 -4.72
C THR C 169 21.28 7.75 -6.00
N GLU C 170 21.98 7.56 -7.13
CA GLU C 170 21.31 7.40 -8.41
C GLU C 170 20.40 6.18 -8.41
N LEU C 171 20.90 5.05 -7.88
CA LEU C 171 20.08 3.85 -7.84
C LEU C 171 18.85 4.04 -6.96
N SER C 172 18.99 4.72 -5.82
CA SER C 172 17.84 4.96 -4.96
C SER C 172 16.79 5.81 -5.66
N LEU C 173 17.22 6.86 -6.36
CA LEU C 173 16.27 7.69 -7.10
C LEU C 173 15.54 6.87 -8.16
N ASP C 174 16.28 6.04 -8.90
CA ASP C 174 15.66 5.24 -9.94
C ASP C 174 14.61 4.29 -9.35
N LEU C 175 14.95 3.62 -8.25
CA LEU C 175 14.02 2.69 -7.63
C LEU C 175 12.76 3.40 -7.14
N ALA C 176 12.92 4.58 -6.54
CA ALA C 176 11.74 5.34 -6.10
C ALA C 176 10.82 5.69 -7.27
N LEU C 177 11.41 6.16 -8.37
CA LEU C 177 10.59 6.49 -9.53
C LEU C 177 9.88 5.26 -10.09
N SER C 178 10.58 4.12 -10.15
CA SER C 178 9.98 2.89 -10.65
C SER C 178 8.81 2.43 -9.78
N LYS C 179 8.97 2.51 -8.46
CA LYS C 179 7.87 2.16 -7.57
C LYS C 179 6.67 3.09 -7.77
N TYR C 180 6.94 4.38 -7.96
CA TYR C 180 5.86 5.33 -8.23
C TYR C 180 5.09 4.94 -9.49
N LEU C 181 5.81 4.60 -10.57
CA LEU C 181 5.13 4.21 -11.80
C LEU C 181 4.35 2.91 -11.63
N SER C 182 4.91 1.95 -10.89
CA SER C 182 4.22 0.69 -10.64
C SER C 182 2.89 0.94 -9.94
N ASP C 183 2.87 1.84 -8.96
CA ASP C 183 1.60 2.17 -8.30
C ASP C 183 0.66 2.96 -9.21
N LEU C 184 1.20 3.83 -10.07
CA LEU C 184 0.37 4.71 -10.89
C LEU C 184 -0.37 3.96 -12.00
N LEU C 185 0.24 2.90 -12.53
CA LEU C 185 -0.29 2.27 -13.74
C LEU C 185 -1.72 1.75 -13.55
N PHE C 186 -2.08 1.33 -12.33
CA PHE C 186 -3.41 0.78 -12.12
C PHE C 186 -4.50 1.81 -12.41
N VAL C 187 -4.30 3.04 -11.98
CA VAL C 187 -5.32 4.09 -12.17
C VAL C 187 -5.19 4.76 -13.52
N PHE C 188 -3.96 5.11 -13.95
CA PHE C 188 -3.80 5.93 -15.14
C PHE C 188 -3.37 5.15 -16.38
N GLY C 189 -3.43 3.82 -16.33
CA GLY C 189 -3.01 3.01 -17.45
C GLY C 189 -4.12 2.77 -18.46
N PRO C 190 -4.02 1.68 -19.21
CA PRO C 190 -5.05 1.37 -20.23
C PRO C 190 -6.44 1.15 -19.65
N ASN C 191 -6.57 0.91 -18.35
CA ASN C 191 -7.90 0.83 -17.74
C ASN C 191 -8.66 2.14 -17.90
N LEU C 192 -7.97 3.26 -18.09
CA LEU C 192 -8.62 4.56 -18.28
C LEU C 192 -8.78 4.82 -19.78
N GLN C 193 -9.82 4.22 -20.35
CA GLN C 193 -10.13 4.43 -21.76
C GLN C 193 -11.10 5.59 -21.98
N ASP C 194 -11.71 6.12 -20.93
CA ASP C 194 -12.69 7.20 -21.04
C ASP C 194 -12.34 8.31 -20.04
N PRO C 195 -11.32 9.12 -20.35
CA PRO C 195 -11.01 10.24 -19.45
C PRO C 195 -11.99 11.40 -19.55
N VAL C 196 -12.89 11.42 -20.53
CA VAL C 196 -13.90 12.48 -20.64
C VAL C 196 -15.09 12.02 -19.80
N SER C 197 -14.99 12.26 -18.50
CA SER C 197 -16.03 11.91 -17.53
C SER C 197 -15.70 12.60 -16.22
N ASN C 198 -16.69 12.64 -15.33
CA ASN C 198 -16.50 13.22 -14.00
C ASN C 198 -16.93 12.24 -12.91
N SER C 199 -16.71 10.95 -13.13
CA SER C 199 -17.12 9.92 -12.19
C SER C 199 -15.96 9.33 -11.39
N MET C 200 -14.72 9.68 -11.72
CA MET C 200 -13.57 9.16 -10.98
C MET C 200 -13.46 9.85 -9.62
N THR C 201 -13.28 9.05 -8.56
CA THR C 201 -13.23 9.60 -7.21
C THR C 201 -11.92 10.33 -6.96
N ILE C 202 -11.96 11.26 -5.99
CA ILE C 202 -10.76 12.02 -5.63
C ILE C 202 -9.72 11.10 -5.02
N GLN C 203 -10.14 10.03 -4.33
CA GLN C 203 -9.19 9.07 -3.79
C GLN C 203 -8.38 8.42 -4.90
N ALA C 204 -9.03 8.02 -5.99
CA ALA C 204 -8.32 7.41 -7.11
C ALA C 204 -7.38 8.40 -7.78
N ILE C 205 -7.84 9.65 -7.95
CA ILE C 205 -7.01 10.67 -8.59
C ILE C 205 -5.76 10.96 -7.77
N SER C 206 -5.89 10.91 -6.43
CA SER C 206 -4.76 11.20 -5.57
C SER C 206 -3.60 10.22 -5.72
N GLN C 207 -3.78 9.12 -6.47
CA GLN C 207 -2.65 8.22 -6.73
C GLN C 207 -1.53 8.93 -7.47
N ALA C 208 -1.86 9.97 -8.24
CA ALA C 208 -0.83 10.79 -8.88
C ALA C 208 0.00 11.55 -7.85
N PHE C 209 -0.49 11.70 -6.62
CA PHE C 209 0.23 12.33 -5.53
C PHE C 209 0.47 11.35 -4.40
N GLY C 210 0.71 10.08 -4.75
CA GLY C 210 1.03 9.08 -3.76
C GLY C 210 -0.11 8.60 -2.90
N GLY C 211 -1.35 8.93 -3.25
CA GLY C 211 -2.50 8.51 -2.47
C GLY C 211 -2.82 9.37 -1.25
N ASN C 212 -2.27 10.57 -1.17
CA ASN C 212 -2.49 11.46 -0.04
C ASN C 212 -3.57 12.48 -0.41
N TYR C 213 -4.84 12.05 -0.35
CA TYR C 213 -5.93 12.93 -0.70
C TYR C 213 -6.31 13.89 0.42
N GLU C 214 -5.87 13.62 1.65
CA GLU C 214 -6.14 14.55 2.75
C GLU C 214 -5.50 15.92 2.50
N THR C 215 -4.23 15.93 2.10
CA THR C 215 -3.55 17.19 1.79
C THR C 215 -4.21 17.90 0.61
N LEU C 216 -4.57 17.14 -0.43
CA LEU C 216 -5.22 17.72 -1.59
C LEU C 216 -6.53 18.41 -1.20
N LEU C 217 -7.33 17.77 -0.35
CA LEU C 217 -8.58 18.37 0.08
C LEU C 217 -8.33 19.56 1.02
N ARG C 218 -7.27 19.51 1.82
CA ARG C 218 -6.95 20.65 2.67
C ARG C 218 -6.61 21.89 1.86
N THR C 219 -5.96 21.72 0.70
CA THR C 219 -5.64 22.90 -0.11
C THR C 219 -6.90 23.63 -0.62
N LEU C 220 -8.03 22.93 -0.73
CA LEU C 220 -9.26 23.56 -1.21
C LEU C 220 -9.77 24.62 -0.22
N GLY C 221 -9.64 24.36 1.07
CA GLY C 221 -10.07 25.31 2.08
C GLY C 221 -11.53 25.27 2.45
N TYR C 222 -12.23 24.19 2.13
CA TYR C 222 -13.66 24.09 2.45
C TYR C 222 -13.85 23.68 3.91
N ALA C 223 -15.10 23.75 4.35
CA ALA C 223 -15.48 23.35 5.71
C ALA C 223 -16.93 22.90 5.69
N THR C 224 -17.18 21.68 6.15
CA THR C 224 -18.54 21.15 6.19
C THR C 224 -18.59 20.02 7.21
N GLU C 225 -19.77 19.86 7.82
CA GLU C 225 -19.97 18.80 8.80
C GLU C 225 -20.16 17.43 8.17
N ASP C 226 -20.53 17.37 6.89
CA ASP C 226 -20.73 16.11 6.18
C ASP C 226 -19.51 15.69 5.38
N PHE C 227 -18.31 16.09 5.79
CA PHE C 227 -17.12 15.85 4.99
C PHE C 227 -16.80 14.36 4.87
N ASP C 228 -16.75 13.64 6.00
CA ASP C 228 -16.44 12.22 5.97
C ASP C 228 -17.51 11.43 5.23
N ASP C 229 -18.78 11.80 5.42
CA ASP C 229 -19.86 11.13 4.71
C ASP C 229 -19.76 11.35 3.21
N LEU C 230 -19.40 12.57 2.79
CA LEU C 230 -19.18 12.82 1.37
C LEU C 230 -18.03 11.98 0.84
N LEU C 231 -16.93 11.88 1.59
CA LEU C 231 -15.78 11.11 1.14
C LEU C 231 -16.13 9.64 0.97
N GLU C 232 -16.71 9.03 2.00
CA GLU C 232 -16.92 7.58 1.99
C GLU C 232 -18.08 7.14 1.11
N SER C 233 -18.93 8.06 0.68
CA SER C 233 -19.98 7.74 -0.29
C SER C 233 -19.52 7.91 -1.72
N ASP C 234 -18.23 8.19 -1.94
CA ASP C 234 -17.66 8.38 -3.28
C ASP C 234 -18.39 9.49 -4.04
N SER C 235 -18.64 10.60 -3.35
CA SER C 235 -19.35 11.73 -3.94
C SER C 235 -18.44 12.90 -4.31
N ILE C 236 -17.18 12.88 -3.92
CA ILE C 236 -16.23 13.91 -4.30
C ILE C 236 -15.41 13.37 -5.47
N THR C 237 -15.58 13.97 -6.64
CA THR C 237 -14.98 13.47 -7.87
C THR C 237 -14.11 14.54 -8.53
N GLY C 238 -13.38 14.12 -9.56
CA GLY C 238 -12.52 15.03 -10.30
C GLY C 238 -12.43 14.63 -11.75
N GLN C 239 -12.05 15.61 -12.57
CA GLN C 239 -11.96 15.45 -14.02
C GLN C 239 -10.64 16.03 -14.53
N ILE C 240 -9.98 15.29 -15.41
CA ILE C 240 -8.75 15.76 -16.03
C ILE C 240 -9.09 16.74 -17.14
N ILE C 241 -8.50 17.94 -17.07
CA ILE C 241 -8.82 19.01 -18.01
C ILE C 241 -7.68 19.30 -18.99
N TYR C 242 -6.43 19.09 -18.59
CA TYR C 242 -5.29 19.43 -19.43
C TYR C 242 -4.10 18.58 -19.06
N VAL C 243 -3.34 18.16 -20.08
CA VAL C 243 -2.15 17.34 -19.94
C VAL C 243 -1.01 18.02 -20.69
N ASP C 244 0.12 18.25 -20.01
CA ASP C 244 1.30 18.82 -20.64
C ASP C 244 2.32 17.72 -20.85
N LEU C 245 2.69 17.48 -22.10
CA LEU C 245 3.61 16.39 -22.45
C LEU C 245 5.06 16.84 -22.51
N SER C 246 5.36 18.11 -22.22
CA SER C 246 6.73 18.60 -22.17
C SER C 246 7.18 18.93 -20.76
N SER C 247 6.28 19.46 -19.92
CA SER C 247 6.57 19.71 -18.51
C SER C 247 6.05 18.61 -17.59
N TYR C 248 5.21 17.71 -18.11
CA TYR C 248 4.72 16.54 -17.38
C TYR C 248 3.93 16.94 -16.13
N TYR C 249 2.84 17.67 -16.36
CA TYR C 249 1.87 17.95 -15.30
C TYR C 249 0.46 17.86 -15.88
N ILE C 250 -0.50 17.73 -14.97
CA ILE C 250 -1.91 17.71 -15.35
C ILE C 250 -2.67 18.74 -14.53
N ILE C 251 -3.80 19.19 -15.07
CA ILE C 251 -4.74 20.06 -14.37
C ILE C 251 -6.01 19.27 -14.12
N VAL C 252 -6.49 19.30 -12.87
CA VAL C 252 -7.64 18.52 -12.43
C VAL C 252 -8.66 19.47 -11.82
N ARG C 253 -9.92 19.34 -12.22
CA ARG C 253 -11.02 20.09 -11.63
C ARG C 253 -11.79 19.20 -10.67
N VAL C 254 -11.92 19.64 -9.43
CA VAL C 254 -12.56 18.88 -8.35
C VAL C 254 -13.97 19.42 -8.14
N TYR C 255 -14.92 18.50 -8.01
CA TYR C 255 -16.33 18.79 -7.78
C TYR C 255 -16.69 18.43 -6.34
N PHE C 256 -17.18 19.42 -5.59
CA PHE C 256 -17.47 19.30 -4.17
C PHE C 256 -18.95 19.56 -3.94
N PRO C 257 -19.78 18.52 -3.83
CA PRO C 257 -21.23 18.73 -3.70
C PRO C 257 -21.73 18.82 -2.27
N ILE C 258 -23.03 19.05 -2.12
CA ILE C 258 -23.71 18.95 -0.83
C ILE C 258 -24.60 17.71 -0.86
N LEU C 259 -25.12 17.34 0.30
CA LEU C 259 -26.05 16.22 0.43
C LEU C 259 -27.45 16.74 0.69
N THR C 260 -28.41 16.34 -0.15
CA THR C 260 -29.79 16.75 0.01
C THR C 260 -30.65 15.54 0.36
N GLU C 261 -31.56 15.75 1.32
CA GLU C 261 -32.44 14.69 1.79
C GLU C 261 -33.71 14.66 0.94
N ILE C 262 -34.07 13.45 0.48
CA ILE C 262 -35.33 13.28 -0.22
C ILE C 262 -36.46 13.32 0.80
N GLN C 263 -37.46 14.16 0.54
CA GLN C 263 -38.37 14.59 1.60
C GLN C 263 -39.26 13.46 2.11
N GLN C 264 -40.04 12.86 1.22
CA GLN C 264 -41.05 11.88 1.62
C GLN C 264 -40.56 10.45 1.44
N ALA C 265 -39.29 10.19 1.71
CA ALA C 265 -38.70 8.88 1.47
C ALA C 265 -38.02 8.37 2.74
N TYR C 266 -38.00 7.05 2.89
CA TYR C 266 -37.22 6.44 3.97
C TYR C 266 -36.86 5.02 3.58
N ILE C 267 -35.90 4.46 4.33
CA ILE C 267 -35.39 3.11 4.10
C ILE C 267 -35.55 2.32 5.39
N GLN C 268 -36.22 1.17 5.29
CA GLN C 268 -36.52 0.34 6.44
C GLN C 268 -35.70 -0.95 6.38
N GLU C 269 -35.08 -1.31 7.51
CA GLU C 269 -34.27 -2.50 7.63
C GLU C 269 -35.04 -3.60 8.37
N LEU C 270 -34.86 -4.84 7.93
CA LEU C 270 -35.46 -6.01 8.57
C LEU C 270 -34.36 -6.93 9.09
N LEU C 271 -34.52 -7.40 10.33
CA LEU C 271 -33.55 -8.29 10.96
C LEU C 271 -34.05 -9.72 10.87
N PRO C 272 -33.32 -10.64 10.24
CA PRO C 272 -33.80 -12.01 10.08
C PRO C 272 -33.52 -12.90 11.27
N VAL C 273 -34.50 -13.72 11.60
CA VAL C 273 -34.44 -14.67 12.72
C VAL C 273 -35.06 -15.99 12.27
N SER C 274 -34.43 -17.10 12.64
CA SER C 274 -34.96 -18.41 12.28
C SER C 274 -36.21 -18.73 13.07
N PHE C 275 -37.10 -19.53 12.46
CA PHE C 275 -38.36 -19.90 13.08
C PHE C 275 -38.63 -21.39 12.85
N ASN C 276 -39.58 -21.91 13.60
CA ASN C 276 -39.86 -23.34 13.65
C ASN C 276 -41.10 -23.69 12.83
N ASN C 277 -41.00 -24.76 12.05
CA ASN C 277 -42.15 -25.30 11.33
C ASN C 277 -41.87 -26.75 10.97
N ASP C 278 -42.74 -27.67 11.38
CA ASP C 278 -42.66 -29.08 11.02
C ASP C 278 -41.32 -29.71 11.42
N ASN C 279 -40.95 -29.49 12.69
CA ASN C 279 -39.73 -30.07 13.27
C ASN C 279 -38.48 -29.72 12.46
N SER C 280 -38.42 -28.47 11.98
CA SER C 280 -37.24 -28.02 11.24
C SER C 280 -37.14 -26.51 11.38
N GLU C 281 -35.95 -25.99 11.05
CA GLU C 281 -35.62 -24.58 11.20
C GLU C 281 -35.56 -23.92 9.83
N TRP C 282 -36.14 -22.72 9.73
CA TRP C 282 -36.33 -22.04 8.46
C TRP C 282 -35.93 -20.57 8.56
N ILE C 283 -35.66 -19.97 7.41
CA ILE C 283 -35.36 -18.56 7.30
C ILE C 283 -36.08 -17.99 6.07
N SER C 284 -36.70 -16.82 6.23
CA SER C 284 -37.44 -16.20 5.14
C SER C 284 -36.48 -15.53 4.14
N ILE C 285 -36.80 -15.68 2.86
CA ILE C 285 -36.00 -15.11 1.78
C ILE C 285 -36.72 -13.84 1.32
N VAL C 286 -36.38 -12.71 1.95
CA VAL C 286 -37.01 -11.42 1.70
C VAL C 286 -35.90 -10.37 1.75
N PRO C 287 -35.95 -9.32 0.92
CA PRO C 287 -34.91 -8.28 1.00
C PRO C 287 -34.91 -7.61 2.36
N ASN C 288 -33.70 -7.33 2.87
CA ASN C 288 -33.54 -6.77 4.20
C ASN C 288 -33.62 -5.25 4.25
N PHE C 289 -33.52 -4.57 3.10
CA PHE C 289 -33.66 -3.12 3.03
C PHE C 289 -34.73 -2.78 2.01
N ILE C 290 -35.72 -1.99 2.41
CA ILE C 290 -36.85 -1.63 1.57
C ILE C 290 -36.93 -0.10 1.50
N LEU C 291 -37.07 0.43 0.27
CA LEU C 291 -37.18 1.87 0.06
C LEU C 291 -38.65 2.23 -0.14
N VAL C 292 -39.12 3.21 0.63
CA VAL C 292 -40.47 3.72 0.52
C VAL C 292 -40.39 5.19 0.11
N ARG C 293 -40.94 5.52 -1.05
CA ARG C 293 -40.96 6.89 -1.57
C ARG C 293 -42.38 7.22 -1.99
N ASN C 294 -42.97 8.24 -1.34
CA ASN C 294 -44.33 8.69 -1.64
C ASN C 294 -45.31 7.53 -1.59
N THR C 295 -45.18 6.71 -0.54
CA THR C 295 -46.01 5.52 -0.32
C THR C 295 -45.88 4.51 -1.46
N LEU C 296 -44.71 4.46 -2.10
CA LEU C 296 -44.42 3.46 -3.12
C LEU C 296 -43.22 2.63 -2.68
N ILE C 297 -43.34 1.31 -2.80
CA ILE C 297 -42.37 0.36 -2.27
C ILE C 297 -41.45 -0.09 -3.41
N SER C 298 -40.14 -0.11 -3.16
CA SER C 298 -39.20 -0.62 -4.13
C SER C 298 -37.98 -1.20 -3.43
N ASN C 299 -37.20 -1.95 -4.20
CA ASN C 299 -35.88 -2.41 -3.79
C ASN C 299 -34.86 -1.29 -3.92
N ILE C 300 -33.67 -1.52 -3.39
CA ILE C 300 -32.58 -0.56 -3.50
C ILE C 300 -31.27 -1.33 -3.55
N GLU C 301 -30.37 -0.91 -4.44
CA GLU C 301 -29.05 -1.53 -4.60
C GLU C 301 -28.10 -0.92 -3.56
N ILE C 302 -28.34 -1.27 -2.30
CA ILE C 302 -27.69 -0.60 -1.18
C ILE C 302 -26.21 -0.91 -1.07
N GLY C 303 -25.72 -1.91 -1.81
CA GLY C 303 -24.30 -2.21 -1.80
C GLY C 303 -23.43 -1.09 -2.34
N PHE C 304 -24.01 -0.19 -3.14
CA PHE C 304 -23.28 0.96 -3.69
C PHE C 304 -23.38 2.20 -2.81
N CYS C 305 -24.13 2.14 -1.71
CA CYS C 305 -24.36 3.30 -0.85
C CYS C 305 -23.58 3.16 0.44
N LEU C 306 -23.63 4.21 1.25
CA LEU C 306 -23.03 4.24 2.58
C LEU C 306 -24.13 4.23 3.63
N ILE C 307 -24.05 3.27 4.55
CA ILE C 307 -25.05 3.11 5.60
C ILE C 307 -24.49 3.68 6.90
N THR C 308 -25.13 4.72 7.41
CA THR C 308 -24.79 5.29 8.71
C THR C 308 -25.90 4.98 9.71
N LYS C 309 -25.75 5.50 10.93
CA LYS C 309 -26.76 5.26 11.96
C LYS C 309 -28.09 5.91 11.62
N ARG C 310 -28.07 7.12 11.04
CA ARG C 310 -29.28 7.89 10.85
C ARG C 310 -29.76 7.98 9.40
N SER C 311 -28.93 7.62 8.43
CA SER C 311 -29.33 7.82 7.03
C SER C 311 -28.52 6.91 6.12
N VAL C 312 -29.01 6.78 4.89
CA VAL C 312 -28.31 6.10 3.80
C VAL C 312 -27.91 7.15 2.78
N ILE C 313 -26.63 7.18 2.42
CA ILE C 313 -26.06 8.24 1.60
C ILE C 313 -25.52 7.62 0.31
N CYS C 314 -25.98 8.13 -0.83
CA CYS C 314 -25.61 7.60 -2.14
C CYS C 314 -25.24 8.74 -3.09
N ASN C 315 -24.39 8.43 -4.07
CA ASN C 315 -24.03 9.40 -5.09
C ASN C 315 -25.01 9.45 -6.25
N GLN C 316 -26.03 8.59 -6.24
CA GLN C 316 -27.10 8.63 -7.25
C GLN C 316 -28.26 7.81 -6.72
N ASP C 317 -29.39 7.89 -7.42
CA ASP C 317 -30.59 7.15 -7.07
C ASP C 317 -30.44 5.69 -7.48
N TYR C 318 -30.42 4.79 -6.50
CA TYR C 318 -30.20 3.37 -6.74
C TYR C 318 -31.46 2.52 -6.58
N ALA C 319 -32.63 3.11 -6.81
CA ALA C 319 -33.88 2.36 -6.68
C ALA C 319 -34.05 1.37 -7.83
N THR C 320 -34.64 0.21 -7.51
CA THR C 320 -34.89 -0.85 -8.47
C THR C 320 -36.29 -1.41 -8.26
N PRO C 321 -36.91 -1.96 -9.31
CA PRO C 321 -38.31 -2.41 -9.19
C PRO C 321 -38.44 -3.70 -8.39
N MET C 322 -39.68 -3.97 -7.97
CA MET C 322 -40.02 -5.13 -7.16
C MET C 322 -41.26 -5.82 -7.74
N THR C 323 -41.28 -7.14 -7.65
CA THR C 323 -42.40 -7.92 -8.18
C THR C 323 -43.66 -7.70 -7.35
N ASN C 324 -44.81 -7.94 -7.99
N ASN C 324 -44.81 -7.95 -7.99
CA ASN C 324 -46.09 -7.78 -7.31
CA ASN C 324 -46.09 -7.79 -7.31
C ASN C 324 -46.26 -8.78 -6.17
C ASN C 324 -46.26 -8.78 -6.17
N ASN C 325 -45.79 -10.02 -6.36
CA ASN C 325 -45.91 -11.02 -5.30
C ASN C 325 -45.11 -10.64 -4.07
N MET C 326 -43.88 -10.14 -4.26
CA MET C 326 -43.08 -9.72 -3.12
C MET C 326 -43.71 -8.53 -2.40
N ARG C 327 -44.26 -7.57 -3.16
CA ARG C 327 -44.94 -6.44 -2.55
C ARG C 327 -46.17 -6.90 -1.76
N GLU C 328 -46.88 -7.90 -2.27
CA GLU C 328 -48.00 -8.48 -1.52
C GLU C 328 -47.52 -9.16 -0.25
N CYS C 329 -46.37 -9.86 -0.33
CA CYS C 329 -45.80 -10.48 0.86
C CYS C 329 -45.49 -9.44 1.93
N LEU C 330 -44.89 -8.32 1.53
CA LEU C 330 -44.53 -7.27 2.50
C LEU C 330 -45.74 -6.61 3.13
N THR C 331 -46.89 -6.61 2.46
CA THR C 331 -48.08 -5.94 2.97
C THR C 331 -49.00 -6.87 3.77
N GLY C 332 -48.60 -8.12 4.00
CA GLY C 332 -49.36 -8.96 4.89
C GLY C 332 -49.73 -10.35 4.38
N SER C 333 -49.54 -10.60 3.08
CA SER C 333 -49.85 -11.91 2.50
C SER C 333 -48.64 -12.82 2.67
N THR C 334 -48.55 -13.44 3.85
CA THR C 334 -47.37 -14.23 4.21
C THR C 334 -47.29 -15.57 3.50
N GLU C 335 -48.37 -16.03 2.87
CA GLU C 335 -48.28 -17.28 2.11
C GLU C 335 -47.46 -17.13 0.83
N LYS C 336 -47.13 -15.90 0.43
CA LYS C 336 -46.33 -15.65 -0.75
C LYS C 336 -44.87 -15.34 -0.42
N CYS C 337 -44.48 -15.38 0.84
CA CYS C 337 -43.09 -15.12 1.23
C CYS C 337 -42.32 -16.43 1.22
N PRO C 338 -41.28 -16.57 0.38
CA PRO C 338 -40.54 -17.83 0.33
C PRO C 338 -39.68 -18.03 1.57
N ARG C 339 -39.26 -19.29 1.76
CA ARG C 339 -38.45 -19.67 2.91
C ARG C 339 -37.43 -20.73 2.47
N GLU C 340 -36.37 -20.86 3.26
CA GLU C 340 -35.27 -21.77 2.99
C GLU C 340 -34.86 -22.49 4.26
N LEU C 341 -34.50 -23.77 4.12
CA LEU C 341 -34.11 -24.60 5.25
C LEU C 341 -32.77 -24.16 5.82
N VAL C 342 -32.62 -24.34 7.14
CA VAL C 342 -31.42 -23.95 7.87
C VAL C 342 -30.67 -25.22 8.24
N VAL C 343 -29.40 -25.31 7.83
CA VAL C 343 -28.57 -26.47 8.12
C VAL C 343 -27.25 -26.05 8.76
N SER C 344 -27.21 -24.83 9.30
CA SER C 344 -26.01 -24.30 9.94
C SER C 344 -26.35 -23.76 11.32
N SER C 345 -25.33 -23.74 12.18
CA SER C 345 -25.48 -23.28 13.56
C SER C 345 -25.25 -21.78 13.72
N HIS C 346 -24.87 -21.08 12.66
CA HIS C 346 -24.52 -19.66 12.75
C HIS C 346 -25.71 -18.73 12.53
N VAL C 347 -26.85 -19.25 12.12
CA VAL C 347 -28.02 -18.39 11.83
C VAL C 347 -28.53 -17.79 13.14
N PRO C 348 -28.90 -16.51 13.15
CA PRO C 348 -29.41 -15.90 14.39
C PRO C 348 -30.70 -16.55 14.87
N ARG C 349 -30.86 -16.59 16.20
CA ARG C 349 -32.00 -17.24 16.83
C ARG C 349 -32.91 -16.30 17.61
N PHE C 350 -32.50 -15.05 17.85
CA PHE C 350 -33.38 -14.09 18.52
C PHE C 350 -32.94 -12.68 18.18
N ALA C 351 -33.84 -11.73 18.46
CA ALA C 351 -33.58 -10.32 18.21
C ALA C 351 -34.41 -9.46 19.15
N LEU C 352 -33.99 -8.20 19.29
CA LEU C 352 -34.64 -7.24 20.17
C LEU C 352 -35.13 -6.04 19.36
N SER C 353 -36.40 -5.68 19.54
CA SER C 353 -37.00 -4.57 18.80
C SER C 353 -37.90 -3.78 19.73
N ASN C 354 -37.58 -2.48 19.90
CA ASN C 354 -38.34 -1.58 20.75
C ASN C 354 -38.55 -2.15 22.15
N GLY C 355 -37.49 -2.75 22.69
CA GLY C 355 -37.53 -3.32 24.03
C GLY C 355 -38.24 -4.65 24.15
N VAL C 356 -38.61 -5.28 23.04
CA VAL C 356 -39.37 -6.54 23.06
C VAL C 356 -38.53 -7.61 22.39
N LEU C 357 -38.54 -8.83 22.94
CA LEU C 357 -37.71 -9.92 22.44
C LEU C 357 -38.53 -10.80 21.51
N PHE C 358 -37.94 -11.16 20.37
CA PHE C 358 -38.51 -12.16 19.47
C PHE C 358 -37.52 -13.30 19.37
N ALA C 359 -37.92 -14.48 19.86
CA ALA C 359 -36.97 -15.57 20.02
C ALA C 359 -37.59 -16.90 19.61
N ASN C 360 -36.76 -17.74 18.98
CA ASN C 360 -37.12 -19.12 18.66
C ASN C 360 -36.67 -19.98 19.84
N CYS C 361 -37.56 -20.17 20.80
CA CYS C 361 -37.20 -20.84 22.05
C CYS C 361 -37.24 -22.36 21.94
N ILE C 362 -37.59 -22.91 20.78
CA ILE C 362 -37.36 -24.32 20.53
C ILE C 362 -35.88 -24.58 20.26
N SER C 363 -35.20 -23.66 19.57
CA SER C 363 -33.80 -23.82 19.22
C SER C 363 -32.84 -23.34 20.31
N VAL C 364 -33.23 -22.36 21.12
CA VAL C 364 -32.40 -21.88 22.20
C VAL C 364 -33.19 -21.94 23.50
N THR C 365 -32.46 -22.03 24.61
CA THR C 365 -33.09 -22.14 25.92
C THR C 365 -33.48 -20.75 26.43
N CYS C 366 -34.75 -20.59 26.80
CA CYS C 366 -35.29 -19.34 27.28
C CYS C 366 -35.78 -19.53 28.71
N GLN C 367 -35.37 -18.64 29.62
CA GLN C 367 -35.72 -18.75 31.02
C GLN C 367 -36.23 -17.42 31.54
N CYS C 368 -37.13 -17.48 32.53
CA CYS C 368 -37.65 -16.29 33.19
C CYS C 368 -36.87 -16.05 34.47
N GLN C 369 -36.08 -14.98 34.49
CA GLN C 369 -35.25 -14.69 35.67
C GLN C 369 -36.10 -14.31 36.87
N THR C 370 -37.24 -13.67 36.63
CA THR C 370 -38.07 -13.20 37.74
C THR C 370 -38.60 -14.35 38.58
N THR C 371 -39.05 -15.43 37.93
CA THR C 371 -39.65 -16.56 38.62
C THR C 371 -38.77 -17.81 38.64
N GLY C 372 -37.83 -17.93 37.71
CA GLY C 372 -37.02 -19.12 37.59
C GLY C 372 -37.59 -20.19 36.69
N ARG C 373 -38.84 -20.05 36.25
CA ARG C 373 -39.47 -21.05 35.43
C ARG C 373 -39.08 -20.90 33.96
N ALA C 374 -39.06 -22.02 33.26
CA ALA C 374 -38.69 -22.03 31.85
C ALA C 374 -39.81 -21.44 30.98
N ILE C 375 -39.42 -20.98 29.80
CA ILE C 375 -40.35 -20.47 28.80
C ILE C 375 -40.43 -21.50 27.68
N SER C 376 -41.62 -22.02 27.42
CA SER C 376 -41.81 -23.14 26.51
C SER C 376 -42.55 -22.71 25.26
N GLN C 377 -42.19 -23.29 24.13
CA GLN C 377 -42.79 -23.01 22.84
C GLN C 377 -43.32 -24.32 22.25
N SER C 378 -44.56 -24.29 21.77
CA SER C 378 -45.18 -25.47 21.21
C SER C 378 -44.80 -25.64 19.74
N GLY C 379 -45.10 -26.83 19.20
CA GLY C 379 -44.75 -27.11 17.83
C GLY C 379 -45.54 -26.30 16.83
N GLU C 380 -46.70 -25.78 17.24
CA GLU C 380 -47.54 -25.00 16.35
C GLU C 380 -47.10 -23.54 16.26
N GLN C 381 -46.13 -23.13 17.08
CA GLN C 381 -45.68 -21.74 17.11
C GLN C 381 -44.37 -21.58 16.36
N THR C 382 -44.31 -20.55 15.50
CA THR C 382 -43.09 -20.28 14.74
C THR C 382 -42.00 -19.68 15.64
N LEU C 383 -42.37 -18.70 16.46
CA LEU C 383 -41.47 -18.11 17.44
C LEU C 383 -42.31 -17.40 18.50
N LEU C 384 -41.63 -16.93 19.55
CA LEU C 384 -42.28 -16.34 20.70
C LEU C 384 -41.93 -14.86 20.83
N MET C 385 -42.95 -14.07 21.16
CA MET C 385 -42.77 -12.68 21.57
C MET C 385 -42.73 -12.63 23.10
N ILE C 386 -41.71 -11.98 23.65
CA ILE C 386 -41.49 -11.90 25.09
C ILE C 386 -41.42 -10.43 25.47
N ASP C 387 -42.34 -9.99 26.30
CA ASP C 387 -42.36 -8.65 26.89
C ASP C 387 -42.56 -8.79 28.41
N ASN C 388 -42.74 -7.65 29.08
CA ASN C 388 -42.78 -7.71 30.54
C ASN C 388 -44.16 -7.99 31.10
N THR C 389 -45.17 -8.20 30.25
CA THR C 389 -46.46 -8.67 30.75
C THR C 389 -46.35 -10.09 31.28
N THR C 390 -45.43 -10.88 30.73
CA THR C 390 -45.23 -12.26 31.15
C THR C 390 -43.83 -12.54 31.69
N CYS C 391 -42.84 -11.73 31.35
CA CYS C 391 -41.45 -11.99 31.73
C CYS C 391 -40.72 -10.67 31.87
N PRO C 392 -40.67 -10.10 33.08
CA PRO C 392 -39.95 -8.83 33.26
C PRO C 392 -38.46 -8.90 32.92
N THR C 393 -37.81 -10.03 33.21
CA THR C 393 -36.39 -10.19 32.94
C THR C 393 -36.16 -11.59 32.37
N ALA C 394 -35.52 -11.66 31.21
CA ALA C 394 -35.34 -12.91 30.49
C ALA C 394 -33.88 -13.31 30.44
N VAL C 395 -33.64 -14.62 30.41
CA VAL C 395 -32.30 -15.20 30.38
C VAL C 395 -32.21 -16.10 29.15
N LEU C 396 -31.18 -15.86 28.33
CA LEU C 396 -30.88 -16.66 27.14
C LEU C 396 -29.38 -16.92 27.17
N GLY C 397 -28.98 -18.14 27.51
CA GLY C 397 -27.57 -18.44 27.63
C GLY C 397 -26.94 -17.61 28.72
N ASN C 398 -25.91 -16.84 28.36
CA ASN C 398 -25.23 -15.94 29.28
C ASN C 398 -25.77 -14.51 29.19
N VAL C 399 -26.94 -14.31 28.60
CA VAL C 399 -27.50 -12.98 28.37
C VAL C 399 -28.72 -12.80 29.26
N ILE C 400 -28.73 -11.72 30.03
CA ILE C 400 -29.85 -11.36 30.90
C ILE C 400 -30.33 -9.98 30.48
N ILE C 401 -31.63 -9.87 30.16
CA ILE C 401 -32.18 -8.63 29.60
C ILE C 401 -33.46 -8.26 30.33
N SER C 402 -33.59 -6.98 30.68
CA SER C 402 -34.85 -6.42 31.18
C SER C 402 -35.64 -5.84 30.02
N LEU C 403 -36.94 -6.14 29.99
CA LEU C 403 -37.76 -5.93 28.81
C LEU C 403 -38.84 -4.88 29.04
N GLY C 404 -39.39 -4.39 27.92
CA GLY C 404 -40.47 -3.43 27.92
C GLY C 404 -41.80 -4.07 27.59
N LYS C 405 -42.73 -3.25 27.07
CA LYS C 405 -44.09 -3.67 26.79
C LYS C 405 -44.36 -3.61 25.30
N TYR C 406 -45.02 -4.66 24.79
CA TYR C 406 -45.33 -4.74 23.36
C TYR C 406 -46.56 -3.89 23.04
N LEU C 407 -46.45 -3.10 21.97
CA LEU C 407 -47.50 -2.17 21.59
C LEU C 407 -48.52 -2.74 20.61
N GLY C 408 -48.34 -3.99 20.19
CA GLY C 408 -49.23 -4.62 19.23
C GLY C 408 -50.38 -5.36 19.89
N SER C 409 -50.83 -6.42 19.23
CA SER C 409 -51.95 -7.21 19.73
C SER C 409 -51.59 -7.94 21.02
N VAL C 410 -52.55 -7.98 21.95
CA VAL C 410 -52.35 -8.69 23.22
C VAL C 410 -52.47 -10.20 23.07
N ASN C 411 -52.92 -10.69 21.91
CA ASN C 411 -53.07 -12.11 21.66
C ASN C 411 -52.05 -12.63 20.64
N TYR C 412 -50.86 -12.05 20.64
CA TYR C 412 -49.85 -12.35 19.64
C TYR C 412 -49.52 -13.84 19.62
N ASN C 413 -49.28 -14.43 20.80
CA ASN C 413 -48.75 -15.78 20.90
C ASN C 413 -49.81 -16.85 20.68
N SER C 414 -51.07 -16.49 20.50
CA SER C 414 -52.12 -17.49 20.30
C SER C 414 -52.82 -17.40 18.95
N GLU C 415 -52.37 -16.52 18.04
CA GLU C 415 -53.10 -16.33 16.79
C GLU C 415 -52.73 -17.38 15.74
N GLY C 416 -51.47 -17.40 15.32
CA GLY C 416 -51.05 -18.29 14.25
C GLY C 416 -51.04 -17.58 12.90
N ILE C 417 -50.21 -18.11 11.99
CA ILE C 417 -49.96 -17.49 10.70
C ILE C 417 -49.90 -18.57 9.62
N ALA C 418 -50.01 -18.14 8.36
CA ALA C 418 -49.89 -19.01 7.20
C ALA C 418 -48.48 -18.91 6.62
N ILE C 419 -47.96 -20.05 6.17
CA ILE C 419 -46.55 -20.20 5.80
C ILE C 419 -46.43 -20.36 4.30
N GLY C 420 -45.42 -19.70 3.72
CA GLY C 420 -45.15 -19.77 2.31
C GLY C 420 -44.39 -21.01 1.89
N PRO C 421 -44.02 -21.09 0.62
CA PRO C 421 -43.39 -22.31 0.08
C PRO C 421 -41.88 -22.28 0.22
N PRO C 422 -41.25 -23.44 0.38
CA PRO C 422 -39.79 -23.48 0.46
C PRO C 422 -39.12 -23.23 -0.89
N VAL C 423 -37.90 -22.70 -0.83
CA VAL C 423 -37.09 -22.42 -2.02
C VAL C 423 -35.62 -22.74 -1.70
N PHE C 424 -34.82 -22.85 -2.76
CA PHE C 424 -33.39 -23.07 -2.65
C PHE C 424 -32.65 -22.01 -3.46
N THR C 425 -31.67 -21.36 -2.85
CA THR C 425 -31.05 -20.16 -3.42
C THR C 425 -29.64 -20.38 -3.97
N ASP C 426 -29.09 -21.60 -3.88
CA ASP C 426 -27.77 -21.86 -4.42
C ASP C 426 -27.76 -21.71 -5.93
N LYS C 427 -26.62 -21.25 -6.47
CA LYS C 427 -26.55 -20.88 -7.88
C LYS C 427 -26.76 -22.09 -8.79
N VAL C 428 -26.12 -23.22 -8.47
CA VAL C 428 -26.32 -24.43 -9.25
C VAL C 428 -27.74 -24.96 -9.07
N ASP C 429 -28.27 -24.85 -7.85
CA ASP C 429 -29.64 -25.29 -7.59
C ASP C 429 -30.66 -24.49 -8.40
N ILE C 430 -30.33 -23.24 -8.74
CA ILE C 430 -31.25 -22.44 -9.57
C ILE C 430 -31.40 -23.09 -10.95
N SER C 431 -30.28 -23.45 -11.58
CA SER C 431 -30.36 -24.10 -12.88
C SER C 431 -31.03 -25.46 -12.78
N SER C 432 -30.73 -26.20 -11.70
CA SER C 432 -31.38 -27.50 -11.51
C SER C 432 -32.90 -27.34 -11.42
N GLN C 433 -33.37 -26.36 -10.64
CA GLN C 433 -34.81 -26.14 -10.50
C GLN C 433 -35.44 -25.70 -11.81
N ILE C 434 -34.75 -24.82 -12.56
CA ILE C 434 -35.30 -24.38 -13.85
C ILE C 434 -35.44 -25.56 -14.79
N SER C 435 -34.42 -26.42 -14.86
N SER C 435 -34.43 -26.42 -14.88
CA SER C 435 -34.49 -27.57 -15.76
CA SER C 435 -34.51 -27.57 -15.78
C SER C 435 -35.59 -28.54 -15.35
C SER C 435 -35.60 -28.54 -15.35
N SER C 436 -35.73 -28.80 -14.04
CA SER C 436 -36.77 -29.70 -13.58
C SER C 436 -38.17 -29.15 -13.86
N MET C 437 -38.36 -27.85 -13.65
CA MET C 437 -39.65 -27.23 -13.96
C MET C 437 -39.95 -27.33 -15.45
N ASN C 438 -38.95 -27.10 -16.30
CA ASN C 438 -39.17 -27.21 -17.74
C ASN C 438 -39.54 -28.63 -18.14
N GLN C 439 -38.89 -29.62 -17.52
CA GLN C 439 -39.23 -31.02 -17.83
C GLN C 439 -40.67 -31.34 -17.41
N SER C 440 -41.08 -30.86 -16.22
CA SER C 440 -42.46 -31.07 -15.79
C SER C 440 -43.44 -30.41 -16.75
N LEU C 441 -43.12 -29.20 -17.21
CA LEU C 441 -43.98 -28.51 -18.16
C LEU C 441 -44.08 -29.27 -19.48
N GLN C 442 -42.96 -29.82 -19.94
CA GLN C 442 -42.98 -30.60 -21.18
C GLN C 442 -43.84 -31.85 -21.01
N GLN C 443 -43.74 -32.52 -19.86
CA GLN C 443 -44.57 -33.70 -19.61
C GLN C 443 -46.06 -33.32 -19.64
N SER C 444 -46.42 -32.24 -18.96
CA SER C 444 -47.81 -31.81 -18.95
C SER C 444 -48.29 -31.43 -20.35
N LYS C 445 -47.43 -30.78 -21.14
CA LYS C 445 -47.79 -30.39 -22.49
C LYS C 445 -48.02 -31.62 -23.37
N ASP C 446 -47.14 -32.63 -23.28
CA ASP C 446 -47.30 -33.80 -24.13
C ASP C 446 -48.44 -34.70 -23.67
N TYR C 447 -48.86 -34.57 -22.40
CA TYR C 447 -50.03 -35.34 -21.96
C TYR C 447 -51.28 -34.91 -22.70
N ILE C 448 -51.39 -33.63 -23.07
CA ILE C 448 -52.56 -33.14 -23.77
C ILE C 448 -52.63 -33.68 -25.19
N LYS C 449 -51.48 -33.74 -25.87
CA LYS C 449 -51.46 -34.19 -27.26
C LYS C 449 -51.93 -35.64 -27.38
N GLU C 450 -51.50 -36.51 -26.47
CA GLU C 450 -51.92 -37.89 -26.47
C GLU C 450 -53.34 -38.03 -25.96
N ILE D 1 -21.05 -43.12 -0.52
CA ILE D 1 -22.29 -42.34 -0.48
C ILE D 1 -22.48 -41.66 -1.84
N LEU D 2 -21.41 -41.10 -2.39
CA LEU D 2 -21.42 -40.61 -3.76
C LEU D 2 -21.08 -41.76 -4.73
N HIS D 3 -21.70 -41.73 -5.90
CA HIS D 3 -21.48 -42.76 -6.91
C HIS D 3 -20.39 -42.28 -7.86
N TYR D 4 -19.13 -42.50 -7.46
CA TYR D 4 -18.01 -41.92 -8.18
C TYR D 4 -17.89 -42.49 -9.60
N GLU D 5 -18.16 -43.79 -9.76
CA GLU D 5 -18.01 -44.40 -11.09
C GLU D 5 -18.96 -43.78 -12.10
N LYS D 6 -20.24 -43.65 -11.74
CA LYS D 6 -21.20 -43.01 -12.65
C LYS D 6 -20.86 -41.53 -12.86
N LEU D 7 -20.42 -40.85 -11.81
CA LEU D 7 -20.10 -39.43 -11.94
C LEU D 7 -18.93 -39.19 -12.89
N SER D 8 -17.93 -40.08 -12.87
CA SER D 8 -16.78 -39.90 -13.74
C SER D 8 -17.15 -39.96 -15.22
N LYS D 9 -18.24 -40.63 -15.56
CA LYS D 9 -18.66 -40.76 -16.96
C LYS D 9 -19.30 -39.49 -17.50
N ILE D 10 -19.68 -38.55 -16.65
CA ILE D 10 -20.18 -37.26 -17.13
C ILE D 10 -19.16 -36.18 -16.78
N GLY D 11 -17.89 -36.57 -16.66
CA GLY D 11 -16.81 -35.62 -16.54
C GLY D 11 -16.54 -35.09 -15.14
N LEU D 12 -17.04 -35.73 -14.10
CA LEU D 12 -16.81 -35.31 -12.72
C LEU D 12 -15.86 -36.33 -12.07
N VAL D 13 -14.57 -36.05 -12.14
CA VAL D 13 -13.53 -36.97 -11.69
C VAL D 13 -13.26 -36.74 -10.22
N LYS D 14 -13.09 -37.82 -9.47
CA LYS D 14 -12.89 -37.71 -8.03
C LYS D 14 -11.57 -37.03 -7.70
N GLY D 15 -11.63 -36.02 -6.84
CA GLY D 15 -10.46 -35.28 -6.44
C GLY D 15 -9.98 -35.59 -5.02
N VAL D 16 -9.33 -34.63 -4.39
CA VAL D 16 -8.78 -34.80 -3.05
C VAL D 16 -9.91 -34.73 -2.02
N THR D 17 -9.79 -35.56 -0.98
CA THR D 17 -10.68 -35.51 0.18
C THR D 17 -10.00 -34.74 1.31
N ARG D 18 -10.74 -33.84 1.95
CA ARG D 18 -10.18 -32.94 2.95
C ARG D 18 -10.99 -32.98 4.24
N LYS D 19 -10.33 -32.62 5.34
CA LYS D 19 -10.98 -32.50 6.64
C LYS D 19 -11.66 -31.14 6.79
N TYR D 20 -12.50 -31.03 7.82
CA TYR D 20 -13.29 -29.85 8.11
C TYR D 20 -12.93 -29.34 9.50
N LYS D 21 -12.49 -28.09 9.59
CA LYS D 21 -12.04 -27.51 10.86
C LYS D 21 -12.67 -26.13 11.07
N ILE D 22 -13.02 -25.83 12.31
CA ILE D 22 -13.66 -24.57 12.69
C ILE D 22 -13.00 -24.03 13.96
N LYS D 23 -12.93 -22.70 14.06
CA LYS D 23 -12.31 -22.07 15.21
C LYS D 23 -13.18 -22.21 16.46
N SER D 24 -12.53 -22.25 17.63
CA SER D 24 -13.24 -22.36 18.90
C SER D 24 -12.30 -21.98 20.04
N ASN D 25 -12.91 -21.73 21.22
CA ASN D 25 -12.24 -21.54 22.51
C ASN D 25 -11.12 -20.51 22.47
N PRO D 26 -11.44 -19.23 22.36
CA PRO D 26 -10.38 -18.21 22.25
C PRO D 26 -9.82 -17.77 23.60
N LEU D 27 -8.53 -17.44 23.58
CA LEU D 27 -7.90 -16.72 24.68
C LEU D 27 -7.91 -15.22 24.38
N THR D 28 -7.85 -14.41 25.43
CA THR D 28 -7.99 -12.96 25.28
C THR D 28 -6.78 -12.24 25.86
N LYS D 29 -6.36 -11.17 25.18
CA LYS D 29 -5.27 -10.34 25.69
C LYS D 29 -5.44 -8.90 25.21
N ASP D 30 -5.13 -7.94 26.10
CA ASP D 30 -5.38 -6.53 25.83
C ASP D 30 -4.09 -5.81 25.46
N ILE D 31 -4.21 -4.82 24.56
CA ILE D 31 -3.07 -4.03 24.10
C ILE D 31 -3.53 -2.59 23.86
N VAL D 32 -2.57 -1.66 23.90
CA VAL D 32 -2.82 -0.24 23.74
C VAL D 32 -2.20 0.23 22.43
N ILE D 33 -2.95 0.99 21.63
CA ILE D 33 -2.45 1.59 20.41
C ILE D 33 -2.60 3.11 20.53
N LYS D 34 -1.46 3.81 20.55
CA LYS D 34 -1.44 5.27 20.63
C LYS D 34 -1.33 5.83 19.22
N MET D 35 -2.27 6.70 18.86
CA MET D 35 -2.41 7.16 17.48
C MET D 35 -1.84 8.55 17.25
N ILE D 36 -1.01 9.05 18.16
CA ILE D 36 -0.30 10.32 17.97
C ILE D 36 1.14 10.15 18.42
N PRO D 37 2.12 10.54 17.60
CA PRO D 37 3.52 10.34 17.97
C PRO D 37 4.01 11.39 18.97
N ASN D 38 5.12 11.07 19.61
CA ASN D 38 5.78 11.95 20.58
C ASN D 38 6.81 12.79 19.84
N VAL D 39 6.59 14.10 19.81
CA VAL D 39 7.45 15.00 19.05
C VAL D 39 8.30 15.87 19.98
N SER D 40 8.53 15.43 21.22
CA SER D 40 9.24 16.25 22.19
C SER D 40 10.70 16.50 21.83
N ASN D 41 11.29 15.67 20.98
CA ASN D 41 12.68 15.86 20.57
C ASN D 41 12.83 16.73 19.33
N MET D 42 11.72 17.21 18.75
CA MET D 42 11.77 18.14 17.63
C MET D 42 10.80 19.29 17.82
N SER D 43 10.57 19.67 19.09
CA SER D 43 9.46 20.55 19.45
C SER D 43 9.60 21.94 18.81
N GLN D 44 10.82 22.35 18.48
CA GLN D 44 10.98 23.68 17.88
C GLN D 44 10.52 23.74 16.43
N CYS D 45 10.28 22.61 15.77
CA CYS D 45 9.88 22.60 14.36
C CYS D 45 8.51 21.99 14.14
N THR D 46 7.56 22.24 15.05
CA THR D 46 6.23 21.64 14.94
C THR D 46 5.17 22.62 14.43
N GLY D 47 5.37 23.92 14.58
CA GLY D 47 4.38 24.87 14.08
C GLY D 47 3.03 24.66 14.74
N SER D 48 1.99 24.52 13.92
CA SER D 48 0.65 24.20 14.40
C SER D 48 0.16 22.88 13.82
N VAL D 49 1.09 21.99 13.48
CA VAL D 49 0.74 20.72 12.85
C VAL D 49 -0.09 19.86 13.80
N MET D 50 0.35 19.74 15.05
CA MET D 50 -0.31 18.83 15.98
C MET D 50 -1.72 19.27 16.31
N GLU D 51 -1.97 20.59 16.36
CA GLU D 51 -3.32 21.08 16.65
C GLU D 51 -4.31 20.67 15.56
N ASN D 52 -3.94 20.90 14.29
CA ASN D 52 -4.80 20.50 13.18
C ASN D 52 -4.99 18.99 13.15
N TYR D 53 -3.90 18.24 13.37
CA TYR D 53 -4.01 16.79 13.38
C TYR D 53 -4.97 16.31 14.47
N LYS D 54 -4.86 16.90 15.67
CA LYS D 54 -5.74 16.52 16.77
C LYS D 54 -7.18 16.84 16.46
N THR D 55 -7.46 17.99 15.84
CA THR D 55 -8.83 18.31 15.48
C THR D 55 -9.41 17.26 14.53
N ARG D 56 -8.66 16.91 13.47
CA ARG D 56 -9.15 15.91 12.53
C ARG D 56 -9.34 14.55 13.20
N LEU D 57 -8.38 14.13 14.02
CA LEU D 57 -8.44 12.82 14.66
C LEU D 57 -9.59 12.76 15.67
N ASN D 58 -9.84 13.84 16.40
CA ASN D 58 -10.98 13.88 17.31
C ASN D 58 -12.28 13.75 16.56
N GLY D 59 -12.39 14.42 15.40
CA GLY D 59 -13.56 14.24 14.56
C GLY D 59 -13.75 12.79 14.15
N ILE D 60 -12.65 12.09 13.88
CA ILE D 60 -12.76 10.68 13.50
C ILE D 60 -13.18 9.81 14.69
N LEU D 61 -12.63 10.08 15.87
CA LEU D 61 -12.77 9.18 17.01
C LEU D 61 -14.05 9.38 17.83
N THR D 62 -14.67 10.56 17.78
CA THR D 62 -15.85 10.80 18.60
C THR D 62 -17.00 9.81 18.37
N PRO D 63 -17.41 9.50 17.13
CA PRO D 63 -18.55 8.57 16.96
C PRO D 63 -18.32 7.18 17.54
N ILE D 64 -17.08 6.69 17.51
CA ILE D 64 -16.80 5.36 18.06
C ILE D 64 -17.07 5.34 19.56
N LYS D 65 -16.57 6.35 20.28
CA LYS D 65 -16.84 6.44 21.70
C LYS D 65 -18.33 6.59 21.96
N GLY D 66 -19.02 7.40 21.14
CA GLY D 66 -20.46 7.52 21.28
C GLY D 66 -21.19 6.19 21.16
N ALA D 67 -20.77 5.37 20.19
CA ALA D 67 -21.41 4.07 20.02
C ALA D 67 -21.11 3.12 21.17
N LEU D 68 -19.89 3.19 21.73
CA LEU D 68 -19.57 2.33 22.87
C LEU D 68 -20.36 2.74 24.11
N GLU D 69 -20.58 4.05 24.28
CA GLU D 69 -21.28 4.53 25.48
C GLU D 69 -22.69 3.97 25.60
N ILE D 70 -23.33 3.66 24.47
CA ILE D 70 -24.70 3.15 24.50
C ILE D 70 -24.77 1.87 25.32
N TYR D 71 -23.82 0.96 25.13
CA TYR D 71 -23.79 -0.25 25.93
C TYR D 71 -23.12 -0.03 27.28
N LYS D 72 -22.12 0.85 27.38
CA LYS D 72 -21.44 1.04 28.65
C LYS D 72 -22.35 1.64 29.71
N ASN D 73 -23.19 2.62 29.34
CA ASN D 73 -24.06 3.28 30.30
C ASN D 73 -25.28 2.47 30.69
N ASN D 74 -25.59 1.38 29.97
CA ASN D 74 -26.84 0.64 30.17
C ASN D 74 -26.59 -0.82 30.55
N THR D 75 -25.49 -1.11 31.25
CA THR D 75 -25.17 -2.45 31.67
C THR D 75 -24.68 -2.41 33.11
N HIS D 76 -25.22 -3.30 33.96
CA HIS D 76 -24.89 -3.30 35.38
C HIS D 76 -24.84 -4.73 35.90
N ASP D 77 -24.15 -4.90 37.03
CA ASP D 77 -24.08 -6.20 37.68
C ASP D 77 -25.43 -6.60 38.28
N LEU D 78 -25.68 -7.90 38.34
CA LEU D 78 -26.91 -8.41 38.91
C LEU D 78 -26.75 -8.75 40.39
N GLY D 86 -23.74 -13.08 35.05
CA GLY D 86 -24.32 -12.33 36.14
C GLY D 86 -24.41 -10.84 35.87
N VAL D 87 -24.66 -10.49 34.61
CA VAL D 87 -24.77 -9.11 34.19
C VAL D 87 -26.07 -8.93 33.42
N ILE D 88 -26.71 -7.77 33.61
CA ILE D 88 -28.04 -7.49 33.05
C ILE D 88 -27.96 -6.24 32.19
N MET D 89 -28.64 -6.27 31.04
CA MET D 89 -28.74 -5.15 30.13
C MET D 89 -30.15 -4.58 30.16
N ALA D 90 -30.26 -3.26 30.01
CA ALA D 90 -31.55 -2.57 29.98
C ALA D 90 -32.05 -2.58 28.54
N GLY D 91 -32.97 -3.50 28.24
CA GLY D 91 -33.47 -3.64 26.88
C GLY D 91 -34.22 -2.42 26.38
N VAL D 92 -34.95 -1.75 27.27
CA VAL D 92 -35.70 -0.56 26.87
C VAL D 92 -34.75 0.53 26.38
N ALA D 93 -33.67 0.77 27.11
CA ALA D 93 -32.71 1.80 26.72
C ALA D 93 -31.99 1.45 25.42
N ILE D 94 -31.61 0.18 25.25
CA ILE D 94 -30.93 -0.24 24.03
C ILE D 94 -31.87 -0.10 22.82
N GLY D 95 -33.11 -0.59 22.96
CA GLY D 95 -34.11 -0.42 21.93
C GLY D 95 -34.11 -1.47 20.85
N ILE D 96 -33.14 -1.43 19.94
CA ILE D 96 -33.06 -2.33 18.80
C ILE D 96 -31.65 -2.88 18.70
N ALA D 97 -31.53 -4.21 18.60
CA ALA D 97 -30.21 -4.84 18.54
C ALA D 97 -30.34 -6.28 18.06
N THR D 98 -29.33 -6.73 17.32
CA THR D 98 -29.20 -8.14 16.99
C THR D 98 -28.60 -8.92 18.17
N ALA D 99 -28.71 -10.25 18.10
CA ALA D 99 -28.17 -11.10 19.15
C ALA D 99 -26.65 -10.95 19.26
N ALA D 100 -25.97 -10.90 18.11
CA ALA D 100 -24.52 -10.77 18.11
C ALA D 100 -24.07 -9.49 18.80
N GLN D 101 -24.79 -8.39 18.56
CA GLN D 101 -24.45 -7.12 19.19
C GLN D 101 -24.60 -7.21 20.72
N ILE D 102 -25.65 -7.87 21.19
CA ILE D 102 -25.87 -8.00 22.63
C ILE D 102 -24.75 -8.86 23.26
N THR D 103 -24.39 -9.96 22.59
CA THR D 103 -23.29 -10.79 23.09
C THR D 103 -21.98 -10.01 23.15
N ALA D 104 -21.69 -9.24 22.10
CA ALA D 104 -20.49 -8.40 22.11
C ALA D 104 -20.54 -7.36 23.22
N GLY D 105 -21.73 -6.84 23.53
CA GLY D 105 -21.83 -5.91 24.65
C GLY D 105 -21.51 -6.57 25.98
N VAL D 106 -21.95 -7.82 26.16
CA VAL D 106 -21.57 -8.58 27.35
C VAL D 106 -20.06 -8.71 27.44
N ALA D 107 -19.42 -9.04 26.31
CA ALA D 107 -17.97 -9.15 26.29
C ALA D 107 -17.29 -7.82 26.65
N LEU D 108 -17.83 -6.71 26.15
CA LEU D 108 -17.28 -5.39 26.46
C LEU D 108 -17.36 -5.10 27.97
N TYR D 109 -18.51 -5.41 28.57
CA TYR D 109 -18.64 -5.21 30.01
C TYR D 109 -17.64 -6.06 30.77
N GLU D 110 -17.39 -7.28 30.30
CA GLU D 110 -16.38 -8.11 30.95
C GLU D 110 -14.99 -7.48 30.84
N ALA D 111 -14.66 -6.88 29.70
CA ALA D 111 -13.33 -6.31 29.52
C ALA D 111 -13.10 -5.01 30.30
N MET D 112 -14.18 -4.33 30.71
CA MET D 112 -14.04 -3.02 31.34
C MET D 112 -13.12 -3.01 32.57
N LYS D 113 -13.04 -4.12 33.31
CA LYS D 113 -12.23 -4.12 34.54
C LYS D 113 -10.74 -4.00 34.23
N ASN D 114 -10.24 -4.83 33.31
CA ASN D 114 -8.86 -4.68 32.87
C ASN D 114 -8.65 -3.35 32.16
N ALA D 115 -9.70 -2.82 31.52
CA ALA D 115 -9.58 -1.49 30.94
C ALA D 115 -9.28 -0.44 32.00
N ASP D 116 -9.97 -0.50 33.14
CA ASP D 116 -9.72 0.43 34.23
C ASP D 116 -8.29 0.28 34.75
N ASN D 117 -7.86 -0.98 34.94
CA ASN D 117 -6.49 -1.23 35.38
C ASN D 117 -5.47 -0.61 34.43
N ILE D 118 -5.68 -0.76 33.12
CA ILE D 118 -4.76 -0.19 32.14
C ILE D 118 -4.79 1.34 32.21
N ASN D 119 -5.99 1.92 32.31
CA ASN D 119 -6.13 3.36 32.32
C ASN D 119 -5.51 4.00 33.56
N LYS D 120 -5.19 3.19 34.58
CA LYS D 120 -4.36 3.73 35.66
C LYS D 120 -2.96 4.15 35.21
N LEU D 121 -2.53 3.77 34.00
CA LEU D 121 -1.20 4.06 33.49
C LEU D 121 -1.18 5.21 32.47
N LYS D 122 -2.11 6.17 32.59
CA LYS D 122 -2.30 7.15 31.53
C LYS D 122 -1.06 8.02 31.32
N SER D 123 -0.46 8.52 32.41
CA SER D 123 0.70 9.40 32.28
C SER D 123 1.89 8.68 31.66
N SER D 124 2.10 7.41 32.05
CA SER D 124 3.17 6.62 31.45
C SER D 124 2.90 6.37 29.96
N ILE D 125 1.63 6.12 29.61
CA ILE D 125 1.29 5.90 28.20
C ILE D 125 1.59 7.14 27.38
N GLU D 126 1.24 8.32 27.90
CA GLU D 126 1.45 9.55 27.14
C GLU D 126 2.92 9.83 26.87
N SER D 127 3.82 9.37 27.74
CA SER D 127 5.22 9.75 27.66
C SER D 127 6.11 8.76 26.90
N THR D 128 5.55 7.70 26.32
CA THR D 128 6.37 6.77 25.55
C THR D 128 6.97 7.47 24.34
N ASN D 129 8.20 7.09 24.00
N ASN D 129 8.21 7.12 24.00
CA ASN D 129 8.96 7.74 22.92
CA ASN D 129 8.91 7.75 22.88
C ASN D 129 9.57 6.73 21.96
C ASN D 129 9.57 6.73 21.96
N GLU D 130 9.07 5.49 21.94
CA GLU D 130 9.56 4.45 21.05
C GLU D 130 8.37 3.74 20.44
N ALA D 131 8.61 3.09 19.30
CA ALA D 131 7.52 2.46 18.55
C ALA D 131 6.86 1.35 19.35
N VAL D 132 7.65 0.53 20.07
CA VAL D 132 7.13 -0.57 20.88
C VAL D 132 7.71 -0.44 22.28
N VAL D 133 6.83 -0.40 23.29
CA VAL D 133 7.25 -0.28 24.69
C VAL D 133 6.43 -1.24 25.54
N LYS D 134 7.06 -1.87 26.52
CA LYS D 134 6.36 -2.71 27.49
C LYS D 134 6.36 -2.01 28.84
N LEU D 135 5.19 -1.57 29.30
CA LEU D 135 5.04 -0.97 30.61
C LEU D 135 4.74 -2.07 31.62
N GLN D 136 5.54 -2.14 32.68
CA GLN D 136 5.42 -3.20 33.69
C GLN D 136 5.63 -2.56 35.07
N GLU D 137 4.54 -2.09 35.68
CA GLU D 137 4.62 -1.49 37.01
C GLU D 137 4.29 -2.49 38.11
N THR D 138 3.16 -3.18 37.98
CA THR D 138 2.76 -4.25 38.90
C THR D 138 2.29 -5.44 38.07
N ALA D 139 1.95 -6.52 38.78
CA ALA D 139 1.45 -7.71 38.09
C ALA D 139 0.14 -7.43 37.37
N GLU D 140 -0.68 -6.52 37.88
CA GLU D 140 -1.92 -6.17 37.22
C GLU D 140 -1.78 -4.99 36.26
N LYS D 141 -0.82 -4.09 36.51
CA LYS D 141 -0.60 -2.94 35.65
C LYS D 141 0.58 -3.23 34.72
N THR D 142 0.30 -4.00 33.68
CA THR D 142 1.30 -4.39 32.69
C THR D 142 0.64 -4.46 31.32
N VAL D 143 1.23 -3.78 30.33
CA VAL D 143 0.64 -3.72 29.00
C VAL D 143 1.69 -3.24 27.99
N TYR D 144 1.52 -3.63 26.73
CA TYR D 144 2.34 -3.14 25.63
C TYR D 144 1.70 -1.92 24.97
N VAL D 145 2.54 -0.97 24.57
CA VAL D 145 2.11 0.23 23.87
C VAL D 145 2.80 0.30 22.51
N LEU D 146 1.99 0.45 21.46
CA LEU D 146 2.45 0.61 20.08
C LEU D 146 2.07 2.00 19.59
N THR D 147 3.04 2.74 19.09
CA THR D 147 2.84 4.13 18.70
C THR D 147 3.05 4.31 17.20
N ALA D 148 2.04 4.82 16.52
CA ALA D 148 2.12 5.04 15.08
C ALA D 148 3.09 6.18 14.75
N LEU D 149 3.86 6.00 13.67
CA LEU D 149 4.79 6.96 13.09
C LEU D 149 5.98 7.30 13.97
N GLN D 150 6.14 6.68 15.14
CA GLN D 150 7.27 7.02 16.01
C GLN D 150 8.59 6.61 15.37
N ASP D 151 8.61 5.47 14.68
CA ASP D 151 9.83 5.02 14.01
C ASP D 151 10.28 6.01 12.94
N TYR D 152 9.34 6.53 12.15
CA TYR D 152 9.69 7.49 11.12
C TYR D 152 10.28 8.76 11.72
N ILE D 153 9.71 9.24 12.83
CA ILE D 153 10.22 10.45 13.49
C ILE D 153 11.61 10.19 14.05
N ASN D 154 11.80 9.06 14.74
CA ASN D 154 13.06 8.79 15.41
C ASN D 154 14.19 8.51 14.42
N THR D 155 13.89 7.87 13.29
CA THR D 155 14.91 7.44 12.35
C THR D 155 15.22 8.48 11.26
N ASN D 156 14.23 9.25 10.82
CA ASN D 156 14.39 10.15 9.68
C ASN D 156 14.42 11.62 10.06
N LEU D 157 13.44 12.10 10.83
CA LEU D 157 13.31 13.54 11.03
C LEU D 157 14.29 14.07 12.08
N VAL D 158 14.36 13.41 13.25
CA VAL D 158 15.26 13.87 14.30
C VAL D 158 16.72 13.90 13.85
N PRO D 159 17.26 12.86 13.21
CA PRO D 159 18.67 12.92 12.79
C PRO D 159 19.00 14.00 11.76
N THR D 160 18.01 14.51 11.04
CA THR D 160 18.27 15.51 10.00
C THR D 160 18.00 16.94 10.46
N ILE D 161 17.79 17.16 11.76
CA ILE D 161 17.58 18.51 12.27
C ILE D 161 18.81 19.36 11.97
N ASP D 162 18.57 20.55 11.40
CA ASP D 162 19.58 21.54 11.04
C ASP D 162 20.40 21.14 9.80
N LYS D 163 20.21 19.92 9.31
CA LYS D 163 20.67 19.58 7.96
C LYS D 163 19.70 20.05 6.90
N ILE D 164 18.42 20.18 7.26
CA ILE D 164 17.42 20.83 6.43
C ILE D 164 16.79 21.94 7.29
N SER D 165 16.05 22.82 6.63
CA SER D 165 15.44 23.93 7.35
C SER D 165 14.28 23.43 8.22
N CYS D 166 13.95 24.23 9.24
CA CYS D 166 12.83 23.93 10.12
C CYS D 166 11.51 23.86 9.35
N LYS D 167 11.36 24.71 8.34
CA LYS D 167 10.18 24.69 7.49
C LYS D 167 10.04 23.36 6.76
N GLN D 168 11.14 22.83 6.23
CA GLN D 168 11.11 21.54 5.55
C GLN D 168 10.75 20.41 6.50
N THR D 169 11.31 20.42 7.71
CA THR D 169 10.97 19.40 8.71
C THR D 169 9.48 19.45 9.04
N GLU D 170 8.95 20.66 9.25
CA GLU D 170 7.52 20.78 9.54
C GLU D 170 6.66 20.23 8.41
N LEU D 171 7.01 20.57 7.16
CA LEU D 171 6.23 20.07 6.03
C LEU D 171 6.29 18.54 5.93
N SER D 172 7.47 17.96 6.16
CA SER D 172 7.59 16.50 6.12
C SER D 172 6.71 15.84 7.18
N LEU D 173 6.72 16.38 8.40
CA LEU D 173 5.88 15.82 9.46
C LEU D 173 4.41 15.90 9.09
N ASP D 174 3.98 17.05 8.57
CA ASP D 174 2.57 17.22 8.21
C ASP D 174 2.17 16.23 7.11
N LEU D 175 3.01 16.05 6.10
CA LEU D 175 2.68 15.13 5.02
C LEU D 175 2.59 13.69 5.52
N ALA D 176 3.50 13.29 6.40
CA ALA D 176 3.44 11.94 6.96
C ALA D 176 2.14 11.72 7.72
N LEU D 177 1.76 12.69 8.55
CA LEU D 177 0.51 12.56 9.31
C LEU D 177 -0.71 12.48 8.38
N SER D 178 -0.72 13.31 7.33
CA SER D 178 -1.84 13.31 6.40
C SER D 178 -1.95 11.97 5.67
N LYS D 179 -0.82 11.39 5.26
CA LYS D 179 -0.85 10.08 4.62
C LYS D 179 -1.38 9.01 5.58
N TYR D 180 -0.95 9.07 6.85
CA TYR D 180 -1.45 8.11 7.84
C TYR D 180 -2.97 8.21 7.97
N LEU D 181 -3.51 9.44 8.03
CA LEU D 181 -4.96 9.60 8.12
C LEU D 181 -5.67 9.09 6.86
N SER D 182 -5.10 9.36 5.69
CA SER D 182 -5.68 8.88 4.44
C SER D 182 -5.80 7.36 4.45
N ASP D 183 -4.77 6.68 4.94
CA ASP D 183 -4.85 5.22 5.03
C ASP D 183 -5.83 4.76 6.11
N LEU D 184 -5.91 5.49 7.23
CA LEU D 184 -6.73 5.05 8.35
C LEU D 184 -8.22 5.14 8.07
N LEU D 185 -8.63 6.13 7.27
CA LEU D 185 -10.07 6.44 7.14
C LEU D 185 -10.88 5.25 6.62
N PHE D 186 -10.29 4.40 5.77
CA PHE D 186 -11.05 3.30 5.20
C PHE D 186 -11.53 2.33 6.28
N VAL D 187 -10.68 2.04 7.26
CA VAL D 187 -11.06 1.10 8.32
C VAL D 187 -11.81 1.78 9.44
N PHE D 188 -11.37 2.95 9.90
CA PHE D 188 -11.94 3.55 11.10
C PHE D 188 -12.91 4.69 10.81
N GLY D 189 -13.31 4.89 9.56
CA GLY D 189 -14.20 5.98 9.21
C GLY D 189 -15.67 5.60 9.36
N PRO D 190 -16.53 6.29 8.62
CA PRO D 190 -17.98 6.01 8.72
C PRO D 190 -18.37 4.59 8.33
N ASN D 191 -17.49 3.85 7.63
CA ASN D 191 -17.78 2.45 7.36
C ASN D 191 -17.90 1.63 8.65
N LEU D 192 -17.31 2.10 9.74
CA LEU D 192 -17.39 1.41 11.04
C LEU D 192 -18.63 1.91 11.77
N GLN D 193 -19.79 1.40 11.33
CA GLN D 193 -21.05 1.78 11.96
C GLN D 193 -21.27 1.04 13.28
N ASP D 194 -20.71 -0.16 13.43
CA ASP D 194 -20.99 -1.04 14.57
C ASP D 194 -19.69 -1.46 15.23
N PRO D 195 -19.11 -0.60 16.07
CA PRO D 195 -17.90 -0.99 16.81
C PRO D 195 -18.16 -1.99 17.93
N VAL D 196 -19.41 -2.22 18.32
CA VAL D 196 -19.72 -3.22 19.36
C VAL D 196 -19.87 -4.54 18.65
N SER D 197 -18.74 -5.19 18.40
CA SER D 197 -18.67 -6.48 17.74
C SER D 197 -17.26 -7.04 17.94
N ASN D 198 -17.09 -8.31 17.63
CA ASN D 198 -15.79 -8.97 17.73
C ASN D 198 -15.48 -9.75 16.46
N SER D 199 -15.92 -9.23 15.31
CA SER D 199 -15.71 -9.89 14.03
C SER D 199 -14.65 -9.22 13.17
N MET D 200 -14.12 -8.07 13.59
CA MET D 200 -13.09 -7.38 12.81
C MET D 200 -11.76 -8.10 12.96
N THR D 201 -11.11 -8.37 11.83
CA THR D 201 -9.86 -9.14 11.84
C THR D 201 -8.71 -8.29 12.40
N ILE D 202 -7.70 -8.99 12.90
CA ILE D 202 -6.53 -8.30 13.45
C ILE D 202 -5.77 -7.55 12.35
N GLN D 203 -5.81 -8.06 11.11
CA GLN D 203 -5.15 -7.37 10.01
C GLN D 203 -5.78 -5.99 9.78
N ALA D 204 -7.10 -5.90 9.82
CA ALA D 204 -7.77 -4.61 9.65
C ALA D 204 -7.46 -3.68 10.81
N ILE D 205 -7.46 -4.19 12.04
CA ILE D 205 -7.15 -3.37 13.22
C ILE D 205 -5.74 -2.84 13.16
N SER D 206 -4.80 -3.61 12.60
CA SER D 206 -3.40 -3.19 12.54
C SER D 206 -3.18 -1.96 11.66
N GLN D 207 -4.17 -1.54 10.88
CA GLN D 207 -4.03 -0.30 10.11
C GLN D 207 -3.77 0.90 11.02
N ALA D 208 -4.25 0.85 12.27
CA ALA D 208 -3.93 1.89 13.23
C ALA D 208 -2.44 1.91 13.60
N PHE D 209 -1.71 0.85 13.28
CA PHE D 209 -0.27 0.74 13.48
C PHE D 209 0.44 0.53 12.13
N GLY D 210 -0.08 1.17 11.08
CA GLY D 210 0.55 1.10 9.79
C GLY D 210 0.42 -0.21 9.04
N GLY D 211 -0.45 -1.11 9.48
CA GLY D 211 -0.61 -2.39 8.82
C GLY D 211 0.40 -3.46 9.19
N ASN D 212 1.16 -3.27 10.26
CA ASN D 212 2.20 -4.21 10.68
C ASN D 212 1.64 -5.09 11.79
N TYR D 213 0.85 -6.10 11.39
CA TYR D 213 0.25 -6.99 12.39
C TYR D 213 1.22 -8.06 12.89
N GLU D 214 2.33 -8.29 12.18
CA GLU D 214 3.31 -9.26 12.64
C GLU D 214 3.91 -8.86 14.00
N THR D 215 4.30 -7.59 14.13
CA THR D 215 4.83 -7.10 15.40
C THR D 215 3.78 -7.16 16.51
N LEU D 216 2.54 -6.78 16.19
CA LEU D 216 1.47 -6.80 17.17
C LEU D 216 1.26 -8.22 17.70
N LEU D 217 1.25 -9.21 16.80
CA LEU D 217 1.08 -10.59 17.25
C LEU D 217 2.31 -11.09 18.00
N ARG D 218 3.51 -10.63 17.64
CA ARG D 218 4.70 -11.03 18.37
C ARG D 218 4.65 -10.55 19.83
N THR D 219 4.06 -9.37 20.07
CA THR D 219 3.96 -8.91 21.46
C THR D 219 3.13 -9.83 22.34
N LEU D 220 2.22 -10.61 21.75
CA LEU D 220 1.38 -11.51 22.55
C LEU D 220 2.21 -12.63 23.18
N GLY D 221 3.20 -13.14 22.47
CA GLY D 221 4.05 -14.20 22.98
C GLY D 221 3.53 -15.61 22.82
N TYR D 222 2.49 -15.82 22.01
CA TYR D 222 1.93 -17.15 21.83
C TYR D 222 2.82 -17.99 20.91
N ALA D 223 2.50 -19.28 20.83
CA ALA D 223 3.21 -20.21 19.96
C ALA D 223 2.28 -21.34 19.58
N THR D 224 2.11 -21.56 18.28
CA THR D 224 1.23 -22.61 17.80
C THR D 224 1.63 -22.99 16.38
N GLU D 225 1.39 -24.25 16.02
CA GLU D 225 1.71 -24.72 14.68
C GLU D 225 0.68 -24.28 13.65
N ASP D 226 -0.53 -23.93 14.06
CA ASP D 226 -1.58 -23.49 13.15
C ASP D 226 -1.66 -21.97 13.01
N PHE D 227 -0.55 -21.27 13.23
CA PHE D 227 -0.58 -19.81 13.27
C PHE D 227 -0.98 -19.21 11.93
N ASP D 228 -0.31 -19.62 10.85
CA ASP D 228 -0.63 -19.06 9.54
C ASP D 228 -2.03 -19.45 9.09
N ASP D 229 -2.47 -20.67 9.40
CA ASP D 229 -3.82 -21.08 9.05
C ASP D 229 -4.85 -20.26 9.82
N LEU D 230 -4.59 -19.97 11.10
CA LEU D 230 -5.49 -19.09 11.85
C LEU D 230 -5.53 -17.69 11.23
N LEU D 231 -4.38 -17.16 10.83
CA LEU D 231 -4.33 -15.82 10.25
C LEU D 231 -5.11 -15.75 8.95
N GLU D 232 -4.82 -16.65 8.01
CA GLU D 232 -5.38 -16.54 6.67
C GLU D 232 -6.84 -16.96 6.59
N SER D 233 -7.36 -17.65 7.59
CA SER D 233 -8.78 -17.97 7.66
C SER D 233 -9.60 -16.87 8.33
N ASP D 234 -8.96 -15.75 8.66
CA ASP D 234 -9.62 -14.61 9.31
C ASP D 234 -10.26 -15.03 10.63
N SER D 235 -9.51 -15.80 11.42
CA SER D 235 -9.99 -16.31 12.70
C SER D 235 -9.43 -15.57 13.90
N ILE D 236 -8.42 -14.72 13.73
CA ILE D 236 -7.89 -13.90 14.81
C ILE D 236 -8.53 -12.53 14.70
N THR D 237 -9.33 -12.17 15.71
CA THR D 237 -10.12 -10.94 15.68
C THR D 237 -9.80 -10.06 16.88
N GLY D 238 -10.37 -8.85 16.88
CA GLY D 238 -10.17 -7.91 17.97
C GLY D 238 -11.35 -6.99 18.14
N GLN D 239 -11.48 -6.44 19.35
CA GLN D 239 -12.59 -5.58 19.71
C GLN D 239 -12.08 -4.33 20.43
N ILE D 240 -12.61 -3.17 20.06
CA ILE D 240 -12.26 -1.92 20.71
C ILE D 240 -13.01 -1.81 22.03
N ILE D 241 -12.27 -1.59 23.11
CA ILE D 241 -12.84 -1.56 24.44
C ILE D 241 -12.87 -0.16 25.06
N TYR D 242 -11.94 0.72 24.69
CA TYR D 242 -11.85 2.04 25.29
C TYR D 242 -11.17 3.01 24.32
N VAL D 243 -11.68 4.24 24.28
CA VAL D 243 -11.16 5.31 23.44
C VAL D 243 -10.90 6.52 24.33
N ASP D 244 -9.70 7.09 24.24
CA ASP D 244 -9.35 8.30 24.99
C ASP D 244 -9.30 9.48 24.03
N LEU D 245 -10.14 10.48 24.25
CA LEU D 245 -10.25 11.63 23.37
C LEU D 245 -9.35 12.79 23.76
N SER D 246 -8.58 12.65 24.85
CA SER D 246 -7.62 13.67 25.24
C SER D 246 -6.17 13.24 25.06
N SER D 247 -5.87 11.95 25.22
CA SER D 247 -4.55 11.42 24.94
C SER D 247 -4.46 10.72 23.60
N TYR D 248 -5.59 10.45 22.95
CA TYR D 248 -5.66 9.85 21.62
C TYR D 248 -4.99 8.47 21.57
N TYR D 249 -5.57 7.55 22.33
CA TYR D 249 -5.19 6.15 22.25
C TYR D 249 -6.42 5.27 22.42
N ILE D 250 -6.30 4.02 21.98
CA ILE D 250 -7.37 3.04 22.10
C ILE D 250 -6.83 1.79 22.78
N ILE D 251 -7.73 1.06 23.43
CA ILE D 251 -7.44 -0.24 24.01
C ILE D 251 -8.18 -1.30 23.22
N VAL D 252 -7.47 -2.35 22.80
CA VAL D 252 -8.00 -3.39 21.94
C VAL D 252 -7.81 -4.75 22.61
N ARG D 253 -8.86 -5.55 22.66
CA ARG D 253 -8.79 -6.91 23.16
C ARG D 253 -8.73 -7.87 21.98
N VAL D 254 -7.70 -8.72 21.96
CA VAL D 254 -7.47 -9.67 20.88
C VAL D 254 -7.91 -11.06 21.32
N TYR D 255 -8.62 -11.75 20.43
CA TYR D 255 -9.11 -13.10 20.65
C TYR D 255 -8.30 -14.07 19.79
N PHE D 256 -7.68 -15.05 20.43
CA PHE D 256 -6.78 -16.02 19.78
C PHE D 256 -7.33 -17.41 19.98
N PRO D 257 -8.02 -17.99 18.99
CA PRO D 257 -8.66 -19.30 19.19
C PRO D 257 -7.80 -20.47 18.77
N ILE D 258 -8.33 -21.68 18.96
CA ILE D 258 -7.75 -22.91 18.42
C ILE D 258 -8.66 -23.42 17.30
N LEU D 259 -8.13 -24.37 16.53
CA LEU D 259 -8.89 -25.01 15.46
C LEU D 259 -9.30 -26.41 15.88
N THR D 260 -10.59 -26.71 15.80
CA THR D 260 -11.10 -28.03 16.15
C THR D 260 -11.69 -28.70 14.91
N GLU D 261 -11.41 -29.99 14.78
CA GLU D 261 -11.86 -30.78 13.64
C GLU D 261 -13.22 -31.39 13.94
N ILE D 262 -14.16 -31.22 13.00
CA ILE D 262 -15.45 -31.90 13.10
C ILE D 262 -15.25 -33.37 12.79
N GLN D 263 -15.73 -34.24 13.70
CA GLN D 263 -15.27 -35.62 13.72
C GLN D 263 -15.74 -36.41 12.52
N GLN D 264 -17.05 -36.43 12.26
CA GLN D 264 -17.63 -37.30 11.24
C GLN D 264 -17.96 -36.53 9.97
N ALA D 265 -17.10 -35.59 9.57
CA ALA D 265 -17.37 -34.72 8.43
C ALA D 265 -16.18 -34.70 7.48
N TYR D 266 -16.47 -34.52 6.20
CA TYR D 266 -15.41 -34.32 5.22
C TYR D 266 -15.96 -33.54 4.03
N ILE D 267 -15.03 -33.01 3.24
CA ILE D 267 -15.36 -32.21 2.06
C ILE D 267 -14.70 -32.84 0.85
N GLN D 268 -15.51 -33.18 -0.15
CA GLN D 268 -15.04 -33.87 -1.35
C GLN D 268 -15.04 -32.91 -2.53
N GLU D 269 -13.93 -32.91 -3.29
CA GLU D 269 -13.78 -32.07 -4.46
C GLU D 269 -13.97 -32.90 -5.72
N LEU D 270 -14.56 -32.28 -6.75
CA LEU D 270 -14.76 -32.91 -8.05
C LEU D 270 -14.06 -32.09 -9.12
N LEU D 271 -13.33 -32.76 -10.01
CA LEU D 271 -12.60 -32.10 -11.09
C LEU D 271 -13.41 -32.21 -12.38
N PRO D 272 -13.76 -31.09 -13.01
CA PRO D 272 -14.59 -31.16 -14.22
C PRO D 272 -13.79 -31.42 -15.47
N VAL D 273 -14.33 -32.27 -16.35
CA VAL D 273 -13.73 -32.61 -17.63
C VAL D 273 -14.83 -32.63 -18.68
N SER D 274 -14.54 -32.09 -19.87
CA SER D 274 -15.53 -32.09 -20.94
C SER D 274 -15.72 -33.50 -21.50
N PHE D 275 -16.92 -33.75 -22.04
CA PHE D 275 -17.25 -35.06 -22.58
C PHE D 275 -18.04 -34.89 -23.88
N ASN D 276 -18.15 -35.98 -24.62
CA ASN D 276 -18.71 -35.97 -25.96
C ASN D 276 -20.14 -36.52 -25.96
N ASN D 277 -21.04 -35.83 -26.67
CA ASN D 277 -22.39 -36.32 -26.88
C ASN D 277 -22.97 -35.63 -28.10
N ASP D 278 -23.43 -36.43 -29.08
CA ASP D 278 -24.11 -35.92 -30.27
C ASP D 278 -23.24 -34.91 -31.04
N ASN D 279 -21.99 -35.30 -31.28
CA ASN D 279 -21.03 -34.48 -32.05
C ASN D 279 -20.86 -33.09 -31.46
N SER D 280 -20.84 -33.00 -30.13
CA SER D 280 -20.61 -31.73 -29.46
C SER D 280 -19.97 -31.98 -28.11
N GLU D 281 -19.41 -30.92 -27.54
CA GLU D 281 -18.65 -30.97 -26.29
C GLU D 281 -19.47 -30.33 -25.18
N TRP D 282 -19.50 -30.98 -24.01
CA TRP D 282 -20.37 -30.58 -22.91
C TRP D 282 -19.61 -30.61 -21.59
N ILE D 283 -20.14 -29.89 -20.61
CA ILE D 283 -19.63 -29.91 -19.24
C ILE D 283 -20.81 -29.99 -18.27
N SER D 284 -20.65 -30.76 -17.20
CA SER D 284 -21.71 -30.92 -16.22
C SER D 284 -21.76 -29.74 -15.25
N ILE D 285 -22.97 -29.30 -14.92
CA ILE D 285 -23.19 -28.17 -14.02
C ILE D 285 -23.55 -28.77 -12.66
N VAL D 286 -22.52 -29.01 -11.85
CA VAL D 286 -22.65 -29.64 -10.54
C VAL D 286 -21.66 -28.93 -9.61
N PRO D 287 -22.00 -28.72 -8.33
CA PRO D 287 -21.03 -28.10 -7.42
C PRO D 287 -19.76 -28.94 -7.29
N ASN D 288 -18.61 -28.24 -7.24
CA ASN D 288 -17.33 -28.92 -7.20
C ASN D 288 -16.87 -29.28 -5.79
N PHE D 289 -17.49 -28.72 -4.75
CA PHE D 289 -17.18 -29.06 -3.37
C PHE D 289 -18.46 -29.48 -2.66
N ILE D 290 -18.42 -30.66 -2.03
CA ILE D 290 -19.60 -31.23 -1.36
C ILE D 290 -19.23 -31.55 0.08
N LEU D 291 -20.08 -31.13 1.02
CA LEU D 291 -19.85 -31.39 2.43
C LEU D 291 -20.69 -32.59 2.86
N VAL D 292 -20.06 -33.55 3.54
CA VAL D 292 -20.74 -34.72 4.09
C VAL D 292 -20.53 -34.71 5.60
N ARG D 293 -21.64 -34.66 6.34
CA ARG D 293 -21.61 -34.69 7.81
C ARG D 293 -22.58 -35.75 8.30
N ASN D 294 -22.06 -36.78 8.95
CA ASN D 294 -22.87 -37.88 9.47
C ASN D 294 -23.76 -38.48 8.39
N THR D 295 -23.18 -38.65 7.19
CA THR D 295 -23.86 -39.20 6.01
C THR D 295 -25.01 -38.30 5.54
N LEU D 296 -24.94 -37.00 5.83
CA LEU D 296 -25.84 -36.01 5.27
C LEU D 296 -25.07 -35.13 4.29
N ILE D 297 -25.62 -34.96 3.09
CA ILE D 297 -24.97 -34.24 2.00
C ILE D 297 -25.49 -32.81 1.95
N SER D 298 -24.58 -31.85 1.81
CA SER D 298 -24.99 -30.46 1.65
C SER D 298 -23.95 -29.70 0.85
N ASN D 299 -24.35 -28.50 0.41
CA ASN D 299 -23.44 -27.54 -0.20
C ASN D 299 -22.63 -26.84 0.89
N ILE D 300 -21.65 -26.04 0.46
CA ILE D 300 -20.84 -25.26 1.37
C ILE D 300 -20.38 -23.99 0.65
N GLU D 301 -20.43 -22.86 1.35
CA GLU D 301 -20.02 -21.57 0.80
C GLU D 301 -18.51 -21.44 0.97
N ILE D 302 -17.78 -22.23 0.18
CA ILE D 302 -16.35 -22.40 0.38
C ILE D 302 -15.54 -21.15 0.03
N GLY D 303 -16.15 -20.18 -0.65
CA GLY D 303 -15.45 -18.94 -0.95
C GLY D 303 -15.05 -18.15 0.28
N PHE D 304 -15.70 -18.38 1.41
CA PHE D 304 -15.37 -17.71 2.66
C PHE D 304 -14.38 -18.49 3.51
N CYS D 305 -13.93 -19.66 3.06
CA CYS D 305 -13.04 -20.52 3.84
C CYS D 305 -11.64 -20.50 3.25
N LEU D 306 -10.72 -21.17 3.94
CA LEU D 306 -9.35 -21.35 3.47
C LEU D 306 -9.15 -22.82 3.10
N ILE D 307 -8.71 -23.05 1.87
CA ILE D 307 -8.50 -24.40 1.36
C ILE D 307 -7.00 -24.70 1.42
N THR D 308 -6.63 -25.71 2.19
CA THR D 308 -5.25 -26.20 2.25
C THR D 308 -5.19 -27.57 1.61
N LYS D 309 -3.98 -28.16 1.64
CA LYS D 309 -3.79 -29.49 1.05
C LYS D 309 -4.62 -30.55 1.78
N ARG D 310 -4.68 -30.48 3.11
CA ARG D 310 -5.27 -31.55 3.90
C ARG D 310 -6.62 -31.20 4.53
N SER D 311 -7.02 -29.93 4.55
CA SER D 311 -8.24 -29.58 5.27
C SER D 311 -8.80 -28.27 4.73
N VAL D 312 -10.06 -28.01 5.08
CA VAL D 312 -10.74 -26.75 4.82
C VAL D 312 -10.99 -26.07 6.17
N ILE D 313 -10.53 -24.83 6.31
CA ILE D 313 -10.53 -24.11 7.57
C ILE D 313 -11.43 -22.89 7.45
N CYS D 314 -12.40 -22.75 8.35
CA CYS D 314 -13.38 -21.68 8.31
C CYS D 314 -13.54 -21.09 9.70
N ASN D 315 -13.95 -19.82 9.76
CA ASN D 315 -14.21 -19.16 11.03
C ASN D 315 -15.63 -19.38 11.53
N GLN D 316 -16.46 -20.12 10.78
CA GLN D 316 -17.81 -20.47 11.19
C GLN D 316 -18.31 -21.56 10.25
N ASP D 317 -19.45 -22.14 10.60
CA ASP D 317 -20.07 -23.20 9.79
C ASP D 317 -20.76 -22.57 8.58
N TYR D 318 -20.29 -22.89 7.37
CA TYR D 318 -20.80 -22.31 6.14
C TYR D 318 -21.64 -23.30 5.33
N ALA D 319 -22.25 -24.27 5.98
CA ALA D 319 -23.07 -25.25 5.27
C ALA D 319 -24.36 -24.61 4.77
N THR D 320 -24.81 -25.05 3.59
CA THR D 320 -26.03 -24.56 2.95
C THR D 320 -26.81 -25.74 2.37
N PRO D 321 -28.12 -25.62 2.27
CA PRO D 321 -28.95 -26.77 1.84
C PRO D 321 -28.81 -27.04 0.35
N MET D 322 -29.26 -28.25 -0.03
CA MET D 322 -29.19 -28.74 -1.40
C MET D 322 -30.53 -29.33 -1.81
N THR D 323 -30.89 -29.15 -3.09
CA THR D 323 -32.16 -29.66 -3.59
C THR D 323 -32.16 -31.19 -3.65
N ASN D 324 -33.36 -31.76 -3.66
N ASN D 324 -33.36 -31.76 -3.66
CA ASN D 324 -33.50 -33.20 -3.73
CA ASN D 324 -33.50 -33.21 -3.72
C ASN D 324 -33.02 -33.76 -5.06
C ASN D 324 -33.01 -33.77 -5.06
N ASN D 325 -33.28 -33.05 -6.16
CA ASN D 325 -32.84 -33.52 -7.47
C ASN D 325 -31.31 -33.55 -7.59
N MET D 326 -30.64 -32.52 -7.07
CA MET D 326 -29.17 -32.52 -7.10
C MET D 326 -28.60 -33.64 -6.24
N ARG D 327 -29.19 -33.88 -5.07
CA ARG D 327 -28.75 -34.99 -4.21
C ARG D 327 -28.97 -36.33 -4.90
N GLU D 328 -30.07 -36.47 -5.65
CA GLU D 328 -30.28 -37.69 -6.43
C GLU D 328 -29.24 -37.82 -7.53
N CYS D 329 -28.88 -36.72 -8.18
CA CYS D 329 -27.85 -36.74 -9.21
C CYS D 329 -26.52 -37.22 -8.63
N LEU D 330 -26.15 -36.73 -7.45
CA LEU D 330 -24.88 -37.11 -6.85
C LEU D 330 -24.84 -38.58 -6.42
N THR D 331 -25.98 -39.19 -6.14
CA THR D 331 -26.03 -40.57 -5.69
C THR D 331 -26.21 -41.57 -6.82
N GLY D 332 -26.22 -41.13 -8.08
CA GLY D 332 -26.22 -42.08 -9.18
C GLY D 332 -27.23 -41.85 -10.28
N SER D 333 -28.23 -40.98 -10.05
CA SER D 333 -29.26 -40.70 -11.05
C SER D 333 -28.73 -39.61 -11.98
N THR D 334 -27.97 -40.03 -12.99
CA THR D 334 -27.27 -39.07 -13.86
C THR D 334 -28.19 -38.36 -14.84
N GLU D 335 -29.40 -38.87 -15.09
CA GLU D 335 -30.32 -38.17 -15.97
C GLU D 335 -30.83 -36.87 -15.38
N LYS D 336 -30.59 -36.63 -14.09
CA LYS D 336 -30.99 -35.39 -13.44
C LYS D 336 -29.83 -34.40 -13.27
N CYS D 337 -28.66 -34.72 -13.81
CA CYS D 337 -27.53 -33.80 -13.72
C CYS D 337 -27.52 -32.90 -14.95
N PRO D 338 -27.64 -31.58 -14.80
CA PRO D 338 -27.67 -30.70 -15.98
C PRO D 338 -26.30 -30.58 -16.64
N ARG D 339 -26.31 -30.08 -17.87
CA ARG D 339 -25.09 -29.94 -18.66
C ARG D 339 -25.18 -28.67 -19.50
N GLU D 340 -24.02 -28.19 -19.93
CA GLU D 340 -23.92 -26.96 -20.71
C GLU D 340 -22.94 -27.15 -21.85
N LEU D 341 -23.24 -26.50 -22.98
CA LEU D 341 -22.42 -26.61 -24.18
C LEU D 341 -21.09 -25.87 -24.01
N VAL D 342 -20.06 -26.38 -24.67
CA VAL D 342 -18.71 -25.83 -24.62
C VAL D 342 -18.42 -25.14 -25.94
N VAL D 343 -18.07 -23.86 -25.87
CA VAL D 343 -17.74 -23.09 -27.08
C VAL D 343 -16.39 -22.41 -26.92
N SER D 344 -15.59 -22.86 -25.96
CA SER D 344 -14.29 -22.28 -25.69
C SER D 344 -13.22 -23.37 -25.67
N SER D 345 -12.00 -22.99 -26.02
CA SER D 345 -10.88 -23.93 -26.10
C SER D 345 -10.14 -24.10 -24.78
N HIS D 346 -10.53 -23.38 -23.73
CA HIS D 346 -9.82 -23.41 -22.46
C HIS D 346 -10.34 -24.49 -21.51
N VAL D 347 -11.44 -25.15 -21.84
CA VAL D 347 -12.03 -26.14 -20.92
C VAL D 347 -11.10 -27.35 -20.82
N PRO D 348 -10.90 -27.90 -19.62
CA PRO D 348 -10.04 -29.08 -19.49
C PRO D 348 -10.60 -30.28 -20.24
N ARG D 349 -9.68 -31.10 -20.78
CA ARG D 349 -10.05 -32.27 -21.56
C ARG D 349 -9.63 -33.60 -20.95
N PHE D 350 -8.82 -33.60 -19.89
CA PHE D 350 -8.47 -34.85 -19.22
C PHE D 350 -8.06 -34.58 -17.79
N ALA D 351 -8.05 -35.64 -16.99
CA ALA D 351 -7.65 -35.55 -15.59
C ALA D 351 -7.10 -36.89 -15.12
N LEU D 352 -6.36 -36.85 -14.02
CA LEU D 352 -5.72 -38.02 -13.44
C LEU D 352 -6.26 -38.23 -12.03
N SER D 353 -6.71 -39.46 -11.74
CA SER D 353 -7.28 -39.79 -10.44
C SER D 353 -6.78 -41.16 -10.01
N ASN D 354 -6.07 -41.21 -8.89
CA ASN D 354 -5.53 -42.44 -8.32
C ASN D 354 -4.74 -43.24 -9.36
N GLY D 355 -3.94 -42.54 -10.15
CA GLY D 355 -3.11 -43.18 -11.17
C GLY D 355 -3.83 -43.60 -12.42
N VAL D 356 -5.08 -43.19 -12.62
CA VAL D 356 -5.88 -43.58 -13.77
C VAL D 356 -6.28 -42.34 -14.55
N LEU D 357 -6.22 -42.41 -15.87
CA LEU D 357 -6.50 -41.26 -16.73
C LEU D 357 -7.95 -41.30 -17.20
N PHE D 358 -8.63 -40.16 -17.10
CA PHE D 358 -9.96 -39.98 -17.68
C PHE D 358 -9.84 -38.89 -18.74
N ALA D 359 -10.09 -39.26 -20.00
CA ALA D 359 -9.76 -38.36 -21.11
C ALA D 359 -10.83 -38.41 -22.19
N ASN D 360 -11.11 -37.23 -22.76
CA ASN D 360 -11.99 -37.09 -23.93
C ASN D 360 -11.10 -37.16 -25.16
N CYS D 361 -10.91 -38.37 -25.67
CA CYS D 361 -9.96 -38.59 -26.76
C CYS D 361 -10.54 -38.28 -28.14
N ILE D 362 -11.81 -37.90 -28.21
CA ILE D 362 -12.31 -37.29 -29.44
C ILE D 362 -11.78 -35.87 -29.60
N SER D 363 -11.64 -35.13 -28.50
CA SER D 363 -11.20 -33.75 -28.55
C SER D 363 -9.68 -33.59 -28.49
N VAL D 364 -8.95 -34.55 -27.92
CA VAL D 364 -7.51 -34.50 -27.86
C VAL D 364 -6.95 -35.82 -28.38
N THR D 365 -5.72 -35.78 -28.88
CA THR D 365 -5.09 -36.96 -29.44
C THR D 365 -4.49 -37.81 -28.34
N CYS D 366 -4.88 -39.08 -28.28
CA CYS D 366 -4.40 -40.03 -27.28
C CYS D 366 -3.63 -41.15 -27.97
N GLN D 367 -2.42 -41.43 -27.49
CA GLN D 367 -1.58 -42.44 -28.10
C GLN D 367 -1.03 -43.37 -27.03
N CYS D 368 -0.78 -44.62 -27.40
CA CYS D 368 -0.17 -45.58 -26.48
C CYS D 368 1.32 -45.67 -26.78
N GLN D 369 2.14 -45.20 -25.84
CA GLN D 369 3.59 -45.18 -26.07
C GLN D 369 4.17 -46.58 -26.13
N THR D 370 3.57 -47.54 -25.41
CA THR D 370 4.12 -48.89 -25.37
C THR D 370 4.09 -49.55 -26.74
N THR D 371 2.99 -49.39 -27.47
CA THR D 371 2.83 -50.03 -28.78
C THR D 371 2.94 -49.07 -29.95
N GLY D 372 2.76 -47.77 -29.73
CA GLY D 372 2.74 -46.80 -30.80
C GLY D 372 1.39 -46.62 -31.48
N ARG D 373 0.39 -47.40 -31.09
CA ARG D 373 -0.91 -47.32 -31.74
C ARG D 373 -1.80 -46.28 -31.07
N ALA D 374 -2.69 -45.70 -31.86
CA ALA D 374 -3.59 -44.67 -31.37
C ALA D 374 -4.69 -45.27 -30.50
N ILE D 375 -5.26 -44.44 -29.65
CA ILE D 375 -6.39 -44.80 -28.80
C ILE D 375 -7.62 -44.07 -29.34
N SER D 376 -8.65 -44.82 -29.71
CA SER D 376 -9.80 -44.28 -30.40
C SER D 376 -11.05 -44.35 -29.54
N GLN D 377 -11.88 -43.32 -29.65
CA GLN D 377 -13.14 -43.22 -28.90
C GLN D 377 -14.29 -43.15 -29.90
N SER D 378 -15.32 -43.95 -29.66
CA SER D 378 -16.47 -43.99 -30.56
C SER D 378 -17.46 -42.89 -30.22
N GLY D 379 -18.42 -42.68 -31.12
CA GLY D 379 -19.41 -41.64 -30.94
C GLY D 379 -20.39 -41.90 -29.81
N GLU D 380 -20.49 -43.14 -29.35
CA GLU D 380 -21.39 -43.51 -28.27
C GLU D 380 -20.75 -43.45 -26.89
N GLN D 381 -19.48 -43.05 -26.81
CA GLN D 381 -18.76 -42.97 -25.54
C GLN D 381 -18.57 -41.52 -25.14
N THR D 382 -18.87 -41.21 -23.89
CA THR D 382 -18.67 -39.85 -23.38
C THR D 382 -17.20 -39.54 -23.20
N LEU D 383 -16.44 -40.45 -22.58
CA LEU D 383 -15.01 -40.31 -22.43
C LEU D 383 -14.42 -41.69 -22.14
N LEU D 384 -13.09 -41.76 -22.14
CA LEU D 384 -12.38 -43.01 -21.99
C LEU D 384 -11.62 -43.06 -20.66
N MET D 385 -11.67 -44.23 -20.02
CA MET D 385 -10.83 -44.54 -18.89
C MET D 385 -9.61 -45.30 -19.38
N ILE D 386 -8.42 -44.84 -19.00
CA ILE D 386 -7.17 -45.42 -19.45
C ILE D 386 -6.36 -45.82 -18.22
N ASP D 387 -6.05 -47.12 -18.11
CA ASP D 387 -5.19 -47.68 -17.09
C ASP D 387 -4.20 -48.62 -17.75
N ASN D 388 -3.41 -49.32 -16.95
CA ASN D 388 -2.32 -50.11 -17.52
C ASN D 388 -2.76 -51.51 -17.97
N THR D 389 -4.04 -51.86 -17.84
CA THR D 389 -4.52 -53.08 -18.47
C THR D 389 -4.54 -52.95 -19.99
N THR D 390 -4.76 -51.73 -20.51
CA THR D 390 -4.80 -51.52 -21.94
C THR D 390 -3.54 -50.81 -22.44
N CYS D 391 -3.05 -49.84 -21.66
CA CYS D 391 -1.86 -49.09 -22.07
C CYS D 391 -1.02 -48.69 -20.88
N PRO D 392 0.16 -49.29 -20.70
CA PRO D 392 1.01 -48.94 -19.55
C PRO D 392 1.50 -47.51 -19.54
N THR D 393 1.74 -46.90 -20.71
CA THR D 393 2.27 -45.55 -20.80
C THR D 393 1.55 -44.80 -21.92
N ALA D 394 0.93 -43.67 -21.57
CA ALA D 394 0.10 -42.92 -22.49
C ALA D 394 0.75 -41.60 -22.86
N VAL D 395 0.44 -41.13 -24.07
CA VAL D 395 0.96 -39.89 -24.63
C VAL D 395 -0.22 -39.00 -25.02
N LEU D 396 -0.25 -37.79 -24.48
CA LEU D 396 -1.23 -36.78 -24.80
C LEU D 396 -0.46 -35.49 -25.11
N GLY D 397 -0.36 -35.15 -26.38
CA GLY D 397 0.43 -33.98 -26.76
C GLY D 397 1.89 -34.16 -26.37
N ASN D 398 2.39 -33.22 -25.56
CA ASN D 398 3.76 -33.28 -25.06
C ASN D 398 3.85 -33.94 -23.69
N VAL D 399 2.81 -34.64 -23.25
CA VAL D 399 2.75 -35.23 -21.93
C VAL D 399 2.82 -36.75 -22.06
N ILE D 400 3.75 -37.36 -21.33
CA ILE D 400 3.91 -38.81 -21.28
C ILE D 400 3.75 -39.26 -19.83
N ILE D 401 2.82 -40.19 -19.59
CA ILE D 401 2.46 -40.59 -18.23
C ILE D 401 2.43 -42.11 -18.13
N SER D 402 3.06 -42.63 -17.07
CA SER D 402 2.92 -44.03 -16.70
C SER D 402 1.76 -44.20 -15.73
N LEU D 403 0.97 -45.24 -15.92
CA LEU D 403 -0.35 -45.36 -15.31
C LEU D 403 -0.45 -46.58 -14.40
N GLY D 404 -1.44 -46.53 -13.51
CA GLY D 404 -1.76 -47.63 -12.62
C GLY D 404 -2.96 -48.44 -13.08
N LYS D 405 -3.60 -49.10 -12.12
CA LYS D 405 -4.72 -49.99 -12.39
C LYS D 405 -6.00 -49.45 -11.77
N TYR D 406 -7.10 -49.54 -12.53
CA TYR D 406 -8.39 -49.05 -12.07
C TYR D 406 -9.04 -50.05 -11.13
N LEU D 407 -9.58 -49.55 -10.02
CA LEU D 407 -10.16 -50.38 -8.97
C LEU D 407 -11.65 -50.63 -9.13
N GLY D 408 -12.27 -50.06 -10.16
CA GLY D 408 -13.70 -50.21 -10.38
C GLY D 408 -14.04 -51.37 -11.29
N SER D 409 -15.13 -51.21 -12.03
CA SER D 409 -15.61 -52.26 -12.92
C SER D 409 -14.63 -52.49 -14.07
N VAL D 410 -14.46 -53.76 -14.45
CA VAL D 410 -13.59 -54.10 -15.58
C VAL D 410 -14.24 -53.82 -16.93
N ASN D 411 -15.53 -53.51 -16.96
CA ASN D 411 -16.26 -53.24 -18.19
C ASN D 411 -16.66 -51.77 -18.30
N TYR D 412 -15.78 -50.89 -17.81
CA TYR D 412 -16.10 -49.46 -17.75
C TYR D 412 -16.41 -48.90 -19.13
N ASN D 413 -15.57 -49.22 -20.11
CA ASN D 413 -15.64 -48.56 -21.42
C ASN D 413 -16.71 -49.15 -22.33
N SER D 414 -17.45 -50.16 -21.89
CA SER D 414 -18.48 -50.77 -22.72
C SER D 414 -19.88 -50.68 -22.13
N GLU D 415 -20.06 -50.02 -20.98
CA GLU D 415 -21.37 -50.02 -20.33
C GLU D 415 -22.30 -48.96 -20.92
N GLY D 416 -21.94 -47.69 -20.81
CA GLY D 416 -22.82 -46.62 -21.24
C GLY D 416 -23.63 -46.04 -20.09
N ILE D 417 -24.07 -44.79 -20.27
CA ILE D 417 -24.73 -44.03 -19.22
C ILE D 417 -25.88 -43.23 -19.83
N ALA D 418 -26.77 -42.76 -18.95
CA ALA D 418 -27.88 -41.90 -19.34
C ALA D 418 -27.49 -40.44 -19.12
N ILE D 419 -27.96 -39.57 -20.01
CA ILE D 419 -27.50 -38.19 -20.09
C ILE D 419 -28.62 -37.24 -19.72
N GLY D 420 -28.28 -36.22 -18.91
CA GLY D 420 -29.24 -35.24 -18.45
C GLY D 420 -29.54 -34.15 -19.46
N PRO D 421 -30.34 -33.17 -19.06
CA PRO D 421 -30.80 -32.14 -20.01
C PRO D 421 -29.86 -30.95 -20.05
N PRO D 422 -29.78 -30.25 -21.18
CA PRO D 422 -28.93 -29.06 -21.27
C PRO D 422 -29.53 -27.85 -20.57
N VAL D 423 -28.65 -26.97 -20.11
CA VAL D 423 -29.04 -25.72 -19.45
C VAL D 423 -28.10 -24.60 -19.90
N PHE D 424 -28.49 -23.36 -19.61
CA PHE D 424 -27.69 -22.18 -19.90
C PHE D 424 -27.58 -21.34 -18.63
N THR D 425 -26.35 -20.98 -18.25
CA THR D 425 -26.08 -20.38 -16.95
C THR D 425 -25.78 -18.89 -16.98
N ASP D 426 -25.80 -18.25 -18.14
CA ASP D 426 -25.56 -16.82 -18.22
C ASP D 426 -26.69 -16.04 -17.53
N LYS D 427 -26.33 -14.91 -16.92
CA LYS D 427 -27.27 -14.18 -16.07
C LYS D 427 -28.47 -13.66 -16.86
N VAL D 428 -28.23 -13.09 -18.04
CA VAL D 428 -29.32 -12.61 -18.87
C VAL D 428 -30.13 -13.80 -19.41
N ASP D 429 -29.44 -14.89 -19.74
CA ASP D 429 -30.13 -16.08 -20.22
C ASP D 429 -31.06 -16.66 -19.17
N ILE D 430 -30.76 -16.47 -17.88
CA ILE D 430 -31.66 -16.94 -16.83
C ILE D 430 -33.01 -16.24 -16.91
N SER D 431 -32.99 -14.91 -17.04
CA SER D 431 -34.23 -14.17 -17.18
C SER D 431 -34.96 -14.53 -18.47
N SER D 432 -34.20 -14.69 -19.56
CA SER D 432 -34.82 -15.08 -20.82
C SER D 432 -35.55 -16.43 -20.69
N GLN D 433 -34.89 -17.40 -20.06
CA GLN D 433 -35.49 -18.71 -19.88
C GLN D 433 -36.71 -18.66 -18.98
N ILE D 434 -36.64 -17.87 -17.90
CA ILE D 434 -37.79 -17.74 -17.00
C ILE D 434 -38.98 -17.15 -17.74
N SER D 435 -38.75 -16.10 -18.53
N SER D 435 -38.75 -16.10 -18.53
CA SER D 435 -39.83 -15.48 -19.28
CA SER D 435 -39.85 -15.48 -19.27
C SER D 435 -40.43 -16.43 -20.31
C SER D 435 -40.43 -16.43 -20.31
N SER D 436 -39.57 -17.17 -21.03
CA SER D 436 -40.07 -18.11 -22.02
C SER D 436 -40.89 -19.22 -21.38
N MET D 437 -40.43 -19.75 -20.24
CA MET D 437 -41.18 -20.78 -19.54
C MET D 437 -42.53 -20.24 -19.06
N ASN D 438 -42.55 -19.00 -18.55
CA ASN D 438 -43.82 -18.43 -18.12
C ASN D 438 -44.78 -18.26 -19.29
N GLN D 439 -44.27 -17.84 -20.45
CA GLN D 439 -45.14 -17.71 -21.61
C GLN D 439 -45.69 -19.05 -22.06
N SER D 440 -44.86 -20.10 -22.05
CA SER D 440 -45.34 -21.43 -22.39
C SER D 440 -46.42 -21.89 -21.41
N LEU D 441 -46.21 -21.62 -20.12
CA LEU D 441 -47.21 -21.99 -19.12
C LEU D 441 -48.52 -21.24 -19.36
N GLN D 442 -48.44 -19.95 -19.71
CA GLN D 442 -49.65 -19.20 -19.99
C GLN D 442 -50.38 -19.77 -21.21
N GLN D 443 -49.64 -20.15 -22.25
CA GLN D 443 -50.26 -20.76 -23.42
C GLN D 443 -50.98 -22.05 -23.05
N SER D 444 -50.32 -22.91 -22.27
CA SER D 444 -50.95 -24.16 -21.86
C SER D 444 -52.18 -23.90 -21.00
N LYS D 445 -52.12 -22.91 -20.12
CA LYS D 445 -53.26 -22.59 -19.27
C LYS D 445 -54.44 -22.10 -20.10
N ASP D 446 -54.19 -21.22 -21.07
CA ASP D 446 -55.30 -20.70 -21.86
C ASP D 446 -55.84 -21.72 -22.85
N TYR D 447 -55.05 -22.74 -23.19
CA TYR D 447 -55.57 -23.80 -24.05
C TYR D 447 -56.70 -24.57 -23.39
N ILE D 448 -56.67 -24.71 -22.06
CA ILE D 448 -57.72 -25.43 -21.36
C ILE D 448 -59.02 -24.65 -21.36
N LYS D 449 -58.94 -23.33 -21.16
CA LYS D 449 -60.15 -22.51 -21.07
C LYS D 449 -60.95 -22.54 -22.37
N GLU D 450 -60.26 -22.44 -23.50
CA GLU D 450 -60.93 -22.47 -24.79
C GLU D 450 -61.29 -23.90 -25.19
N ILE E 1 -25.47 -9.35 -39.55
CA ILE E 1 -25.88 -10.54 -38.81
C ILE E 1 -26.83 -10.13 -37.68
N LEU E 2 -26.52 -9.02 -37.02
CA LEU E 2 -27.43 -8.40 -36.06
C LEU E 2 -28.36 -7.43 -36.79
N HIS E 3 -29.58 -7.29 -36.28
CA HIS E 3 -30.57 -6.40 -36.88
C HIS E 3 -30.56 -5.08 -36.10
N TYR E 4 -29.64 -4.20 -36.48
CA TYR E 4 -29.40 -2.99 -35.69
C TYR E 4 -30.60 -2.06 -35.73
N GLU E 5 -31.30 -1.97 -36.87
CA GLU E 5 -32.43 -1.05 -36.96
C GLU E 5 -33.54 -1.42 -35.99
N LYS E 6 -33.91 -2.70 -35.94
CA LYS E 6 -34.94 -3.14 -35.01
C LYS E 6 -34.47 -3.02 -33.56
N LEU E 7 -33.20 -3.31 -33.31
CA LEU E 7 -32.67 -3.24 -31.95
C LEU E 7 -32.68 -1.80 -31.42
N SER E 8 -32.41 -0.83 -32.29
CA SER E 8 -32.38 0.57 -31.84
C SER E 8 -33.74 1.04 -31.36
N LYS E 9 -34.82 0.42 -31.85
CA LYS E 9 -36.16 0.82 -31.43
C LYS E 9 -36.55 0.31 -30.05
N ILE E 10 -35.79 -0.63 -29.48
CA ILE E 10 -36.02 -1.04 -28.10
C ILE E 10 -34.85 -0.58 -27.24
N GLY E 11 -34.21 0.51 -27.66
CA GLY E 11 -33.22 1.17 -26.84
C GLY E 11 -31.82 0.57 -26.85
N LEU E 12 -31.50 -0.26 -27.83
CA LEU E 12 -30.18 -0.86 -27.95
C LEU E 12 -29.46 -0.22 -29.15
N VAL E 13 -28.74 0.85 -28.87
CA VAL E 13 -28.10 1.66 -29.92
C VAL E 13 -26.74 1.06 -30.24
N LYS E 14 -26.39 1.04 -31.53
CA LYS E 14 -25.14 0.44 -31.96
C LYS E 14 -23.94 1.26 -31.46
N GLY E 15 -22.99 0.57 -30.83
CA GLY E 15 -21.79 1.21 -30.33
C GLY E 15 -20.54 0.90 -31.14
N VAL E 16 -19.39 0.98 -30.48
CA VAL E 16 -18.11 0.75 -31.15
C VAL E 16 -17.92 -0.75 -31.44
N THR E 17 -17.30 -1.05 -32.57
CA THR E 17 -16.87 -2.40 -32.92
C THR E 17 -15.39 -2.56 -32.61
N ARG E 18 -15.02 -3.69 -32.02
CA ARG E 18 -13.65 -3.92 -31.54
C ARG E 18 -13.11 -5.25 -32.05
N LYS E 19 -11.79 -5.34 -32.08
CA LYS E 19 -11.09 -6.56 -32.44
C LYS E 19 -10.92 -7.48 -31.24
N TYR E 20 -10.56 -8.72 -31.51
CA TYR E 20 -10.40 -9.77 -30.50
C TYR E 20 -8.95 -10.25 -30.54
N LYS E 21 -8.27 -10.20 -29.40
CA LYS E 21 -6.86 -10.58 -29.31
C LYS E 21 -6.62 -11.47 -28.10
N ILE E 22 -5.76 -12.47 -28.26
CA ILE E 22 -5.43 -13.42 -27.21
C ILE E 22 -3.92 -13.63 -27.17
N LYS E 23 -3.37 -13.83 -25.98
CA LYS E 23 -1.94 -14.05 -25.82
C LYS E 23 -1.51 -15.39 -26.39
N SER E 24 -0.26 -15.47 -26.83
CA SER E 24 0.31 -16.71 -27.37
C SER E 24 1.83 -16.57 -27.48
N ASN E 25 2.49 -17.71 -27.69
CA ASN E 25 3.91 -17.84 -28.02
C ASN E 25 4.82 -17.07 -27.06
N PRO E 26 5.00 -17.53 -25.83
CA PRO E 26 5.81 -16.79 -24.86
C PRO E 26 7.30 -17.13 -24.94
N LEU E 27 8.11 -16.10 -24.68
CA LEU E 27 9.53 -16.27 -24.40
C LEU E 27 9.75 -16.42 -22.90
N THR E 28 10.85 -17.06 -22.52
CA THR E 28 11.11 -17.36 -21.12
C THR E 28 12.44 -16.78 -20.67
N LYS E 29 12.48 -16.29 -19.43
CA LYS E 29 13.73 -15.80 -18.85
C LYS E 29 13.72 -15.96 -17.34
N ASP E 30 14.86 -16.34 -16.77
CA ASP E 30 14.96 -16.66 -15.35
C ASP E 30 15.60 -15.51 -14.57
N ILE E 31 15.16 -15.34 -13.32
CA ILE E 31 15.68 -14.29 -12.45
C ILE E 31 15.69 -14.80 -11.01
N VAL E 32 16.59 -14.26 -10.19
CA VAL E 32 16.74 -14.65 -8.79
C VAL E 32 16.22 -13.52 -7.92
N ILE E 33 15.43 -13.88 -6.90
CA ILE E 33 14.95 -12.92 -5.91
C ILE E 33 15.42 -13.39 -4.54
N LYS E 34 16.26 -12.58 -3.89
CA LYS E 34 16.80 -12.87 -2.57
C LYS E 34 15.95 -12.16 -1.52
N MET E 35 15.43 -12.91 -0.56
CA MET E 35 14.44 -12.42 0.38
C MET E 35 15.02 -12.09 1.75
N ILE E 36 16.34 -11.96 1.86
CA ILE E 36 16.97 -11.51 3.10
C ILE E 36 18.05 -10.49 2.75
N PRO E 37 18.08 -9.33 3.40
CA PRO E 37 19.07 -8.31 3.05
C PRO E 37 20.44 -8.61 3.62
N ASN E 38 21.44 -7.92 3.06
CA ASN E 38 22.83 -8.05 3.50
C ASN E 38 23.10 -6.95 4.54
N VAL E 39 23.34 -7.36 5.78
CA VAL E 39 23.55 -6.43 6.89
C VAL E 39 25.01 -6.38 7.32
N SER E 40 25.94 -6.75 6.44
CA SER E 40 27.35 -6.83 6.83
C SER E 40 27.96 -5.48 7.18
N ASN E 41 27.37 -4.38 6.69
CA ASN E 41 27.89 -3.05 6.99
C ASN E 41 27.28 -2.44 8.25
N MET E 42 26.41 -3.17 8.96
CA MET E 42 25.86 -2.70 10.22
C MET E 42 25.82 -3.84 11.25
N SER E 43 26.77 -4.77 11.13
CA SER E 43 26.71 -6.03 11.87
C SER E 43 26.74 -5.83 13.38
N GLN E 44 27.26 -4.71 13.87
CA GLN E 44 27.30 -4.51 15.32
C GLN E 44 25.94 -4.16 15.92
N CYS E 45 24.95 -3.82 15.10
CA CYS E 45 23.64 -3.41 15.61
C CYS E 45 22.51 -4.33 15.13
N THR E 46 22.77 -5.64 15.06
CA THR E 46 21.76 -6.57 14.57
C THR E 46 21.09 -7.38 15.68
N GLY E 47 21.72 -7.53 16.85
CA GLY E 47 21.11 -8.28 17.93
C GLY E 47 20.80 -9.71 17.52
N SER E 48 19.55 -10.12 17.74
CA SER E 48 19.07 -11.44 17.30
C SER E 48 17.95 -11.29 16.27
N VAL E 49 17.92 -10.17 15.55
CA VAL E 49 16.85 -9.89 14.60
C VAL E 49 16.86 -10.91 13.46
N MET E 50 18.04 -11.17 12.90
CA MET E 50 18.12 -12.03 11.73
C MET E 50 17.73 -13.47 12.03
N GLU E 51 18.04 -13.97 13.23
CA GLU E 51 17.67 -15.35 13.59
C GLU E 51 16.15 -15.51 13.63
N ASN E 52 15.46 -14.59 14.30
CA ASN E 52 14.00 -14.65 14.36
C ASN E 52 13.39 -14.50 12.97
N TYR E 53 13.92 -13.57 12.16
CA TYR E 53 13.42 -13.41 10.81
C TYR E 53 13.60 -14.68 9.99
N LYS E 54 14.75 -15.33 10.13
CA LYS E 54 15.01 -16.56 9.38
C LYS E 54 14.06 -17.67 9.81
N THR E 55 13.80 -17.79 11.11
CA THR E 55 12.85 -18.80 11.56
C THR E 55 11.47 -18.59 10.92
N ARG E 56 10.96 -17.36 10.99
CA ARG E 56 9.65 -17.07 10.40
C ARG E 56 9.64 -17.34 8.88
N LEU E 57 10.68 -16.89 8.18
CA LEU E 57 10.73 -17.05 6.73
C LEU E 57 10.85 -18.52 6.33
N ASN E 58 11.62 -19.30 7.08
CA ASN E 58 11.72 -20.73 6.82
C ASN E 58 10.36 -21.39 6.99
N GLY E 59 9.63 -21.02 8.04
CA GLY E 59 8.28 -21.55 8.20
C GLY E 59 7.39 -21.21 7.01
N ILE E 60 7.56 -20.01 6.44
CA ILE E 60 6.76 -19.65 5.27
C ILE E 60 7.18 -20.46 4.04
N LEU E 61 8.49 -20.63 3.83
CA LEU E 61 8.99 -21.17 2.56
C LEU E 61 8.97 -22.69 2.48
N THR E 62 8.97 -23.41 3.61
CA THR E 62 9.05 -24.87 3.56
C THR E 62 7.93 -25.53 2.75
N PRO E 63 6.64 -25.18 2.92
CA PRO E 63 5.60 -25.87 2.14
C PRO E 63 5.74 -25.71 0.62
N ILE E 64 6.23 -24.57 0.14
CA ILE E 64 6.39 -24.38 -1.30
C ILE E 64 7.40 -25.38 -1.85
N LYS E 65 8.55 -25.52 -1.17
CA LYS E 65 9.53 -26.50 -1.59
C LYS E 65 8.95 -27.91 -1.52
N GLY E 66 8.20 -28.21 -0.47
CA GLY E 66 7.56 -29.52 -0.39
C GLY E 66 6.65 -29.80 -1.58
N ALA E 67 5.87 -28.80 -1.99
CA ALA E 67 4.96 -28.99 -3.12
C ALA E 67 5.72 -29.16 -4.43
N LEU E 68 6.86 -28.46 -4.60
CA LEU E 68 7.64 -28.64 -5.82
C LEU E 68 8.31 -30.02 -5.86
N GLU E 69 8.71 -30.54 -4.70
CA GLU E 69 9.41 -31.82 -4.67
C GLU E 69 8.56 -32.96 -5.21
N ILE E 70 7.22 -32.85 -5.08
CA ILE E 70 6.33 -33.92 -5.56
C ILE E 70 6.54 -34.16 -7.04
N TYR E 71 6.64 -33.10 -7.83
CA TYR E 71 6.90 -33.26 -9.26
C TYR E 71 8.38 -33.48 -9.55
N LYS E 72 9.27 -32.83 -8.78
CA LYS E 72 10.70 -32.96 -9.08
C LYS E 72 11.20 -34.40 -8.88
N ASN E 73 10.74 -35.07 -7.83
CA ASN E 73 11.22 -36.41 -7.52
C ASN E 73 10.61 -37.49 -8.41
N ASN E 74 9.56 -37.19 -9.16
CA ASN E 74 8.82 -38.21 -9.89
C ASN E 74 8.77 -37.91 -11.40
N THR E 75 9.83 -37.29 -11.92
CA THR E 75 9.90 -36.96 -13.35
C THR E 75 11.31 -37.29 -13.85
N HIS E 76 11.39 -38.04 -14.94
CA HIS E 76 12.68 -38.47 -15.49
C HIS E 76 12.62 -38.46 -17.00
N ASP E 77 13.80 -38.43 -17.63
CA ASP E 77 13.88 -38.48 -19.08
C ASP E 77 13.47 -39.86 -19.61
N LEU E 78 13.03 -39.89 -20.86
CA LEU E 78 12.61 -41.12 -21.51
C LEU E 78 13.74 -41.71 -22.33
N GLY E 86 9.99 -35.67 -24.46
CA GLY E 86 10.80 -36.83 -24.14
C GLY E 86 10.97 -37.04 -22.65
N VAL E 87 9.96 -36.63 -21.88
CA VAL E 87 9.98 -36.75 -20.43
C VAL E 87 8.72 -37.49 -19.99
N ILE E 88 8.85 -38.32 -18.96
CA ILE E 88 7.76 -39.17 -18.49
C ILE E 88 7.48 -38.88 -17.02
N MET E 89 6.20 -38.73 -16.69
CA MET E 89 5.76 -38.57 -15.31
C MET E 89 5.30 -39.91 -14.75
N ALA E 90 5.51 -40.09 -13.44
CA ALA E 90 5.05 -41.29 -12.74
C ALA E 90 3.64 -41.02 -12.23
N GLY E 91 2.63 -41.50 -12.96
CA GLY E 91 1.26 -41.19 -12.60
C GLY E 91 0.83 -41.78 -11.27
N VAL E 92 1.33 -42.97 -10.95
CA VAL E 92 0.97 -43.61 -9.68
C VAL E 92 1.45 -42.76 -8.50
N ALA E 93 2.70 -42.27 -8.57
CA ALA E 93 3.24 -41.47 -7.48
C ALA E 93 2.51 -40.13 -7.35
N ILE E 94 2.16 -39.50 -8.46
CA ILE E 94 1.46 -38.23 -8.41
C ILE E 94 0.06 -38.41 -7.83
N GLY E 95 -0.65 -39.43 -8.29
CA GLY E 95 -1.97 -39.75 -7.76
C GLY E 95 -3.12 -38.97 -8.37
N ILE E 96 -3.27 -37.71 -8.00
CA ILE E 96 -4.40 -36.88 -8.42
C ILE E 96 -3.86 -35.55 -8.93
N ALA E 97 -4.30 -35.14 -10.12
CA ALA E 97 -3.81 -33.90 -10.73
C ALA E 97 -4.71 -33.50 -11.88
N THR E 98 -4.84 -32.20 -12.10
CA THR E 98 -5.48 -31.65 -13.28
C THR E 98 -4.50 -31.61 -14.45
N ALA E 99 -5.04 -31.40 -15.65
CA ALA E 99 -4.19 -31.32 -16.84
C ALA E 99 -3.23 -30.13 -16.76
N ALA E 100 -3.72 -28.99 -16.28
CA ALA E 100 -2.87 -27.80 -16.18
C ALA E 100 -1.69 -28.04 -15.24
N GLN E 101 -1.94 -28.74 -14.13
CA GLN E 101 -0.86 -29.02 -13.18
C GLN E 101 0.21 -29.90 -13.81
N ILE E 102 -0.20 -30.92 -14.56
CA ILE E 102 0.75 -31.82 -15.22
C ILE E 102 1.57 -31.06 -16.26
N THR E 103 0.92 -30.21 -17.05
CA THR E 103 1.65 -29.39 -18.02
C THR E 103 2.66 -28.47 -17.33
N ALA E 104 2.25 -27.85 -16.23
CA ALA E 104 3.19 -27.02 -15.47
C ALA E 104 4.34 -27.83 -14.90
N GLY E 105 4.10 -29.08 -14.53
CA GLY E 105 5.19 -29.95 -14.09
C GLY E 105 6.19 -30.23 -15.19
N VAL E 106 5.69 -30.46 -16.41
CA VAL E 106 6.60 -30.61 -17.56
C VAL E 106 7.44 -29.36 -17.73
N ALA E 107 6.81 -28.18 -17.64
CA ALA E 107 7.56 -26.93 -17.77
C ALA E 107 8.63 -26.81 -16.67
N LEU E 108 8.29 -27.19 -15.45
CA LEU E 108 9.24 -27.14 -14.34
C LEU E 108 10.45 -28.04 -14.62
N TYR E 109 10.20 -29.25 -15.11
CA TYR E 109 11.30 -30.14 -15.45
C TYR E 109 12.19 -29.52 -16.53
N GLU E 110 11.58 -28.84 -17.49
CA GLU E 110 12.38 -28.18 -18.53
C GLU E 110 13.25 -27.06 -17.93
N ALA E 111 12.72 -26.32 -16.95
CA ALA E 111 13.46 -25.20 -16.37
C ALA E 111 14.59 -25.63 -15.43
N MET E 112 14.53 -26.86 -14.89
CA MET E 112 15.56 -27.27 -13.95
C MET E 112 16.98 -27.24 -14.54
N LYS E 113 17.11 -27.39 -15.86
CA LYS E 113 18.41 -27.40 -16.49
C LYS E 113 19.13 -26.07 -16.30
N ASN E 114 18.44 -24.96 -16.54
CA ASN E 114 19.05 -23.65 -16.28
C ASN E 114 19.10 -23.35 -14.79
N ALA E 115 18.18 -23.94 -14.01
CA ALA E 115 18.24 -23.75 -12.55
C ALA E 115 19.56 -24.25 -11.98
N ASP E 116 20.05 -25.39 -12.48
CA ASP E 116 21.34 -25.92 -11.99
C ASP E 116 22.48 -24.94 -12.26
N ASN E 117 22.53 -24.41 -13.48
CA ASN E 117 23.58 -23.46 -13.84
C ASN E 117 23.52 -22.22 -12.94
N ILE E 118 22.30 -21.72 -12.68
CA ILE E 118 22.18 -20.58 -11.78
C ILE E 118 22.68 -20.93 -10.38
N ASN E 119 22.29 -22.10 -9.88
CA ASN E 119 22.68 -22.48 -8.52
C ASN E 119 24.18 -22.69 -8.39
N LYS E 120 24.89 -22.86 -9.50
CA LYS E 120 26.35 -22.82 -9.43
C LYS E 120 26.91 -21.49 -8.93
N LEU E 121 26.08 -20.45 -8.75
CA LEU E 121 26.52 -19.13 -8.33
C LEU E 121 26.08 -18.79 -6.91
N LYS E 122 25.96 -19.79 -6.05
CA LYS E 122 25.37 -19.59 -4.73
C LYS E 122 26.17 -18.61 -3.88
N SER E 123 27.50 -18.76 -3.85
CA SER E 123 28.33 -17.88 -3.02
C SER E 123 28.26 -16.44 -3.49
N SER E 124 28.27 -16.22 -4.82
CA SER E 124 28.13 -14.86 -5.34
C SER E 124 26.76 -14.29 -5.03
N ILE E 125 25.71 -15.11 -5.11
CA ILE E 125 24.36 -14.63 -4.78
C ILE E 125 24.28 -14.19 -3.33
N GLU E 126 24.88 -14.97 -2.42
CA GLU E 126 24.79 -14.65 -1.00
C GLU E 126 25.48 -13.33 -0.66
N SER E 127 26.49 -12.93 -1.43
CA SER E 127 27.32 -11.79 -1.07
C SER E 127 26.92 -10.48 -1.74
N THR E 128 25.83 -10.46 -2.52
CA THR E 128 25.40 -9.20 -3.13
C THR E 128 24.99 -8.20 -2.04
N ASN E 129 25.31 -6.93 -2.28
N ASN E 129 25.34 -6.93 -2.26
CA ASN E 129 25.08 -5.87 -1.30
CA ASN E 129 25.03 -5.89 -1.27
C ASN E 129 24.35 -4.68 -1.90
C ASN E 129 24.35 -4.68 -1.90
N GLU E 130 23.71 -4.84 -3.06
CA GLU E 130 22.96 -3.79 -3.71
C GLU E 130 21.59 -4.33 -4.10
N ALA E 131 20.64 -3.40 -4.30
CA ALA E 131 19.27 -3.80 -4.60
C ALA E 131 19.17 -4.57 -5.91
N VAL E 132 19.92 -4.15 -6.93
CA VAL E 132 19.92 -4.80 -8.24
C VAL E 132 21.36 -5.07 -8.65
N VAL E 133 21.68 -6.33 -8.98
CA VAL E 133 23.02 -6.71 -9.38
C VAL E 133 22.94 -7.67 -10.56
N LYS E 134 23.80 -7.49 -11.56
CA LYS E 134 23.91 -8.43 -12.67
C LYS E 134 25.18 -9.25 -12.49
N LEU E 135 25.03 -10.56 -12.27
CA LEU E 135 26.16 -11.48 -12.18
C LEU E 135 26.43 -12.05 -13.57
N GLN E 136 27.66 -11.88 -14.04
CA GLN E 136 28.06 -12.30 -15.38
C GLN E 136 29.43 -12.98 -15.27
N GLU E 137 29.43 -14.30 -15.03
CA GLU E 137 30.65 -15.07 -14.96
C GLU E 137 31.02 -15.71 -16.30
N THR E 138 30.11 -16.45 -16.91
CA THR E 138 30.29 -17.04 -18.22
C THR E 138 29.03 -16.80 -19.04
N ALA E 139 29.05 -17.30 -20.28
CA ALA E 139 27.87 -17.17 -21.13
C ALA E 139 26.67 -17.91 -20.56
N GLU E 140 26.90 -19.04 -19.89
CA GLU E 140 25.81 -19.79 -19.28
C GLU E 140 25.51 -19.38 -17.85
N LYS E 141 26.51 -18.86 -17.12
CA LYS E 141 26.33 -18.45 -15.74
C LYS E 141 26.17 -16.93 -15.70
N THR E 142 24.97 -16.48 -16.05
CA THR E 142 24.63 -15.05 -16.06
C THR E 142 23.19 -14.90 -15.58
N VAL E 143 22.97 -13.99 -14.62
CA VAL E 143 21.63 -13.78 -14.08
C VAL E 143 21.56 -12.48 -13.28
N TYR E 144 20.37 -11.89 -13.18
CA TYR E 144 20.14 -10.73 -12.32
C TYR E 144 19.66 -11.18 -10.94
N VAL E 145 20.07 -10.42 -9.92
CA VAL E 145 19.68 -10.66 -8.53
C VAL E 145 19.04 -9.39 -7.98
N LEU E 146 17.83 -9.54 -7.44
CA LEU E 146 17.08 -8.46 -6.80
C LEU E 146 16.92 -8.79 -5.33
N THR E 147 17.28 -7.84 -4.44
CA THR E 147 17.29 -8.08 -3.00
C THR E 147 16.31 -7.14 -2.32
N ALA E 148 15.39 -7.71 -1.54
CA ALA E 148 14.40 -6.93 -0.83
C ALA E 148 15.02 -6.18 0.34
N LEU E 149 14.57 -4.94 0.55
CA LEU E 149 14.92 -4.06 1.66
C LEU E 149 16.37 -3.58 1.64
N GLN E 150 17.17 -3.98 0.65
CA GLN E 150 18.57 -3.55 0.63
C GLN E 150 18.69 -2.04 0.44
N ASP E 151 17.80 -1.46 -0.38
CA ASP E 151 17.84 -0.02 -0.60
C ASP E 151 17.56 0.76 0.69
N TYR E 152 16.58 0.31 1.48
CA TYR E 152 16.27 0.97 2.74
C TYR E 152 17.48 0.93 3.68
N ILE E 153 18.12 -0.24 3.79
CA ILE E 153 19.29 -0.37 4.66
C ILE E 153 20.43 0.54 4.18
N ASN E 154 20.70 0.53 2.88
CA ASN E 154 21.82 1.29 2.35
C ASN E 154 21.58 2.79 2.45
N THR E 155 20.34 3.26 2.28
CA THR E 155 20.08 4.68 2.20
C THR E 155 19.71 5.31 3.55
N ASN E 156 19.08 4.56 4.45
CA ASN E 156 18.55 5.13 5.68
C ASN E 156 19.30 4.70 6.94
N LEU E 157 19.59 3.40 7.08
CA LEU E 157 20.13 2.90 8.34
C LEU E 157 21.65 3.03 8.43
N VAL E 158 22.38 2.61 7.40
CA VAL E 158 23.84 2.73 7.42
C VAL E 158 24.30 4.18 7.58
N PRO E 159 23.75 5.17 6.84
CA PRO E 159 24.23 6.54 7.03
C PRO E 159 23.95 7.14 8.40
N THR E 160 23.00 6.61 9.17
CA THR E 160 22.65 7.17 10.47
C THR E 160 23.30 6.44 11.64
N ILE E 161 24.25 5.54 11.37
CA ILE E 161 24.96 4.87 12.46
C ILE E 161 25.68 5.89 13.32
N ASP E 162 25.48 5.79 14.64
CA ASP E 162 26.09 6.64 15.66
C ASP E 162 25.46 8.03 15.71
N LYS E 163 24.58 8.35 14.76
CA LYS E 163 23.70 9.51 14.94
C LYS E 163 22.50 9.16 15.80
N ILE E 164 22.09 7.90 15.76
CA ILE E 164 21.09 7.34 16.68
C ILE E 164 21.76 6.19 17.42
N SER E 165 21.11 5.72 18.47
CA SER E 165 21.68 4.63 19.25
C SER E 165 21.57 3.31 18.50
N CYS E 166 22.42 2.36 18.91
CA CYS E 166 22.41 1.02 18.31
C CYS E 166 21.08 0.32 18.56
N LYS E 167 20.50 0.54 19.74
CA LYS E 167 19.18 -0.02 20.06
C LYS E 167 18.11 0.48 19.11
N GLN E 168 18.13 1.79 18.81
CA GLN E 168 17.17 2.36 17.87
C GLN E 168 17.33 1.79 16.47
N THR E 169 18.58 1.65 16.01
CA THR E 169 18.84 1.05 14.70
C THR E 169 18.30 -0.37 14.62
N GLU E 170 18.56 -1.16 15.67
CA GLU E 170 18.06 -2.54 15.71
C GLU E 170 16.54 -2.57 15.63
N LEU E 171 15.87 -1.71 16.40
CA LEU E 171 14.41 -1.69 16.37
C LEU E 171 13.88 -1.31 14.99
N SER E 172 14.50 -0.30 14.36
CA SER E 172 14.07 0.09 13.02
C SER E 172 14.19 -1.06 12.03
N LEU E 173 15.33 -1.77 12.06
CA LEU E 173 15.50 -2.93 11.18
C LEU E 173 14.43 -3.98 11.42
N ASP E 174 14.16 -4.29 12.69
CA ASP E 174 13.16 -5.30 13.01
C ASP E 174 11.77 -4.90 12.48
N LEU E 175 11.40 -3.63 12.67
CA LEU E 175 10.10 -3.17 12.19
C LEU E 175 10.01 -3.26 10.67
N ALA E 176 11.08 -2.89 9.96
CA ALA E 176 11.06 -2.99 8.50
C ALA E 176 10.86 -4.42 8.05
N LEU E 177 11.59 -5.36 8.66
CA LEU E 177 11.42 -6.78 8.29
C LEU E 177 10.00 -7.27 8.58
N SER E 178 9.44 -6.87 9.73
CA SER E 178 8.08 -7.30 10.08
C SER E 178 7.05 -6.76 9.11
N LYS E 179 7.19 -5.50 8.69
CA LYS E 179 6.27 -4.95 7.70
C LYS E 179 6.39 -5.70 6.37
N TYR E 180 7.63 -6.04 5.97
CA TYR E 180 7.83 -6.82 4.74
C TYR E 180 7.10 -8.16 4.81
N LEU E 181 7.22 -8.87 5.94
CA LEU E 181 6.52 -10.15 6.09
C LEU E 181 5.01 -9.97 6.08
N SER E 182 4.51 -8.92 6.75
CA SER E 182 3.08 -8.65 6.77
C SER E 182 2.53 -8.47 5.35
N ASP E 183 3.29 -7.77 4.50
CA ASP E 183 2.85 -7.62 3.11
C ASP E 183 3.02 -8.90 2.31
N LEU E 184 4.05 -9.69 2.60
CA LEU E 184 4.34 -10.89 1.81
C LEU E 184 3.31 -12.00 2.02
N LEU E 185 2.75 -12.09 3.23
CA LEU E 185 1.96 -13.27 3.59
C LEU E 185 0.73 -13.46 2.69
N PHE E 186 0.16 -12.37 2.16
CA PHE E 186 -1.04 -12.52 1.34
C PHE E 186 -0.77 -13.32 0.07
N VAL E 187 0.38 -13.06 -0.57
CA VAL E 187 0.69 -13.75 -1.82
C VAL E 187 1.36 -15.09 -1.56
N PHE E 188 2.33 -15.16 -0.65
CA PHE E 188 3.14 -16.37 -0.51
C PHE E 188 2.74 -17.23 0.69
N GLY E 189 1.60 -16.96 1.32
CA GLY E 189 1.18 -17.72 2.48
C GLY E 189 0.40 -18.96 2.13
N PRO E 190 -0.46 -19.41 3.06
CA PRO E 190 -1.26 -20.62 2.81
C PRO E 190 -2.20 -20.50 1.62
N ASN E 191 -2.52 -19.29 1.16
CA ASN E 191 -3.32 -19.15 -0.05
C ASN E 191 -2.66 -19.76 -1.27
N LEU E 192 -1.34 -19.95 -1.24
CA LEU E 192 -0.59 -20.55 -2.34
C LEU E 192 -0.43 -22.04 -2.08
N GLN E 193 -1.50 -22.79 -2.35
CA GLN E 193 -1.46 -24.24 -2.18
C GLN E 193 -1.04 -24.98 -3.45
N ASP E 194 -0.95 -24.28 -4.59
CA ASP E 194 -0.61 -24.90 -5.88
C ASP E 194 0.49 -24.08 -6.54
N PRO E 195 1.74 -24.19 -6.07
CA PRO E 195 2.84 -23.48 -6.74
C PRO E 195 3.26 -24.09 -8.06
N VAL E 196 2.81 -25.29 -8.40
CA VAL E 196 3.16 -25.91 -9.69
C VAL E 196 2.10 -25.42 -10.67
N SER E 197 2.32 -24.23 -11.20
CA SER E 197 1.43 -23.59 -12.16
C SER E 197 2.18 -22.41 -12.78
N ASN E 198 1.63 -21.89 -13.87
CA ASN E 198 2.20 -20.72 -14.52
C ASN E 198 1.14 -19.65 -14.76
N SER E 199 0.18 -19.53 -13.85
CA SER E 199 -0.90 -18.56 -13.98
C SER E 199 -0.76 -17.35 -13.08
N MET E 200 0.19 -17.34 -12.15
CA MET E 200 0.38 -16.20 -11.26
C MET E 200 0.98 -15.03 -12.03
N THR E 201 0.40 -13.84 -11.86
CA THR E 201 0.85 -12.66 -12.59
C THR E 201 2.20 -12.17 -12.05
N ILE E 202 2.91 -11.43 -12.91
CA ILE E 202 4.19 -10.85 -12.49
C ILE E 202 3.99 -9.79 -11.42
N GLN E 203 2.85 -9.09 -11.44
CA GLN E 203 2.56 -8.11 -10.40
C GLN E 203 2.49 -8.77 -9.03
N ALA E 204 1.84 -9.93 -8.94
CA ALA E 204 1.76 -10.65 -7.66
C ALA E 204 3.12 -11.17 -7.23
N ILE E 205 3.91 -11.69 -8.17
CA ILE E 205 5.24 -12.20 -7.85
C ILE E 205 6.15 -11.08 -7.35
N SER E 206 5.95 -9.86 -7.86
CA SER E 206 6.82 -8.75 -7.48
C SER E 206 6.67 -8.34 -6.01
N GLN E 207 5.66 -8.85 -5.30
CA GLN E 207 5.53 -8.56 -3.87
C GLN E 207 6.73 -9.05 -3.09
N ALA E 208 7.42 -10.09 -3.59
CA ALA E 208 8.67 -10.51 -2.97
C ALA E 208 9.78 -9.47 -3.12
N PHE E 209 9.61 -8.49 -4.00
CA PHE E 209 10.52 -7.37 -4.18
C PHE E 209 9.81 -6.05 -3.91
N GLY E 210 8.91 -6.05 -2.93
CA GLY E 210 8.23 -4.83 -2.53
C GLY E 210 7.18 -4.31 -3.49
N GLY E 211 6.80 -5.11 -4.50
CA GLY E 211 5.79 -4.67 -5.45
C GLY E 211 6.29 -3.80 -6.58
N ASN E 212 7.61 -3.77 -6.83
CA ASN E 212 8.18 -2.93 -7.88
C ASN E 212 8.45 -3.80 -9.12
N TYR E 213 7.37 -4.09 -9.85
CA TYR E 213 7.52 -4.92 -11.05
C TYR E 213 8.11 -4.17 -12.23
N GLU E 214 8.10 -2.84 -12.21
CA GLU E 214 8.70 -2.07 -13.30
C GLU E 214 10.19 -2.36 -13.42
N THR E 215 10.92 -2.34 -12.30
CA THR E 215 12.34 -2.64 -12.31
C THR E 215 12.61 -4.08 -12.76
N LEU E 216 11.80 -5.02 -12.25
CA LEU E 216 11.94 -6.42 -12.64
C LEU E 216 11.81 -6.59 -14.14
N LEU E 217 10.79 -5.96 -14.74
CA LEU E 217 10.61 -6.05 -16.18
C LEU E 217 11.72 -5.33 -16.94
N ARG E 218 12.25 -4.23 -16.40
CA ARG E 218 13.36 -3.55 -17.06
C ARG E 218 14.59 -4.44 -17.15
N THR E 219 14.84 -5.27 -16.13
CA THR E 219 16.01 -6.16 -16.20
C THR E 219 15.92 -7.15 -17.35
N LEU E 220 14.72 -7.48 -17.83
CA LEU E 220 14.59 -8.43 -18.93
C LEU E 220 15.16 -7.87 -20.22
N GLY E 221 14.99 -6.56 -20.45
CA GLY E 221 15.53 -5.91 -21.63
C GLY E 221 14.68 -5.99 -22.87
N TYR E 222 13.41 -6.39 -22.77
CA TYR E 222 12.55 -6.49 -23.92
C TYR E 222 12.06 -5.12 -24.37
N ALA E 223 11.43 -5.09 -25.54
CA ALA E 223 10.84 -3.86 -26.09
C ALA E 223 9.69 -4.24 -27.00
N THR E 224 8.53 -3.66 -26.75
CA THR E 224 7.34 -3.95 -27.55
C THR E 224 6.34 -2.82 -27.38
N GLU E 225 5.53 -2.59 -28.42
CA GLU E 225 4.52 -1.55 -28.38
C GLU E 225 3.29 -1.96 -27.57
N ASP E 226 3.05 -3.26 -27.38
CA ASP E 226 1.91 -3.77 -26.64
C ASP E 226 2.24 -4.02 -25.16
N PHE E 227 3.24 -3.34 -24.61
CA PHE E 227 3.72 -3.65 -23.28
C PHE E 227 2.65 -3.39 -22.22
N ASP E 228 2.06 -2.20 -22.21
CA ASP E 228 1.05 -1.88 -21.21
C ASP E 228 -0.19 -2.76 -21.38
N ASP E 229 -0.59 -3.04 -22.61
CA ASP E 229 -1.74 -3.91 -22.85
C ASP E 229 -1.46 -5.33 -22.34
N LEU E 230 -0.23 -5.82 -22.56
CA LEU E 230 0.14 -7.13 -22.01
C LEU E 230 0.08 -7.13 -20.49
N LEU E 231 0.59 -6.06 -19.87
CA LEU E 231 0.59 -5.98 -18.40
C LEU E 231 -0.83 -5.97 -17.84
N GLU E 232 -1.69 -5.08 -18.35
CA GLU E 232 -3.00 -4.87 -17.75
C GLU E 232 -4.00 -5.97 -18.08
N SER E 233 -3.72 -6.83 -19.06
CA SER E 233 -4.55 -7.97 -19.34
C SER E 233 -4.14 -9.21 -18.56
N ASP E 234 -3.18 -9.06 -17.62
CA ASP E 234 -2.67 -10.17 -16.81
C ASP E 234 -2.14 -11.31 -17.68
N SER E 235 -1.36 -10.94 -18.71
CA SER E 235 -0.79 -11.92 -19.62
C SER E 235 0.68 -12.23 -19.35
N ILE E 236 1.37 -11.42 -18.55
CA ILE E 236 2.76 -11.68 -18.18
C ILE E 236 2.76 -12.41 -16.85
N THR E 237 3.19 -13.66 -16.86
CA THR E 237 3.13 -14.54 -15.70
C THR E 237 4.51 -15.08 -15.33
N GLY E 238 4.57 -15.75 -14.19
CA GLY E 238 5.82 -16.33 -13.72
C GLY E 238 5.58 -17.59 -12.93
N GLN E 239 6.64 -18.41 -12.80
CA GLN E 239 6.58 -19.69 -12.12
C GLN E 239 7.81 -19.86 -11.24
N ILE E 240 7.58 -20.34 -10.02
CA ILE E 240 8.69 -20.63 -9.10
C ILE E 240 9.34 -21.95 -9.50
N ILE E 241 10.65 -21.91 -9.72
CA ILE E 241 11.38 -23.09 -10.16
C ILE E 241 12.25 -23.70 -9.07
N TYR E 242 12.77 -22.91 -8.13
CA TYR E 242 13.69 -23.40 -7.12
C TYR E 242 13.61 -22.52 -5.88
N VAL E 243 13.70 -23.15 -4.71
CA VAL E 243 13.66 -22.48 -3.41
C VAL E 243 14.86 -22.95 -2.60
N ASP E 244 15.66 -22.01 -2.11
CA ASP E 244 16.80 -22.33 -1.25
C ASP E 244 16.45 -21.99 0.20
N LEU E 245 16.48 -23.00 1.07
CA LEU E 245 16.10 -22.83 2.46
C LEU E 245 17.27 -22.50 3.38
N SER E 246 18.49 -22.42 2.85
CA SER E 246 19.66 -22.03 3.63
C SER E 246 20.15 -20.64 3.30
N SER E 247 20.07 -20.23 2.04
CA SER E 247 20.41 -18.87 1.63
C SER E 247 19.18 -17.98 1.47
N TYR E 248 17.98 -18.56 1.46
CA TYR E 248 16.72 -17.82 1.42
C TYR E 248 16.59 -16.98 0.15
N TYR E 249 16.59 -17.66 -0.99
CA TYR E 249 16.28 -17.03 -2.26
C TYR E 249 15.44 -17.97 -3.11
N ILE E 250 14.79 -17.40 -4.13
CA ILE E 250 13.99 -18.18 -5.07
C ILE E 250 14.41 -17.85 -6.49
N ILE E 251 14.18 -18.80 -7.39
CA ILE E 251 14.39 -18.62 -8.82
C ILE E 251 13.03 -18.63 -9.51
N VAL E 252 12.77 -17.61 -10.33
CA VAL E 252 11.48 -17.44 -10.99
C VAL E 252 11.71 -17.37 -12.49
N ARG E 253 10.93 -18.13 -13.24
CA ARG E 253 10.92 -18.06 -14.71
C ARG E 253 9.73 -17.21 -15.17
N VAL E 254 10.01 -16.19 -15.98
CA VAL E 254 9.02 -15.25 -16.47
C VAL E 254 8.67 -15.60 -17.92
N TYR E 255 7.38 -15.60 -18.22
CA TYR E 255 6.84 -15.87 -19.54
C TYR E 255 6.32 -14.57 -20.15
N PHE E 256 6.85 -14.21 -21.31
CA PHE E 256 6.56 -12.95 -21.99
C PHE E 256 5.96 -13.25 -23.35
N PRO E 257 4.64 -13.18 -23.49
CA PRO E 257 4.01 -13.58 -24.77
C PRO E 257 3.80 -12.42 -25.74
N ILE E 258 3.27 -12.75 -26.92
CA ILE E 258 2.78 -11.76 -27.86
C ILE E 258 1.26 -11.85 -27.90
N LEU E 259 0.63 -10.87 -28.54
CA LEU E 259 -0.82 -10.83 -28.71
C LEU E 259 -1.16 -11.11 -30.17
N THR E 260 -2.00 -12.12 -30.40
CA THR E 260 -2.43 -12.47 -31.75
C THR E 260 -3.91 -12.17 -31.92
N GLU E 261 -4.26 -11.62 -33.07
CA GLU E 261 -5.63 -11.24 -33.40
C GLU E 261 -6.35 -12.40 -34.06
N ILE E 262 -7.52 -12.74 -33.53
CA ILE E 262 -8.37 -13.76 -34.15
C ILE E 262 -8.98 -13.17 -35.41
N GLN E 263 -8.82 -13.86 -36.54
CA GLN E 263 -8.98 -13.24 -37.84
C GLN E 263 -10.43 -12.84 -38.12
N GLN E 264 -11.35 -13.81 -38.10
CA GLN E 264 -12.73 -13.58 -38.54
C GLN E 264 -13.66 -13.34 -37.35
N ALA E 265 -13.18 -12.63 -36.33
CA ALA E 265 -13.94 -12.41 -35.11
C ALA E 265 -14.00 -10.93 -34.77
N TYR E 266 -15.09 -10.54 -34.12
CA TYR E 266 -15.21 -9.19 -33.60
C TYR E 266 -16.18 -9.17 -32.43
N ILE E 267 -16.13 -8.08 -31.67
CA ILE E 267 -16.96 -7.89 -30.48
C ILE E 267 -17.74 -6.59 -30.64
N GLN E 268 -19.07 -6.68 -30.59
CA GLN E 268 -19.95 -5.55 -30.80
C GLN E 268 -20.54 -5.11 -29.48
N GLU E 269 -20.52 -3.80 -29.23
CA GLU E 269 -21.08 -3.20 -28.02
C GLU E 269 -22.43 -2.55 -28.32
N LEU E 270 -23.35 -2.64 -27.36
CA LEU E 270 -24.66 -2.01 -27.46
C LEU E 270 -24.84 -1.04 -26.30
N LEU E 271 -25.35 0.16 -26.61
CA LEU E 271 -25.58 1.20 -25.63
C LEU E 271 -27.04 1.22 -25.25
N PRO E 272 -27.39 1.03 -23.97
CA PRO E 272 -28.80 0.97 -23.59
C PRO E 272 -29.42 2.34 -23.33
N VAL E 273 -30.64 2.52 -23.81
CA VAL E 273 -31.41 3.74 -23.67
C VAL E 273 -32.85 3.38 -23.30
N SER E 274 -33.43 4.12 -22.37
CA SER E 274 -34.81 3.85 -21.96
C SER E 274 -35.79 4.25 -23.06
N PHE E 275 -36.93 3.55 -23.10
CA PHE E 275 -37.94 3.80 -24.12
C PHE E 275 -39.32 3.79 -23.48
N ASN E 276 -40.30 4.31 -24.21
CA ASN E 276 -41.65 4.54 -23.70
C ASN E 276 -42.60 3.46 -24.18
N ASN E 277 -43.43 2.95 -23.26
CA ASN E 277 -44.50 2.02 -23.62
C ASN E 277 -45.55 2.03 -22.52
N ASP E 278 -46.80 2.32 -22.89
CA ASP E 278 -47.95 2.26 -21.98
C ASP E 278 -47.76 3.17 -20.77
N ASN E 279 -47.39 4.43 -21.05
CA ASN E 279 -47.23 5.46 -20.01
C ASN E 279 -46.23 5.03 -18.94
N SER E 280 -45.15 4.38 -19.36
CA SER E 280 -44.10 3.97 -18.43
C SER E 280 -42.78 3.86 -19.18
N GLU E 281 -41.70 3.84 -18.42
CA GLU E 281 -40.34 3.83 -18.94
C GLU E 281 -39.71 2.46 -18.71
N TRP E 282 -39.05 1.94 -19.76
CA TRP E 282 -38.55 0.57 -19.74
C TRP E 282 -37.11 0.52 -20.22
N ILE E 283 -36.45 -0.59 -19.92
CA ILE E 283 -35.09 -0.86 -20.37
C ILE E 283 -34.99 -2.33 -20.78
N SER E 284 -34.35 -2.59 -21.92
CA SER E 284 -34.24 -3.95 -22.43
C SER E 284 -33.12 -4.71 -21.71
N ILE E 285 -33.39 -5.97 -21.39
CA ILE E 285 -32.45 -6.84 -20.69
C ILE E 285 -31.78 -7.73 -21.73
N VAL E 286 -30.66 -7.24 -22.28
CA VAL E 286 -29.92 -7.90 -23.35
C VAL E 286 -28.44 -7.72 -23.05
N PRO E 287 -27.58 -8.70 -23.32
CA PRO E 287 -26.13 -8.50 -23.10
C PRO E 287 -25.60 -7.34 -23.95
N ASN E 288 -24.73 -6.54 -23.34
CA ASN E 288 -24.20 -5.35 -23.99
C ASN E 288 -22.96 -5.62 -24.86
N PHE E 289 -22.32 -6.78 -24.70
CA PHE E 289 -21.19 -7.16 -25.55
C PHE E 289 -21.48 -8.52 -26.18
N ILE E 290 -21.34 -8.60 -27.50
CA ILE E 290 -21.65 -9.81 -28.25
C ILE E 290 -20.44 -10.20 -29.08
N LEU E 291 -20.04 -11.48 -29.00
CA LEU E 291 -18.91 -11.98 -29.76
C LEU E 291 -19.41 -12.68 -31.02
N VAL E 292 -18.84 -12.32 -32.17
CA VAL E 292 -19.17 -12.96 -33.44
C VAL E 292 -17.88 -13.57 -34.00
N ARG E 293 -17.89 -14.89 -34.16
CA ARG E 293 -16.75 -15.63 -34.71
C ARG E 293 -17.25 -16.51 -35.85
N ASN E 294 -16.75 -16.24 -37.06
CA ASN E 294 -17.14 -17.01 -38.25
C ASN E 294 -18.65 -17.04 -38.42
N THR E 295 -19.29 -15.90 -38.16
CA THR E 295 -20.75 -15.73 -38.24
C THR E 295 -21.49 -16.60 -37.23
N LEU E 296 -20.85 -16.92 -36.11
CA LEU E 296 -21.51 -17.56 -34.97
C LEU E 296 -21.53 -16.58 -33.81
N ILE E 297 -22.71 -16.46 -33.18
CA ILE E 297 -22.96 -15.48 -32.12
C ILE E 297 -22.83 -16.16 -30.77
N SER E 298 -22.14 -15.51 -29.84
CA SER E 298 -22.03 -16.03 -28.49
C SER E 298 -21.84 -14.89 -27.50
N ASN E 299 -22.03 -15.23 -26.23
CA ASN E 299 -21.70 -14.35 -25.11
C ASN E 299 -20.19 -14.36 -24.86
N ILE E 300 -19.75 -13.43 -24.02
CA ILE E 300 -18.34 -13.35 -23.63
C ILE E 300 -18.27 -12.85 -22.20
N GLU E 301 -17.41 -13.48 -21.39
CA GLU E 301 -17.21 -13.09 -20.00
C GLU E 301 -16.19 -11.94 -19.96
N ILE E 302 -16.63 -10.78 -20.43
CA ILE E 302 -15.73 -9.66 -20.68
C ILE E 302 -15.18 -9.05 -19.40
N GLY E 303 -15.72 -9.42 -18.24
CA GLY E 303 -15.17 -8.92 -16.98
C GLY E 303 -13.75 -9.35 -16.71
N PHE E 304 -13.30 -10.44 -17.32
CA PHE E 304 -11.93 -10.92 -17.17
C PHE E 304 -10.98 -10.36 -18.21
N CYS E 305 -11.46 -9.58 -19.18
CA CYS E 305 -10.65 -9.07 -20.26
C CYS E 305 -10.36 -7.59 -20.07
N LEU E 306 -9.51 -7.06 -20.96
CA LEU E 306 -9.18 -5.64 -20.99
C LEU E 306 -9.81 -5.00 -22.21
N ILE E 307 -10.59 -3.95 -21.98
CA ILE E 307 -11.30 -3.24 -23.05
C ILE E 307 -10.53 -1.97 -23.38
N THR E 308 -10.01 -1.88 -24.59
CA THR E 308 -9.35 -0.68 -25.07
C THR E 308 -10.25 0.00 -26.10
N LYS E 309 -9.72 1.06 -26.70
CA LYS E 309 -10.49 1.81 -27.70
C LYS E 309 -10.74 0.97 -28.95
N ARG E 310 -9.75 0.19 -29.37
CA ARG E 310 -9.82 -0.52 -30.65
C ARG E 310 -9.94 -2.03 -30.53
N SER E 311 -9.76 -2.61 -29.34
CA SER E 311 -9.75 -4.07 -29.26
C SER E 311 -10.06 -4.53 -27.85
N VAL E 312 -10.42 -5.81 -27.74
CA VAL E 312 -10.59 -6.50 -26.48
C VAL E 312 -9.46 -7.51 -26.34
N ILE E 313 -8.72 -7.44 -25.24
CA ILE E 313 -7.51 -8.22 -25.04
C ILE E 313 -7.70 -9.15 -23.84
N CYS E 314 -7.49 -10.44 -24.04
CA CYS E 314 -7.71 -11.45 -23.02
C CYS E 314 -6.54 -12.42 -22.97
N ASN E 315 -6.32 -13.02 -21.80
CA ASN E 315 -5.30 -14.03 -21.63
C ASN E 315 -5.76 -15.44 -21.98
N GLN E 316 -7.03 -15.60 -22.38
CA GLN E 316 -7.58 -16.87 -22.82
C GLN E 316 -8.92 -16.58 -23.49
N ASP E 317 -9.48 -17.61 -24.12
CA ASP E 317 -10.77 -17.50 -24.79
C ASP E 317 -11.89 -17.57 -23.74
N TYR E 318 -12.66 -16.49 -23.62
CA TYR E 318 -13.71 -16.38 -22.61
C TYR E 318 -15.11 -16.48 -23.20
N ALA E 319 -15.25 -17.13 -24.35
CA ALA E 319 -16.56 -17.27 -24.99
C ALA E 319 -17.46 -18.22 -24.20
N THR E 320 -18.75 -17.92 -24.17
CA THR E 320 -19.76 -18.70 -23.48
C THR E 320 -21.00 -18.84 -24.35
N PRO E 321 -21.77 -19.92 -24.19
CA PRO E 321 -22.91 -20.15 -25.08
C PRO E 321 -24.08 -19.21 -24.79
N MET E 322 -25.01 -19.16 -25.74
CA MET E 322 -26.17 -18.29 -25.69
C MET E 322 -27.42 -19.08 -26.06
N THR E 323 -28.55 -18.74 -25.43
CA THR E 323 -29.80 -19.43 -25.69
C THR E 323 -30.33 -19.12 -27.09
N ASN E 324 -31.15 -20.03 -27.61
N ASN E 324 -31.15 -20.03 -27.61
CA ASN E 324 -31.73 -19.84 -28.93
CA ASN E 324 -31.73 -19.84 -28.93
C ASN E 324 -32.67 -18.64 -28.98
C ASN E 324 -32.68 -18.63 -28.98
N ASN E 325 -33.45 -18.42 -27.91
CA ASN E 325 -34.38 -17.29 -27.89
C ASN E 325 -33.64 -15.96 -27.91
N MET E 326 -32.53 -15.85 -27.15
CA MET E 326 -31.76 -14.61 -27.16
C MET E 326 -31.14 -14.37 -28.53
N ARG E 327 -30.61 -15.43 -29.16
CA ARG E 327 -30.07 -15.30 -30.51
C ARG E 327 -31.13 -14.88 -31.50
N GLU E 328 -32.36 -15.36 -31.33
CA GLU E 328 -33.47 -14.91 -32.18
C GLU E 328 -33.80 -13.44 -31.92
N CYS E 329 -33.74 -13.02 -30.66
CA CYS E 329 -33.98 -11.61 -30.34
C CYS E 329 -32.97 -10.71 -31.02
N LEU E 330 -31.69 -11.11 -31.00
CA LEU E 330 -30.64 -10.30 -31.60
C LEU E 330 -30.74 -10.23 -33.12
N THR E 331 -31.39 -11.20 -33.76
CA THR E 331 -31.50 -11.23 -35.21
C THR E 331 -32.78 -10.59 -35.74
N GLY E 332 -33.60 -10.01 -34.87
CA GLY E 332 -34.75 -9.23 -35.31
C GLY E 332 -36.09 -9.62 -34.70
N SER E 333 -36.17 -10.69 -33.92
CA SER E 333 -37.44 -11.08 -33.30
C SER E 333 -37.55 -10.37 -31.95
N THR E 334 -38.04 -9.12 -32.00
CA THR E 334 -38.03 -8.28 -30.80
C THR E 334 -39.09 -8.67 -29.78
N GLU E 335 -40.07 -9.49 -30.16
CA GLU E 335 -41.05 -9.95 -29.17
C GLU E 335 -40.45 -10.91 -28.15
N LYS E 336 -39.24 -11.41 -28.39
CA LYS E 336 -38.56 -12.29 -27.47
C LYS E 336 -37.50 -11.59 -26.63
N CYS E 337 -37.36 -10.28 -26.76
CA CYS E 337 -36.39 -9.54 -25.97
C CYS E 337 -37.06 -9.05 -24.69
N PRO E 338 -36.59 -9.47 -23.50
CA PRO E 338 -37.25 -9.06 -22.26
C PRO E 338 -36.97 -7.60 -21.93
N ARG E 339 -37.75 -7.08 -20.98
CA ARG E 339 -37.65 -5.69 -20.57
C ARG E 339 -37.96 -5.57 -19.08
N GLU E 340 -37.51 -4.47 -18.49
CA GLU E 340 -37.67 -4.22 -17.06
C GLU E 340 -38.06 -2.77 -16.84
N LEU E 341 -38.92 -2.55 -15.85
CA LEU E 341 -39.43 -1.22 -15.53
C LEU E 341 -38.32 -0.33 -14.96
N VAL E 342 -38.44 0.97 -15.22
CA VAL E 342 -37.48 1.97 -14.75
C VAL E 342 -38.13 2.77 -13.63
N VAL E 343 -37.46 2.81 -12.47
CA VAL E 343 -37.98 3.56 -11.33
C VAL E 343 -36.90 4.49 -10.78
N SER E 344 -35.86 4.75 -11.56
CA SER E 344 -34.76 5.60 -11.15
C SER E 344 -34.51 6.68 -12.19
N SER E 345 -33.96 7.80 -11.74
CA SER E 345 -33.68 8.94 -12.62
C SER E 345 -32.30 8.89 -13.26
N HIS E 346 -31.49 7.89 -12.94
CA HIS E 346 -30.12 7.81 -13.44
C HIS E 346 -30.00 7.07 -14.76
N VAL E 347 -31.07 6.46 -15.24
CA VAL E 347 -31.00 5.66 -16.48
C VAL E 347 -30.78 6.60 -17.67
N PRO E 348 -29.91 6.25 -18.62
CA PRO E 348 -29.71 7.11 -19.79
C PRO E 348 -30.98 7.28 -20.60
N ARG E 349 -31.14 8.49 -21.16
CA ARG E 349 -32.33 8.83 -21.93
C ARG E 349 -32.05 9.10 -23.41
N PHE E 350 -30.80 9.20 -23.84
CA PHE E 350 -30.50 9.39 -25.25
C PHE E 350 -29.06 8.95 -25.53
N ALA E 351 -28.78 8.74 -26.82
CA ALA E 351 -27.45 8.33 -27.26
C ALA E 351 -27.21 8.80 -28.68
N LEU E 352 -25.94 8.82 -29.08
CA LEU E 352 -25.50 9.26 -30.40
C LEU E 352 -24.76 8.12 -31.10
N SER E 353 -25.18 7.80 -32.32
CA SER E 353 -24.57 6.73 -33.09
C SER E 353 -24.39 7.18 -34.53
N ASN E 354 -23.15 7.20 -35.00
CA ASN E 354 -22.80 7.59 -36.36
C ASN E 354 -23.42 8.93 -36.75
N GLY E 355 -23.37 9.88 -35.81
CA GLY E 355 -23.89 11.21 -36.04
C GLY E 355 -25.40 11.35 -35.98
N VAL E 356 -26.11 10.33 -35.50
CA VAL E 356 -27.56 10.34 -35.44
C VAL E 356 -28.00 10.18 -33.99
N LEU E 357 -29.01 10.93 -33.59
CA LEU E 357 -29.48 10.91 -32.20
C LEU E 357 -30.64 9.94 -32.04
N PHE E 358 -30.61 9.15 -30.97
CA PHE E 358 -31.74 8.31 -30.58
C PHE E 358 -32.14 8.73 -29.17
N ALA E 359 -33.37 9.25 -29.03
CA ALA E 359 -33.75 9.93 -27.80
C ALA E 359 -35.19 9.60 -27.41
N ASN E 360 -35.42 9.47 -26.11
CA ASN E 360 -36.75 9.32 -25.53
C ASN E 360 -37.25 10.72 -25.19
N CYS E 361 -37.91 11.36 -26.16
CA CYS E 361 -38.31 12.75 -26.00
C CYS E 361 -39.60 12.92 -25.19
N ILE E 362 -40.22 11.83 -24.78
CA ILE E 362 -41.28 11.92 -23.78
C ILE E 362 -40.68 12.21 -22.40
N SER E 363 -39.54 11.59 -22.09
CA SER E 363 -38.90 11.73 -20.79
C SER E 363 -37.94 12.91 -20.72
N VAL E 364 -37.44 13.40 -21.84
CA VAL E 364 -36.51 14.52 -21.88
C VAL E 364 -37.02 15.53 -22.90
N THR E 365 -36.69 16.81 -22.66
CA THR E 365 -37.16 17.88 -23.53
C THR E 365 -36.25 17.98 -24.76
N CYS E 366 -36.84 17.87 -25.94
CA CYS E 366 -36.10 17.93 -27.20
C CYS E 366 -36.58 19.14 -27.99
N GLN E 367 -35.64 19.97 -28.46
CA GLN E 367 -35.96 21.16 -29.21
C GLN E 367 -35.09 21.22 -30.46
N CYS E 368 -35.59 21.86 -31.51
CA CYS E 368 -34.83 22.06 -32.72
C CYS E 368 -34.29 23.49 -32.75
N GLN E 369 -32.97 23.63 -32.73
CA GLN E 369 -32.35 24.96 -32.68
C GLN E 369 -32.52 25.71 -33.99
N THR E 370 -32.59 24.99 -35.11
CA THR E 370 -32.69 25.65 -36.41
C THR E 370 -33.97 26.47 -36.53
N THR E 371 -35.10 25.92 -36.08
CA THR E 371 -36.38 26.60 -36.20
C THR E 371 -36.94 27.10 -34.88
N GLY E 372 -36.47 26.59 -33.74
CA GLY E 372 -36.99 26.95 -32.45
C GLY E 372 -38.21 26.17 -32.00
N ARG E 373 -38.72 25.27 -32.84
CA ARG E 373 -39.91 24.52 -32.50
C ARG E 373 -39.56 23.24 -31.74
N ALA E 374 -40.49 22.82 -30.88
CA ALA E 374 -40.28 21.63 -30.08
C ALA E 374 -40.41 20.36 -30.92
N ILE E 375 -39.80 19.29 -30.43
CA ILE E 375 -39.87 17.98 -31.05
C ILE E 375 -40.73 17.10 -30.15
N SER E 376 -41.83 16.58 -30.69
CA SER E 376 -42.84 15.88 -29.91
C SER E 376 -42.88 14.40 -30.29
N GLN E 377 -43.10 13.55 -29.29
CA GLN E 377 -43.18 12.10 -29.45
C GLN E 377 -44.55 11.64 -29.01
N SER E 378 -45.19 10.82 -29.85
CA SER E 378 -46.52 10.32 -29.54
C SER E 378 -46.45 9.12 -28.63
N GLY E 379 -47.61 8.75 -28.07
CA GLY E 379 -47.67 7.64 -27.14
C GLY E 379 -47.42 6.28 -27.76
N GLU E 380 -47.53 6.17 -29.09
CA GLU E 380 -47.31 4.92 -29.79
C GLU E 380 -45.86 4.74 -30.24
N GLN E 381 -44.98 5.69 -29.95
CA GLN E 381 -43.59 5.63 -30.36
C GLN E 381 -42.71 5.31 -29.15
N THR E 382 -41.82 4.32 -29.31
CA THR E 382 -40.90 3.97 -28.23
C THR E 382 -39.85 5.05 -28.02
N LEU E 383 -39.22 5.51 -29.11
CA LEU E 383 -38.28 6.62 -29.06
C LEU E 383 -38.16 7.21 -30.45
N LEU E 384 -37.43 8.32 -30.55
CA LEU E 384 -37.30 9.07 -31.78
C LEU E 384 -35.88 9.04 -32.32
N MET E 385 -35.77 8.84 -33.63
CA MET E 385 -34.53 9.02 -34.37
C MET E 385 -34.48 10.44 -34.92
N ILE E 386 -33.40 11.15 -34.65
CA ILE E 386 -33.24 12.54 -35.06
C ILE E 386 -31.98 12.64 -35.90
N ASP E 387 -32.15 13.05 -37.16
CA ASP E 387 -31.05 13.36 -38.07
C ASP E 387 -31.28 14.72 -38.70
N ASN E 388 -30.46 15.10 -39.67
CA ASN E 388 -30.54 16.45 -40.23
C ASN E 388 -31.55 16.57 -41.36
N THR E 389 -32.27 15.50 -41.70
CA THR E 389 -33.38 15.63 -42.64
C THR E 389 -34.53 16.41 -42.01
N THR E 390 -34.68 16.34 -40.69
CA THR E 390 -35.75 17.04 -39.98
C THR E 390 -35.26 18.10 -39.01
N CYS E 391 -34.02 18.01 -38.52
CA CYS E 391 -33.49 18.99 -37.57
C CYS E 391 -31.98 19.01 -37.68
N PRO E 392 -31.41 20.01 -38.36
CA PRO E 392 -29.95 20.09 -38.48
C PRO E 392 -29.22 20.22 -37.15
N THR E 393 -29.81 20.92 -36.17
CA THR E 393 -29.15 21.15 -34.88
C THR E 393 -30.17 20.99 -33.77
N ALA E 394 -29.88 20.11 -32.81
CA ALA E 394 -30.81 19.75 -31.76
C ALA E 394 -30.34 20.24 -30.40
N VAL E 395 -31.30 20.55 -29.54
CA VAL E 395 -31.05 21.02 -28.18
C VAL E 395 -31.73 20.07 -27.21
N LEU E 396 -30.94 19.53 -26.28
CA LEU E 396 -31.41 18.67 -25.19
C LEU E 396 -30.81 19.23 -23.91
N GLY E 397 -31.64 19.91 -23.12
CA GLY E 397 -31.13 20.53 -21.90
C GLY E 397 -30.07 21.57 -22.22
N ASN E 398 -28.89 21.41 -21.64
CA ASN E 398 -27.77 22.30 -21.88
C ASN E 398 -26.86 21.79 -23.00
N VAL E 399 -27.31 20.83 -23.79
CA VAL E 399 -26.50 20.21 -24.84
C VAL E 399 -27.04 20.62 -26.19
N ILE E 400 -26.15 21.12 -27.05
CA ILE E 400 -26.50 21.49 -28.43
C ILE E 400 -25.60 20.69 -29.36
N ILE E 401 -26.21 19.98 -30.32
CA ILE E 401 -25.48 19.04 -31.18
C ILE E 401 -25.89 19.26 -32.63
N SER E 402 -24.89 19.32 -33.52
CA SER E 402 -25.13 19.29 -34.96
C SER E 402 -25.07 17.85 -35.44
N LEU E 403 -26.01 17.47 -36.31
CA LEU E 403 -26.27 16.07 -36.61
C LEU E 403 -26.02 15.76 -38.08
N GLY E 404 -25.85 14.47 -38.36
CA GLY E 404 -25.67 13.96 -39.70
C GLY E 404 -26.94 13.34 -40.27
N LYS E 405 -26.75 12.44 -41.23
CA LYS E 405 -27.84 11.81 -41.95
C LYS E 405 -27.92 10.32 -41.62
N TYR E 406 -29.14 9.82 -41.46
CA TYR E 406 -29.37 8.42 -41.13
C TYR E 406 -29.31 7.56 -42.39
N LEU E 407 -28.56 6.46 -42.32
CA LEU E 407 -28.34 5.59 -43.47
C LEU E 407 -29.37 4.47 -43.60
N GLY E 408 -30.31 4.37 -42.66
CA GLY E 408 -31.30 3.32 -42.68
C GLY E 408 -32.55 3.70 -43.44
N SER E 409 -33.68 3.14 -43.00
CA SER E 409 -34.96 3.39 -43.65
C SER E 409 -35.39 4.83 -43.47
N VAL E 410 -35.99 5.40 -44.52
CA VAL E 410 -36.49 6.78 -44.46
C VAL E 410 -37.81 6.88 -43.70
N ASN E 411 -38.44 5.77 -43.37
CA ASN E 411 -39.73 5.75 -42.68
C ASN E 411 -39.58 5.23 -41.25
N TYR E 412 -38.44 5.51 -40.62
CA TYR E 412 -38.12 4.97 -39.31
C TYR E 412 -39.19 5.34 -38.28
N ASN E 413 -39.56 6.62 -38.23
CA ASN E 413 -40.41 7.12 -37.16
C ASN E 413 -41.88 6.80 -37.35
N SER E 414 -42.27 6.17 -38.46
CA SER E 414 -43.67 5.85 -38.71
C SER E 414 -43.95 4.36 -38.86
N GLU E 415 -43.03 3.49 -38.45
CA GLU E 415 -43.22 2.06 -38.66
C GLU E 415 -43.84 1.36 -37.44
N GLY E 416 -43.18 1.41 -36.30
CA GLY E 416 -43.65 0.71 -35.13
C GLY E 416 -43.04 -0.68 -35.01
N ILE E 417 -42.99 -1.18 -33.77
CA ILE E 417 -42.32 -2.44 -33.46
C ILE E 417 -43.16 -3.25 -32.48
N ALA E 418 -42.85 -4.54 -32.39
CA ALA E 418 -43.48 -5.45 -31.44
C ALA E 418 -42.63 -5.54 -30.17
N ILE E 419 -43.30 -5.58 -29.02
CA ILE E 419 -42.66 -5.41 -27.72
C ILE E 419 -42.69 -6.73 -26.96
N GLY E 420 -41.56 -7.06 -26.31
CA GLY E 420 -41.44 -8.29 -25.55
C GLY E 420 -42.05 -8.18 -24.18
N PRO E 421 -41.87 -9.26 -23.40
CA PRO E 421 -42.53 -9.34 -22.09
C PRO E 421 -41.66 -8.73 -20.99
N PRO E 422 -42.28 -8.27 -19.91
CA PRO E 422 -41.50 -7.71 -18.80
C PRO E 422 -40.92 -8.78 -17.89
N VAL E 423 -39.79 -8.45 -17.26
CA VAL E 423 -39.10 -9.33 -16.32
C VAL E 423 -38.57 -8.51 -15.14
N PHE E 424 -38.20 -9.22 -14.08
CA PHE E 424 -37.60 -8.63 -12.89
C PHE E 424 -36.30 -9.35 -12.59
N THR E 425 -35.22 -8.60 -12.37
CA THR E 425 -33.88 -9.16 -12.30
C THR E 425 -33.27 -9.18 -10.91
N ASP E 426 -33.98 -8.71 -9.89
CA ASP E 426 -33.45 -8.74 -8.53
C ASP E 426 -33.28 -10.18 -8.05
N LYS E 427 -32.27 -10.40 -7.22
CA LYS E 427 -31.89 -11.77 -6.85
C LYS E 427 -32.99 -12.46 -6.06
N VAL E 428 -33.59 -11.76 -5.10
CA VAL E 428 -34.70 -12.32 -4.33
C VAL E 428 -35.93 -12.51 -5.23
N ASP E 429 -36.15 -11.57 -6.14
CA ASP E 429 -37.27 -11.67 -7.07
C ASP E 429 -37.15 -12.89 -7.98
N ILE E 430 -35.93 -13.34 -8.26
CA ILE E 430 -35.76 -14.54 -9.07
C ILE E 430 -36.34 -15.76 -8.36
N SER E 431 -36.01 -15.93 -7.08
CA SER E 431 -36.57 -17.04 -6.30
C SER E 431 -38.08 -16.90 -6.16
N SER E 432 -38.56 -15.68 -5.93
CA SER E 432 -39.99 -15.46 -5.82
C SER E 432 -40.72 -15.88 -7.10
N GLN E 433 -40.18 -15.48 -8.25
CA GLN E 433 -40.78 -15.84 -9.54
C GLN E 433 -40.74 -17.34 -9.78
N ILE E 434 -39.62 -17.98 -9.44
CA ILE E 434 -39.52 -19.43 -9.62
C ILE E 434 -40.57 -20.14 -8.78
N SER E 435 -40.72 -19.73 -7.52
N SER E 435 -40.72 -19.74 -7.52
CA SER E 435 -41.70 -20.37 -6.65
CA SER E 435 -41.70 -20.38 -6.66
C SER E 435 -43.12 -20.15 -7.14
C SER E 435 -43.13 -20.15 -7.15
N SER E 436 -43.44 -18.93 -7.59
CA SER E 436 -44.79 -18.65 -8.08
C SER E 436 -45.09 -19.46 -9.34
N MET E 437 -44.12 -19.56 -10.26
CA MET E 437 -44.33 -20.36 -11.46
C MET E 437 -44.52 -21.82 -11.12
N ASN E 438 -43.76 -22.34 -10.16
CA ASN E 438 -43.92 -23.74 -9.76
C ASN E 438 -45.31 -23.96 -9.16
N GLN E 439 -45.79 -23.01 -8.36
CA GLN E 439 -47.13 -23.17 -7.79
C GLN E 439 -48.20 -23.15 -8.87
N SER E 440 -48.06 -22.27 -9.86
CA SER E 440 -49.01 -22.25 -10.97
C SER E 440 -48.98 -23.57 -11.75
N LEU E 441 -47.78 -24.11 -11.96
CA LEU E 441 -47.65 -25.40 -12.64
C LEU E 441 -48.32 -26.51 -11.84
N GLN E 442 -48.15 -26.50 -10.53
CA GLN E 442 -48.80 -27.51 -9.68
C GLN E 442 -50.31 -27.40 -9.77
N GLN E 443 -50.84 -26.18 -9.76
CA GLN E 443 -52.29 -25.99 -9.89
C GLN E 443 -52.79 -26.54 -11.22
N SER E 444 -52.09 -26.22 -12.32
CA SER E 444 -52.49 -26.73 -13.63
C SER E 444 -52.41 -28.25 -13.68
N LYS E 445 -51.37 -28.83 -13.07
CA LYS E 445 -51.22 -30.27 -13.06
C LYS E 445 -52.35 -30.95 -12.29
N ASP E 446 -52.71 -30.40 -11.12
CA ASP E 446 -53.77 -31.03 -10.33
C ASP E 446 -55.15 -30.79 -10.93
N TYR E 447 -55.29 -29.78 -11.79
CA TYR E 447 -56.57 -29.61 -12.49
C TYR E 447 -56.85 -30.77 -13.43
N ILE E 448 -55.81 -31.37 -14.02
CA ILE E 448 -56.01 -32.48 -14.94
C ILE E 448 -56.47 -33.74 -14.18
N LYS E 449 -55.87 -34.00 -13.01
CA LYS E 449 -56.21 -35.21 -12.26
C LYS E 449 -57.66 -35.20 -11.83
N GLU E 450 -58.15 -34.06 -11.36
CA GLU E 450 -59.55 -33.94 -10.95
C GLU E 450 -60.46 -33.85 -12.16
N GLN F 1 -4.91 35.07 30.09
CA GLN F 1 -4.29 35.95 29.11
C GLN F 1 -2.78 36.03 29.33
N VAL F 2 -2.02 35.92 28.25
CA VAL F 2 -0.56 35.99 28.32
C VAL F 2 -0.14 37.45 28.42
N GLN F 3 0.75 37.75 29.36
CA GLN F 3 1.29 39.09 29.53
C GLN F 3 2.81 39.03 29.64
N LEU F 4 3.46 40.09 29.15
CA LEU F 4 4.91 40.19 29.12
C LEU F 4 5.34 41.52 29.71
N GLN F 5 6.48 41.52 30.41
CA GLN F 5 7.03 42.73 31.00
C GLN F 5 8.53 42.80 30.75
N GLU F 6 8.99 43.92 30.21
CA GLU F 6 10.41 44.17 30.01
C GLU F 6 11.01 44.88 31.22
N SER F 7 12.29 44.64 31.46
CA SER F 7 13.03 45.31 32.52
C SER F 7 14.48 45.47 32.10
N GLY F 8 15.07 46.61 32.46
CA GLY F 8 16.44 46.89 32.13
C GLY F 8 16.94 48.19 32.72
N PRO F 9 18.19 48.55 32.42
CA PRO F 9 18.75 49.79 32.96
C PRO F 9 18.30 51.00 32.15
N GLY F 10 17.99 52.08 32.86
CA GLY F 10 17.56 53.29 32.20
C GLY F 10 18.67 53.93 31.37
N LEU F 11 19.89 53.95 31.89
CA LEU F 11 21.02 54.55 31.21
C LEU F 11 22.16 53.55 31.13
N VAL F 12 22.79 53.48 29.96
CA VAL F 12 23.94 52.61 29.73
C VAL F 12 25.09 53.47 29.21
N LYS F 13 26.24 53.36 29.86
CA LYS F 13 27.41 54.09 29.42
C LYS F 13 27.95 53.51 28.12
N PRO F 14 28.55 54.33 27.27
CA PRO F 14 29.08 53.83 26.00
C PRO F 14 30.14 52.77 26.22
N SER F 15 30.20 51.81 25.29
CA SER F 15 31.12 50.68 25.26
C SER F 15 30.81 49.64 26.33
N GLU F 16 29.81 49.85 27.17
CA GLU F 16 29.41 48.85 28.16
C GLU F 16 28.43 47.87 27.54
N THR F 17 27.79 47.05 28.37
CA THR F 17 26.87 46.02 27.91
C THR F 17 25.47 46.31 28.44
N LEU F 18 24.49 46.19 27.56
CA LEU F 18 23.09 46.38 27.92
C LEU F 18 22.44 45.01 28.16
N SER F 19 21.72 44.90 29.27
CA SER F 19 21.06 43.66 29.66
C SER F 19 19.57 43.92 29.86
N LEU F 20 18.73 43.08 29.25
CA LEU F 20 17.29 43.21 29.35
C LEU F 20 16.70 41.86 29.75
N THR F 21 15.57 41.91 30.46
CA THR F 21 14.89 40.72 30.92
C THR F 21 13.40 40.83 30.62
N CYS F 22 12.83 39.75 30.08
CA CYS F 22 11.41 39.65 29.80
C CYS F 22 10.81 38.61 30.73
N THR F 23 9.78 39.00 31.47
CA THR F 23 9.07 38.14 32.41
C THR F 23 7.66 37.89 31.87
N VAL F 24 7.26 36.61 31.84
CA VAL F 24 6.00 36.19 31.24
C VAL F 24 5.07 35.69 32.32
N SER F 25 3.80 36.09 32.23
CA SER F 25 2.76 35.63 33.13
C SER F 25 1.60 35.06 32.32
N GLY F 26 1.14 33.88 32.71
CA GLY F 26 0.04 33.21 32.04
C GLY F 26 0.45 32.10 31.09
N ALA F 27 1.74 31.86 30.93
CA ALA F 27 2.20 30.76 30.08
C ALA F 27 3.64 30.42 30.47
N SER F 28 4.06 29.24 30.05
CA SER F 28 5.42 28.76 30.29
C SER F 28 6.30 29.13 29.11
N ILE F 29 7.51 29.63 29.39
CA ILE F 29 8.41 30.06 28.33
C ILE F 29 8.91 28.90 27.47
N SER F 30 8.78 27.67 27.96
CA SER F 30 9.36 26.52 27.28
C SER F 30 8.43 25.88 26.25
N SER F 31 7.28 26.49 25.96
CA SER F 31 6.35 25.94 24.99
C SER F 31 6.08 26.89 23.81
N TYR F 32 6.89 27.93 23.63
CA TYR F 32 6.65 28.90 22.57
C TYR F 32 7.96 29.50 22.09
N TRP F 33 7.90 30.07 20.89
CA TRP F 33 8.95 30.95 20.36
C TRP F 33 8.73 32.36 20.91
N TRP F 34 9.84 33.09 21.11
CA TRP F 34 9.81 34.47 21.56
C TRP F 34 10.75 35.29 20.71
N GLY F 35 10.62 36.62 20.78
CA GLY F 35 11.44 37.50 19.95
C GLY F 35 11.65 38.86 20.57
N TRP F 36 12.70 39.54 20.10
CA TRP F 36 13.06 40.87 20.56
C TRP F 36 13.06 41.85 19.39
N ILE F 37 12.46 43.02 19.60
CA ILE F 37 12.38 44.06 18.58
C ILE F 37 12.77 45.39 19.22
N ARG F 38 13.28 46.33 18.42
CA ARG F 38 13.59 47.66 18.92
C ARG F 38 13.20 48.72 17.90
N GLN F 39 12.93 49.92 18.42
CA GLN F 39 12.55 51.07 17.60
C GLN F 39 13.32 52.31 18.07
N PRO F 40 14.19 52.87 17.23
CA PRO F 40 14.83 54.12 17.59
C PRO F 40 13.82 55.25 17.63
N PRO F 41 14.09 56.29 18.41
CA PRO F 41 13.15 57.42 18.50
C PRO F 41 12.93 58.06 17.13
N GLY F 42 11.66 58.06 16.69
CA GLY F 42 11.29 58.68 15.43
C GLY F 42 11.54 57.85 14.19
N LYS F 43 11.90 56.57 14.33
CA LYS F 43 12.20 55.74 13.18
C LYS F 43 11.40 54.44 13.20
N GLY F 44 11.73 53.50 12.31
CA GLY F 44 10.96 52.28 12.16
C GLY F 44 11.50 51.13 12.99
N LEU F 45 10.79 50.01 12.92
CA LEU F 45 11.11 48.82 13.71
C LEU F 45 12.27 48.06 13.12
N GLU F 46 13.03 47.38 13.99
CA GLU F 46 14.13 46.53 13.57
C GLU F 46 14.12 45.25 14.42
N TRP F 47 14.18 44.10 13.74
CA TRP F 47 14.20 42.81 14.41
C TRP F 47 15.58 42.52 14.97
N ILE F 48 15.62 41.96 16.18
CA ILE F 48 16.89 41.67 16.84
C ILE F 48 17.17 40.17 16.81
N ALA F 49 16.31 39.36 17.43
CA ALA F 49 16.54 37.92 17.46
C ALA F 49 15.27 37.20 17.87
N ASP F 50 15.21 35.90 17.54
CA ASP F 50 14.16 35.00 17.97
C ASP F 50 14.78 33.81 18.70
N ILE F 51 14.08 33.31 19.71
CA ILE F 51 14.59 32.25 20.57
C ILE F 51 13.51 31.22 20.86
N TYR F 52 13.92 29.97 20.97
CA TYR F 52 13.09 28.86 21.48
C TYR F 52 13.80 28.30 22.69
N PRO F 53 13.40 28.69 23.90
CA PRO F 53 14.15 28.30 25.11
C PRO F 53 14.20 26.80 25.38
N ASN F 54 13.14 26.05 25.02
CA ASN F 54 13.06 24.66 25.40
C ASN F 54 14.21 23.85 24.82
N SER F 55 14.57 24.12 23.56
CA SER F 55 15.70 23.45 22.91
C SER F 55 16.91 24.36 22.80
N GLY F 56 16.81 25.60 23.26
CA GLY F 56 17.91 26.55 23.13
C GLY F 56 18.21 26.95 21.70
N SER F 57 17.19 27.10 20.87
CA SER F 57 17.41 27.49 19.48
C SER F 57 17.36 29.01 19.36
N THR F 58 18.13 29.56 18.42
CA THR F 58 18.19 31.01 18.25
C THR F 58 18.42 31.36 16.79
N ASN F 59 17.69 32.37 16.32
CA ASN F 59 17.91 32.98 15.02
C ASN F 59 18.25 34.46 15.21
N TYR F 60 19.25 34.93 14.47
CA TYR F 60 19.83 36.26 14.67
C TYR F 60 19.63 37.13 13.43
N ASN F 61 19.50 38.43 13.67
CA ASN F 61 19.69 39.42 12.62
C ASN F 61 21.17 39.47 12.24
N PRO F 62 21.52 39.26 10.97
CA PRO F 62 22.94 39.16 10.61
C PRO F 62 23.77 40.38 10.96
N SER F 63 23.18 41.58 10.95
CA SER F 63 23.95 42.78 11.28
C SER F 63 24.37 42.79 12.74
N LEU F 64 23.50 42.30 13.64
CA LEU F 64 23.74 42.35 15.07
C LEU F 64 24.20 41.03 15.66
N LYS F 65 24.50 40.02 14.84
CA LYS F 65 24.74 38.68 15.36
C LYS F 65 25.94 38.64 16.31
N SER F 66 27.00 39.38 15.98
CA SER F 66 28.25 39.29 16.74
C SER F 66 28.18 39.95 18.12
N ARG F 67 27.11 40.69 18.42
CA ARG F 67 27.04 41.45 19.67
C ARG F 67 25.90 40.98 20.58
N VAL F 68 25.29 39.83 20.29
CA VAL F 68 24.05 39.41 20.96
C VAL F 68 24.29 38.09 21.67
N THR F 69 23.87 38.02 22.94
CA THR F 69 23.81 36.76 23.69
C THR F 69 22.46 36.67 24.38
N ASN F 70 22.02 35.43 24.62
N ASN F 70 22.02 35.43 24.62
CA ASN F 70 20.71 35.15 25.19
CA ASN F 70 20.71 35.21 25.22
C ASN F 70 20.86 34.15 26.34
C ASN F 70 20.82 34.13 26.30
N SER F 71 19.90 34.21 27.26
CA SER F 71 19.88 33.27 28.39
C SER F 71 18.44 33.13 28.87
N LYS F 72 18.22 32.14 29.74
CA LYS F 72 16.87 31.85 30.23
C LYS F 72 16.92 31.45 31.70
N ASP F 73 15.74 31.42 32.33
CA ASP F 73 15.58 30.96 33.71
C ASP F 73 14.16 30.43 33.83
N ALA F 74 14.02 29.10 33.87
CA ALA F 74 12.70 28.48 33.82
C ALA F 74 11.98 28.57 35.16
N SER F 75 12.73 28.61 36.28
CA SER F 75 12.10 28.64 37.59
C SER F 75 11.26 29.91 37.76
N LYS F 76 11.82 31.05 37.36
CA LYS F 76 11.11 32.32 37.43
C LYS F 76 10.41 32.69 36.12
N ASN F 77 10.49 31.82 35.11
CA ASN F 77 9.80 32.03 33.83
C ASN F 77 10.24 33.34 33.18
N GLN F 78 11.56 33.47 32.99
CA GLN F 78 12.13 34.69 32.43
C GLN F 78 13.13 34.34 31.34
N PHE F 79 13.31 35.25 30.39
CA PHE F 79 14.40 35.13 29.44
C PHE F 79 15.06 36.48 29.23
N SER F 80 16.38 36.45 29.00
CA SER F 80 17.20 37.65 29.05
C SER F 80 18.05 37.77 27.80
N LEU F 81 18.30 39.01 27.42
CA LEU F 81 19.09 39.39 26.25
C LEU F 81 20.23 40.31 26.69
N LYS F 82 21.37 40.20 26.00
CA LYS F 82 22.52 41.03 26.31
C LYS F 82 23.18 41.48 25.01
N LEU F 83 23.41 42.79 24.90
CA LEU F 83 24.03 43.41 23.72
C LEU F 83 25.28 44.14 24.17
N SER F 84 26.43 43.78 23.59
CA SER F 84 27.71 44.29 24.03
C SER F 84 28.24 45.37 23.09
N SER F 85 29.13 46.21 23.63
CA SER F 85 29.80 47.27 22.89
C SER F 85 28.80 48.25 22.28
N VAL F 86 28.02 48.89 23.14
CA VAL F 86 26.94 49.76 22.71
C VAL F 86 27.50 51.15 22.39
N THR F 87 26.94 51.76 21.34
CA THR F 87 27.27 53.12 20.94
C THR F 87 26.01 53.98 21.01
N ALA F 88 26.11 55.21 20.51
CA ALA F 88 24.97 56.12 20.53
C ALA F 88 23.85 55.64 19.62
N ALA F 89 24.13 54.78 18.64
CA ALA F 89 23.10 54.28 17.74
C ALA F 89 22.17 53.26 18.39
N ASP F 90 22.47 52.81 19.61
CA ASP F 90 21.70 51.76 20.26
C ASP F 90 20.63 52.28 21.21
N THR F 91 20.43 53.59 21.30
CA THR F 91 19.35 54.11 22.13
C THR F 91 18.02 53.91 21.41
N ALA F 92 17.06 53.30 22.09
CA ALA F 92 15.80 52.92 21.45
C ALA F 92 14.83 52.41 22.50
N MET F 93 13.59 52.18 22.07
CA MET F 93 12.62 51.44 22.85
C MET F 93 12.69 49.97 22.47
N TYR F 94 12.69 49.09 23.48
CA TYR F 94 12.88 47.66 23.27
C TYR F 94 11.63 46.92 23.70
N TYR F 95 11.25 45.90 22.92
CA TYR F 95 10.07 45.08 23.17
C TYR F 95 10.43 43.60 23.09
N CYS F 96 9.76 42.80 23.91
CA CYS F 96 9.73 41.36 23.75
C CYS F 96 8.32 40.94 23.33
N ALA F 97 8.24 39.88 22.54
CA ALA F 97 6.97 39.46 21.98
C ALA F 97 6.96 37.95 21.81
N ARG F 98 5.75 37.38 21.73
CA ARG F 98 5.57 35.98 21.37
C ARG F 98 5.46 35.87 19.85
N ALA F 99 6.20 34.93 19.27
CA ALA F 99 6.44 34.91 17.82
C ALA F 99 6.18 33.52 17.22
N PRO F 100 4.92 33.11 17.12
CA PRO F 100 4.62 31.83 16.46
C PRO F 100 4.87 31.91 14.95
N ARG F 101 5.22 30.76 14.37
CA ARG F 101 5.41 30.64 12.93
C ARG F 101 5.05 29.23 12.49
N GLY F 102 4.63 29.11 11.24
CA GLY F 102 4.31 27.80 10.68
C GLY F 102 3.32 27.89 9.54
N TYR F 103 2.89 26.71 9.10
CA TYR F 103 1.92 26.59 8.01
C TYR F 103 0.49 26.69 8.55
N SER F 104 -0.39 27.33 7.78
CA SER F 104 -1.79 27.43 8.14
C SER F 104 -2.52 26.14 7.75
N TYR F 105 -3.85 26.16 7.93
CA TYR F 105 -4.67 25.02 7.53
C TYR F 105 -4.55 24.74 6.03
N SER F 106 -4.42 25.79 5.21
CA SER F 106 -4.34 25.66 3.76
C SER F 106 -2.90 25.74 3.25
N TYR F 107 -1.92 25.41 4.10
CA TYR F 107 -0.52 25.29 3.69
C TYR F 107 0.07 26.61 3.19
N VAL F 108 -0.28 27.70 3.86
CA VAL F 108 0.38 28.99 3.66
C VAL F 108 1.27 29.26 4.86
N PHE F 109 2.57 29.48 4.61
CA PHE F 109 3.53 29.68 5.69
C PHE F 109 3.53 31.12 6.16
N GLY F 110 3.61 31.31 7.47
CA GLY F 110 3.58 32.66 8.03
C GLY F 110 4.31 32.78 9.35
N HIS F 111 4.61 34.02 9.69
CA HIS F 111 5.23 34.41 10.96
C HIS F 111 4.49 35.63 11.50
N ARG F 112 4.35 35.71 12.82
CA ARG F 112 3.62 36.83 13.41
C ARG F 112 4.03 37.05 14.86
N PHE F 113 4.10 38.32 15.27
CA PHE F 113 4.24 38.70 16.67
C PHE F 113 2.84 38.99 17.21
N ASP F 114 2.24 38.01 17.89
CA ASP F 114 0.83 38.13 18.24
C ASP F 114 0.58 38.76 19.60
N VAL F 115 1.58 38.81 20.49
CA VAL F 115 1.45 39.47 21.78
C VAL F 115 2.70 40.31 22.02
N TRP F 116 2.51 41.57 22.43
CA TRP F 116 3.60 42.50 22.63
C TRP F 116 3.64 42.98 24.08
N GLY F 117 4.84 43.25 24.56
CA GLY F 117 5.02 43.91 25.84
C GLY F 117 5.03 45.42 25.68
N PRO F 118 4.93 46.12 26.82
CA PRO F 118 4.92 47.59 26.77
C PRO F 118 6.22 48.20 26.24
N GLY F 119 7.36 47.60 26.51
CA GLY F 119 8.62 48.12 26.04
C GLY F 119 9.33 48.95 27.10
N VAL F 120 10.66 49.03 26.98
CA VAL F 120 11.50 49.76 27.91
C VAL F 120 12.45 50.64 27.12
N LEU F 121 12.61 51.90 27.55
CA LEU F 121 13.48 52.84 26.87
C LEU F 121 14.91 52.72 27.38
N VAL F 122 15.87 52.63 26.46
CA VAL F 122 17.28 52.56 26.79
C VAL F 122 17.98 53.71 26.08
N THR F 123 18.71 54.52 26.85
CA THR F 123 19.45 55.67 26.34
C THR F 123 20.94 55.44 26.59
N VAL F 124 21.74 55.64 25.55
CA VAL F 124 23.19 55.45 25.63
C VAL F 124 23.82 56.84 25.70
N SER F 125 24.30 57.22 26.89
CA SER F 125 24.95 58.50 27.08
C SER F 125 26.21 58.37 27.93
N GLN G 1 31.56 -26.25 21.82
CA GLN G 1 31.42 -25.37 22.97
C GLN G 1 32.46 -24.26 22.93
N VAL G 2 32.01 -23.03 23.18
CA VAL G 2 32.89 -21.87 23.19
C VAL G 2 33.64 -21.82 24.52
N GLN G 3 34.96 -21.62 24.44
CA GLN G 3 35.80 -21.51 25.63
C GLN G 3 36.72 -20.31 25.50
N LEU G 4 37.03 -19.71 26.65
CA LEU G 4 37.84 -18.51 26.71
C LEU G 4 38.96 -18.69 27.73
N GLN G 5 40.12 -18.10 27.45
CA GLN G 5 41.25 -18.16 28.37
C GLN G 5 41.90 -16.79 28.48
N GLU G 6 42.10 -16.33 29.71
CA GLU G 6 42.79 -15.09 29.99
C GLU G 6 44.28 -15.33 30.20
N SER G 7 45.09 -14.32 29.91
CA SER G 7 46.53 -14.38 30.12
C SER G 7 47.05 -12.98 30.40
N GLY G 8 48.03 -12.89 31.29
CA GLY G 8 48.62 -11.63 31.66
C GLY G 8 49.76 -11.76 32.64
N PRO G 9 50.32 -10.64 33.07
CA PRO G 9 51.43 -10.68 34.03
C PRO G 9 50.92 -10.87 35.45
N GLY G 10 51.64 -11.71 36.21
CA GLY G 10 51.26 -11.94 37.59
C GLY G 10 51.43 -10.70 38.46
N LEU G 11 52.54 -9.98 38.29
CA LEU G 11 52.83 -8.80 39.08
C LEU G 11 53.10 -7.62 38.16
N VAL G 12 52.51 -6.47 38.48
CA VAL G 12 52.70 -5.25 37.72
C VAL G 12 53.19 -4.16 38.67
N LYS G 13 54.30 -3.52 38.31
CA LYS G 13 54.83 -2.45 39.13
C LYS G 13 53.93 -1.22 39.06
N PRO G 14 53.86 -0.43 40.13
CA PRO G 14 53.01 0.76 40.11
C PRO G 14 53.43 1.73 39.03
N SER G 15 52.43 2.44 38.49
CA SER G 15 52.55 3.44 37.43
C SER G 15 52.88 2.83 36.07
N GLU G 16 53.04 1.51 35.96
CA GLU G 16 53.28 0.86 34.68
C GLU G 16 51.95 0.54 34.02
N THR G 17 51.98 -0.25 32.95
CA THR G 17 50.80 -0.59 32.17
C THR G 17 50.53 -2.08 32.27
N LEU G 18 49.28 -2.43 32.53
CA LEU G 18 48.82 -3.81 32.60
C LEU G 18 48.25 -4.23 31.25
N SER G 19 48.67 -5.39 30.76
CA SER G 19 48.22 -5.90 29.48
C SER G 19 47.63 -7.30 29.67
N LEU G 20 46.44 -7.52 29.11
CA LEU G 20 45.76 -8.80 29.22
C LEU G 20 45.32 -9.25 27.84
N THR G 21 45.26 -10.58 27.65
CA THR G 21 44.88 -11.17 26.38
C THR G 21 43.87 -12.28 26.61
N CYS G 22 42.80 -12.28 25.82
CA CYS G 22 41.78 -13.32 25.85
C CYS G 22 41.84 -14.10 24.55
N THR G 23 41.95 -15.41 24.67
CA THR G 23 42.01 -16.34 23.54
C THR G 23 40.74 -17.17 23.52
N VAL G 24 40.10 -17.23 22.34
CA VAL G 24 38.82 -17.90 22.17
C VAL G 24 39.01 -19.17 21.36
N SER G 25 38.34 -20.25 21.79
CA SER G 25 38.33 -21.51 21.07
C SER G 25 36.89 -21.93 20.85
N GLY G 26 36.57 -22.31 19.61
CA GLY G 26 35.24 -22.76 19.25
C GLY G 26 34.38 -21.72 18.56
N ALA G 27 34.90 -20.52 18.33
CA ALA G 27 34.14 -19.49 17.63
C ALA G 27 35.11 -18.44 17.12
N SER G 28 34.63 -17.61 16.20
CA SER G 28 35.41 -16.53 15.63
C SER G 28 35.11 -15.24 16.39
N ILE G 29 36.16 -14.51 16.76
CA ILE G 29 35.98 -13.27 17.52
C ILE G 29 35.24 -12.21 16.72
N SER G 30 35.17 -12.34 15.40
CA SER G 30 34.64 -11.31 14.53
C SER G 30 33.13 -11.41 14.33
N SER G 31 32.45 -12.31 15.05
CA SER G 31 31.00 -12.46 14.90
C SER G 31 30.25 -12.25 16.21
N TYR G 32 30.88 -11.68 17.23
CA TYR G 32 30.24 -11.53 18.53
C TYR G 32 30.76 -10.29 19.26
N TRP G 33 29.95 -9.82 20.22
CA TRP G 33 30.39 -8.84 21.21
C TRP G 33 31.12 -9.55 22.35
N TRP G 34 32.12 -8.89 22.92
CA TRP G 34 32.86 -9.41 24.06
C TRP G 34 32.99 -8.31 25.11
N GLY G 35 33.40 -8.70 26.32
CA GLY G 35 33.51 -7.74 27.41
C GLY G 35 34.51 -8.16 28.47
N TRP G 36 34.94 -7.17 29.25
CA TRP G 36 35.91 -7.36 30.32
C TRP G 36 35.31 -6.93 31.66
N ILE G 37 35.51 -7.75 32.69
CA ILE G 37 35.01 -7.48 34.03
C ILE G 37 36.13 -7.74 35.02
N ARG G 38 36.10 -7.07 36.17
CA ARG G 38 37.07 -7.32 37.23
C ARG G 38 36.40 -7.31 38.60
N GLN G 39 37.02 -8.03 39.53
CA GLN G 39 36.53 -8.14 40.91
C GLN G 39 37.70 -7.99 41.87
N PRO G 40 37.70 -6.94 42.69
CA PRO G 40 38.74 -6.81 43.71
C PRO G 40 38.58 -7.90 44.76
N PRO G 41 39.67 -8.26 45.45
CA PRO G 41 39.58 -9.31 46.46
C PRO G 41 38.62 -8.94 47.57
N GLY G 42 37.57 -9.75 47.73
CA GLY G 42 36.58 -9.53 48.77
C GLY G 42 35.50 -8.53 48.43
N LYS G 43 35.42 -8.07 47.19
CA LYS G 43 34.42 -7.07 46.83
C LYS G 43 33.58 -7.50 45.63
N GLY G 44 32.77 -6.59 45.09
CA GLY G 44 31.85 -6.91 44.02
C GLY G 44 32.43 -6.68 42.63
N LEU G 45 31.62 -7.03 41.64
CA LEU G 45 32.03 -6.95 40.24
C LEU G 45 31.99 -5.51 39.73
N GLU G 46 32.86 -5.22 38.77
CA GLU G 46 32.88 -3.92 38.11
C GLU G 46 33.11 -4.11 36.61
N TRP G 47 32.26 -3.49 35.80
CA TRP G 47 32.39 -3.57 34.35
C TRP G 47 33.50 -2.66 33.85
N ILE G 48 34.26 -3.15 32.87
CA ILE G 48 35.38 -2.39 32.33
C ILE G 48 35.04 -1.84 30.95
N ALA G 49 34.78 -2.72 29.98
CA ALA G 49 34.49 -2.29 28.63
C ALA G 49 33.91 -3.43 27.81
N ASP G 50 33.19 -3.07 26.75
CA ASP G 50 32.68 -4.01 25.76
C ASP G 50 33.22 -3.65 24.38
N ILE G 51 33.46 -4.67 23.56
CA ILE G 51 34.08 -4.49 22.24
C ILE G 51 33.39 -5.35 21.20
N TYR G 52 33.29 -4.82 19.98
CA TYR G 52 32.89 -5.57 18.79
C TYR G 52 34.05 -5.51 17.81
N PRO G 53 34.87 -6.56 17.73
CA PRO G 53 36.10 -6.49 16.91
C PRO G 53 35.85 -6.32 15.41
N ASN G 54 34.77 -6.87 14.88
CA ASN G 54 34.56 -6.86 13.42
C ASN G 54 34.50 -5.43 12.90
N SER G 55 33.80 -4.54 13.59
CA SER G 55 33.71 -3.14 13.20
C SER G 55 34.58 -2.23 14.07
N GLY G 56 35.28 -2.78 15.04
CA GLY G 56 36.08 -1.99 15.96
C GLY G 56 35.28 -1.07 16.84
N SER G 57 34.11 -1.51 17.31
CA SER G 57 33.29 -0.69 18.18
C SER G 57 33.64 -0.95 19.64
N THR G 58 33.52 0.08 20.48
CA THR G 58 33.88 -0.05 21.88
C THR G 58 32.98 0.83 22.74
N ASN G 59 32.53 0.28 23.87
CA ASN G 59 31.82 1.02 24.90
C ASN G 59 32.62 0.94 26.20
N TYR G 60 32.74 2.07 26.89
CA TYR G 60 33.62 2.21 28.04
C TYR G 60 32.84 2.52 29.31
N ASN G 61 33.35 2.05 30.43
CA ASN G 61 32.95 2.56 31.73
C ASN G 61 33.51 3.97 31.90
N PRO G 62 32.65 4.97 32.16
CA PRO G 62 33.14 6.36 32.17
C PRO G 62 34.25 6.62 33.18
N SER G 63 34.29 5.89 34.30
CA SER G 63 35.34 6.12 35.28
C SER G 63 36.72 5.71 34.74
N LEU G 64 36.78 4.62 33.98
CA LEU G 64 38.03 4.08 33.50
C LEU G 64 38.33 4.41 32.04
N LYS G 65 37.54 5.27 31.40
CA LYS G 65 37.66 5.48 29.96
C LYS G 65 39.03 5.99 29.56
N SER G 66 39.59 6.93 30.33
CA SER G 66 40.82 7.60 29.95
C SER G 66 42.06 6.71 30.05
N ARG G 67 41.96 5.52 30.63
CA ARG G 67 43.11 4.66 30.88
C ARG G 67 43.03 3.33 30.15
N VAL G 68 42.11 3.18 29.20
CA VAL G 68 41.81 1.88 28.60
C VAL G 68 42.07 1.95 27.10
N THR G 69 42.81 0.96 26.58
CA THR G 69 42.97 0.75 25.14
C THR G 69 42.73 -0.72 24.83
N ASN G 70 42.29 -0.98 23.60
N ASN G 70 42.29 -0.99 23.59
CA ASN G 70 41.94 -2.32 23.15
CA ASN G 70 41.99 -2.35 23.19
C ASN G 70 42.59 -2.61 21.81
C ASN G 70 42.53 -2.62 21.79
N SER G 71 42.80 -3.90 21.53
CA SER G 71 43.36 -4.33 20.26
C SER G 71 42.90 -5.75 19.97
N LYS G 72 43.15 -6.21 18.74
CA LYS G 72 42.70 -7.53 18.31
C LYS G 72 43.72 -8.17 17.39
N ASP G 73 43.54 -9.48 17.17
CA ASP G 73 44.37 -10.25 16.23
C ASP G 73 43.52 -11.41 15.74
N ALA G 74 43.03 -11.29 14.50
CA ALA G 74 42.08 -12.27 13.97
C ALA G 74 42.77 -13.57 13.57
N SER G 75 44.04 -13.52 13.18
CA SER G 75 44.74 -14.72 12.75
C SER G 75 44.82 -15.75 13.88
N LYS G 76 45.16 -15.29 15.08
CA LYS G 76 45.23 -16.15 16.25
C LYS G 76 43.95 -16.12 17.07
N ASN G 77 42.93 -15.37 16.63
CA ASN G 77 41.63 -15.33 17.28
C ASN G 77 41.75 -14.87 18.74
N GLN G 78 42.36 -13.70 18.92
CA GLN G 78 42.62 -13.17 20.26
C GLN G 78 42.25 -11.70 20.31
N PHE G 79 41.91 -11.22 21.51
CA PHE G 79 41.74 -9.78 21.70
C PHE G 79 42.37 -9.36 23.03
N SER G 80 42.88 -8.13 23.06
CA SER G 80 43.74 -7.69 24.14
C SER G 80 43.27 -6.36 24.69
N LEU G 81 43.53 -6.17 25.98
CA LEU G 81 43.17 -4.98 26.74
C LEU G 81 44.41 -4.43 27.43
N LYS G 82 44.47 -3.11 27.57
CA LYS G 82 45.60 -2.46 28.23
C LYS G 82 45.12 -1.31 29.09
N LEU G 83 45.53 -1.33 30.36
CA LEU G 83 45.17 -0.31 31.34
C LEU G 83 46.45 0.36 31.83
N SER G 84 46.52 1.68 31.69
CA SER G 84 47.73 2.43 31.96
C SER G 84 47.65 3.15 33.30
N SER G 85 48.83 3.42 33.88
CA SER G 85 48.98 4.18 35.13
C SER G 85 48.26 3.48 36.28
N VAL G 86 48.69 2.25 36.57
CA VAL G 86 48.02 1.43 37.56
C VAL G 86 48.52 1.79 38.95
N THR G 87 47.62 1.76 39.92
CA THR G 87 47.91 1.99 41.33
C THR G 87 47.54 0.74 42.12
N ALA G 88 47.59 0.86 43.45
CA ALA G 88 47.23 -0.26 44.32
C ALA G 88 45.75 -0.61 44.23
N ALA G 89 44.92 0.29 43.71
CA ALA G 89 43.49 0.03 43.59
C ALA G 89 43.15 -0.89 42.42
N ASP G 90 44.12 -1.24 41.57
CA ASP G 90 43.86 -2.02 40.37
C ASP G 90 44.17 -3.51 40.54
N THR G 91 44.53 -3.96 41.74
CA THR G 91 44.73 -5.39 41.96
C THR G 91 43.38 -6.08 42.07
N ALA G 92 43.19 -7.14 41.30
CA ALA G 92 41.88 -7.79 41.22
C ALA G 92 42.00 -9.04 40.36
N MET G 93 40.90 -9.80 40.31
CA MET G 93 40.74 -10.87 39.35
C MET G 93 40.04 -10.32 38.10
N TYR G 94 40.52 -10.71 36.93
CA TYR G 94 40.04 -10.20 35.65
C TYR G 94 39.45 -11.32 34.83
N TYR G 95 38.30 -11.04 34.20
CA TYR G 95 37.59 -11.99 33.36
C TYR G 95 37.26 -11.37 32.00
N CYS G 96 37.30 -12.20 30.97
CA CYS G 96 36.71 -11.88 29.67
C CYS G 96 35.47 -12.75 29.48
N ALA G 97 34.50 -12.22 28.74
CA ALA G 97 33.24 -12.92 28.57
C ALA G 97 32.60 -12.55 27.25
N ARG G 98 31.70 -13.41 26.77
CA ARG G 98 30.88 -13.11 25.61
C ARG G 98 29.63 -12.37 26.07
N ALA G 99 29.28 -11.29 25.36
CA ALA G 99 28.30 -10.31 25.87
C ALA G 99 27.25 -9.97 24.83
N PRO G 100 26.37 -10.92 24.49
CA PRO G 100 25.28 -10.61 23.56
C PRO G 100 24.26 -9.64 24.17
N ARG G 101 23.63 -8.84 23.31
CA ARG G 101 22.58 -7.92 23.74
C ARG G 101 21.61 -7.70 22.58
N GLY G 102 20.36 -7.41 22.93
CA GLY G 102 19.36 -7.12 21.92
C GLY G 102 17.95 -7.35 22.44
N TYR G 103 17.00 -7.24 21.51
CA TYR G 103 15.59 -7.47 21.80
C TYR G 103 15.25 -8.96 21.71
N SER G 104 14.39 -9.42 22.62
CA SER G 104 13.92 -10.79 22.59
C SER G 104 12.79 -10.95 21.56
N TYR G 105 12.26 -12.17 21.47
CA TYR G 105 11.13 -12.42 20.57
C TYR G 105 9.93 -11.54 20.90
N SER G 106 9.73 -11.21 22.18
CA SER G 106 8.62 -10.39 22.63
C SER G 106 9.03 -8.93 22.87
N TYR G 107 10.08 -8.46 22.20
CA TYR G 107 10.48 -7.05 22.21
C TYR G 107 10.84 -6.55 23.61
N VAL G 108 11.51 -7.40 24.39
CA VAL G 108 12.14 -6.99 25.65
C VAL G 108 13.64 -6.91 25.42
N PHE G 109 14.23 -5.75 25.73
CA PHE G 109 15.66 -5.54 25.49
C PHE G 109 16.48 -6.03 26.68
N GLY G 110 17.59 -6.71 26.39
CA GLY G 110 18.42 -7.26 27.44
C GLY G 110 19.88 -7.41 27.05
N HIS G 111 20.72 -7.47 28.07
CA HIS G 111 22.16 -7.69 27.95
C HIS G 111 22.53 -8.82 28.91
N ARG G 112 23.51 -9.65 28.51
CA ARG G 112 23.92 -10.76 29.35
C ARG G 112 25.33 -11.22 29.01
N PHE G 113 26.07 -11.62 30.04
CA PHE G 113 27.37 -12.29 29.88
C PHE G 113 27.11 -13.80 29.97
N ASP G 114 27.00 -14.46 28.82
CA ASP G 114 26.54 -15.84 28.82
C ASP G 114 27.65 -16.87 28.91
N VAL G 115 28.90 -16.52 28.61
CA VAL G 115 30.04 -17.41 28.78
C VAL G 115 31.18 -16.66 29.45
N TRP G 116 31.74 -17.22 30.51
CA TRP G 116 32.80 -16.59 31.27
C TRP G 116 34.09 -17.41 31.17
N GLY G 117 35.22 -16.71 31.24
CA GLY G 117 36.50 -17.37 31.36
C GLY G 117 36.89 -17.58 32.80
N PRO G 118 37.93 -18.38 33.02
CA PRO G 118 38.38 -18.65 34.39
C PRO G 118 38.86 -17.43 35.16
N GLY G 119 39.48 -16.47 34.49
CA GLY G 119 39.97 -15.27 35.16
C GLY G 119 41.44 -15.38 35.53
N VAL G 120 42.08 -14.23 35.67
CA VAL G 120 43.51 -14.14 35.99
C VAL G 120 43.69 -13.09 37.09
N LEU G 121 44.51 -13.42 38.08
CA LEU G 121 44.76 -12.51 39.20
C LEU G 121 45.91 -11.56 38.87
N VAL G 122 45.70 -10.27 39.10
CA VAL G 122 46.72 -9.26 38.89
C VAL G 122 46.91 -8.51 40.21
N THR G 123 48.15 -8.47 40.69
CA THR G 123 48.51 -7.77 41.91
C THR G 123 49.47 -6.65 41.57
N VAL G 124 49.19 -5.46 42.10
CA VAL G 124 50.02 -4.28 41.86
C VAL G 124 50.83 -4.04 43.12
N SER G 125 52.14 -4.23 43.02
CA SER G 125 53.05 -4.02 44.14
C SER G 125 54.37 -3.44 43.69
N PRO H 1 15.96 41.50 3.15
CA PRO H 1 16.69 42.67 3.63
C PRO H 1 15.76 43.75 4.18
N VAL H 2 14.95 44.35 3.31
CA VAL H 2 14.00 45.38 3.73
C VAL H 2 12.87 45.42 2.71
N LEU H 3 11.70 45.85 3.17
CA LEU H 3 10.52 46.01 2.33
C LEU H 3 10.25 47.50 2.10
N THR H 4 9.73 47.82 0.93
CA THR H 4 9.51 49.21 0.52
C THR H 4 8.07 49.61 0.75
N GLN H 5 7.85 50.63 1.58
CA GLN H 5 6.56 51.23 1.87
C GLN H 5 6.58 52.72 1.51
N PRO H 6 5.42 53.31 1.21
CA PRO H 6 5.36 54.77 1.04
C PRO H 6 5.38 55.47 2.38
N PRO H 7 6.16 56.55 2.51
CA PRO H 7 6.27 57.21 3.82
C PRO H 7 4.97 57.75 4.37
N SER H 8 4.04 58.16 3.51
CA SER H 8 2.83 58.84 3.98
C SER H 8 1.64 58.43 3.11
N ALA H 9 0.45 58.60 3.68
CA ALA H 9 -0.80 58.41 2.96
C ALA H 9 -1.86 59.29 3.60
N SER H 10 -2.84 59.69 2.81
CA SER H 10 -3.86 60.60 3.30
C SER H 10 -5.15 60.44 2.50
N GLU H 11 -6.28 60.59 3.18
CA GLU H 11 -7.59 60.48 2.57
C GLU H 11 -8.63 61.04 3.54
N ALA H 12 -9.70 61.60 2.98
CA ALA H 12 -10.74 62.20 3.78
C ALA H 12 -11.62 61.12 4.43
N ALA H 13 -12.45 61.56 5.38
CA ALA H 13 -13.28 60.64 6.15
C ALA H 13 -14.36 60.02 5.26
N ARG H 14 -14.86 58.86 5.72
CA ARG H 14 -15.89 58.09 5.03
C ARG H 14 -15.42 57.58 3.69
N LYS H 15 -14.14 57.74 3.38
CA LYS H 15 -13.54 57.27 2.14
C LYS H 15 -12.73 56.01 2.43
N SER H 16 -11.97 55.55 1.43
CA SER H 16 -11.14 54.35 1.57
C SER H 16 -9.74 54.64 1.03
N VAL H 17 -8.75 54.01 1.65
CA VAL H 17 -7.34 54.20 1.31
C VAL H 17 -6.67 52.83 1.21
N THR H 18 -5.54 52.80 0.50
CA THR H 18 -4.77 51.58 0.29
C THR H 18 -3.29 51.87 0.50
N ILE H 19 -2.62 50.97 1.21
CA ILE H 19 -1.20 51.08 1.52
C ILE H 19 -0.48 49.88 0.91
N SER H 20 0.58 50.13 0.16
CA SER H 20 1.31 49.09 -0.56
C SER H 20 2.59 48.70 0.17
N CYS H 21 3.06 47.49 -0.11
CA CYS H 21 4.27 46.96 0.48
C CYS H 21 4.96 46.09 -0.57
N SER H 22 6.19 46.44 -0.93
CA SER H 22 6.90 45.78 -2.02
C SER H 22 8.10 45.01 -1.48
N GLY H 23 8.30 43.80 -2.01
CA GLY H 23 9.39 42.94 -1.56
C GLY H 23 10.07 42.18 -2.68
N SER H 24 10.57 40.99 -2.38
CA SER H 24 11.29 40.19 -3.37
C SER H 24 10.84 38.74 -3.36
N SER H 25 11.53 37.89 -4.12
CA SER H 25 11.13 36.50 -4.25
C SER H 25 11.44 35.70 -2.99
N SER H 26 12.44 36.12 -2.22
CA SER H 26 12.84 35.35 -1.05
C SER H 26 11.88 35.53 0.12
N ASN H 27 11.19 36.67 0.21
CA ASN H 27 10.33 36.95 1.36
C ASN H 27 8.85 37.00 1.01
N ILE H 28 8.44 37.92 0.14
CA ILE H 28 7.01 38.06 -0.12
C ILE H 28 6.53 37.08 -1.19
N GLY H 29 7.37 36.80 -2.19
CA GLY H 29 6.96 35.88 -3.24
C GLY H 29 6.64 34.48 -2.73
N SER H 30 7.39 34.02 -1.73
CA SER H 30 7.26 32.66 -1.24
C SER H 30 6.56 32.54 0.11
N ASN H 31 6.34 33.65 0.82
CA ASN H 31 5.75 33.60 2.15
C ASN H 31 4.71 34.70 2.29
N SER H 32 3.96 34.66 3.39
CA SER H 32 2.84 35.57 3.60
C SER H 32 3.30 36.85 4.29
N VAL H 33 2.37 37.79 4.44
CA VAL H 33 2.65 39.13 4.96
C VAL H 33 1.79 39.39 6.19
N SER H 34 2.39 40.01 7.20
CA SER H 34 1.68 40.43 8.40
C SER H 34 1.70 41.95 8.51
N TRP H 35 0.58 42.51 9.00
CA TRP H 35 0.41 43.95 9.15
C TRP H 35 0.16 44.31 10.60
N TYR H 36 0.89 45.31 11.10
CA TYR H 36 0.83 45.79 12.47
C TYR H 36 0.46 47.27 12.51
N GLN H 37 -0.24 47.67 13.57
CA GLN H 37 -0.66 49.05 13.79
C GLN H 37 -0.02 49.60 15.06
N GLN H 38 0.38 50.87 15.01
CA GLN H 38 0.96 51.56 16.15
C GLN H 38 0.26 52.91 16.31
N LEU H 39 -0.58 53.02 17.33
CA LEU H 39 -1.24 54.26 17.68
C LEU H 39 -0.31 55.14 18.49
N PRO H 40 -0.56 56.45 18.54
CA PRO H 40 0.34 57.35 19.29
C PRO H 40 0.38 57.01 20.77
N GLY H 41 1.57 56.65 21.25
CA GLY H 41 1.80 56.38 22.65
C GLY H 41 1.07 55.19 23.22
N THR H 42 1.10 54.05 22.51
CA THR H 42 0.49 52.83 23.02
C THR H 42 1.18 51.64 22.38
N ALA H 43 0.91 50.45 22.92
CA ALA H 43 1.55 49.24 22.47
C ALA H 43 1.13 48.86 21.06
N LEU H 44 2.08 48.30 20.31
CA LEU H 44 1.79 47.81 18.97
C LEU H 44 0.90 46.57 19.04
N LYS H 45 0.02 46.42 18.05
CA LYS H 45 -0.87 45.27 17.98
C LYS H 45 -0.89 44.71 16.57
N LEU H 46 -1.17 43.41 16.48
CA LEU H 46 -1.22 42.69 15.21
C LEU H 46 -2.58 42.90 14.56
N LEU H 47 -2.57 43.41 13.32
CA LEU H 47 -3.81 43.59 12.57
C LEU H 47 -4.12 42.41 11.67
N ILE H 48 -3.18 42.05 10.79
CA ILE H 48 -3.43 41.04 9.76
C ILE H 48 -2.28 40.03 9.76
N SER H 49 -2.61 38.76 9.51
CA SER H 49 -1.61 37.72 9.29
C SER H 49 -2.09 36.79 8.18
N TYR H 50 -1.14 36.07 7.58
CA TYR H 50 -1.39 35.16 6.45
C TYR H 50 -2.08 35.87 5.29
N ASN H 51 -1.72 37.14 5.08
CA ASN H 51 -2.11 38.00 3.96
C ASN H 51 -3.57 38.47 3.99
N ASP H 52 -4.45 37.79 4.71
CA ASP H 52 -5.84 38.24 4.74
C ASP H 52 -6.60 37.94 6.03
N GLN H 53 -5.99 37.35 7.05
CA GLN H 53 -6.72 36.88 8.21
C GLN H 53 -6.68 37.93 9.32
N ARG H 54 -7.84 38.42 9.71
CA ARG H 54 -7.95 39.42 10.77
C ARG H 54 -7.79 38.78 12.13
N ALA H 55 -7.15 39.51 13.04
CA ALA H 55 -7.05 39.05 14.41
C ALA H 55 -8.39 39.24 15.13
N SER H 56 -8.48 38.65 16.33
CA SER H 56 -9.71 38.76 17.12
C SER H 56 -9.97 40.21 17.50
N GLY H 57 -11.23 40.63 17.37
CA GLY H 57 -11.61 41.98 17.70
C GLY H 57 -11.00 43.04 16.82
N VAL H 58 -10.92 42.79 15.51
CA VAL H 58 -10.44 43.75 14.53
C VAL H 58 -11.57 44.05 13.56
N SER H 59 -11.81 45.34 13.32
CA SER H 59 -12.96 45.75 12.52
C SER H 59 -12.86 45.21 11.10
N ASP H 60 -14.03 44.95 10.51
CA ASP H 60 -14.10 44.41 9.16
C ASP H 60 -13.69 45.41 8.09
N ARG H 61 -13.49 46.68 8.45
CA ARG H 61 -13.06 47.69 7.50
C ARG H 61 -11.61 47.52 7.07
N PHE H 62 -10.84 46.65 7.73
CA PHE H 62 -9.47 46.35 7.36
C PHE H 62 -9.44 45.08 6.51
N SER H 63 -8.78 45.15 5.36
CA SER H 63 -8.62 43.98 4.50
C SER H 63 -7.20 43.94 3.97
N GLY H 64 -6.75 42.73 3.60
CA GLY H 64 -5.42 42.55 3.07
C GLY H 64 -5.45 41.69 1.82
N SER H 65 -4.43 41.90 0.98
CA SER H 65 -4.30 41.11 -0.24
C SER H 65 -2.82 41.00 -0.61
N LYS H 66 -2.52 40.01 -1.44
CA LYS H 66 -1.17 39.76 -1.93
C LYS H 66 -1.22 39.39 -3.40
N SER H 67 -0.27 39.92 -4.18
CA SER H 67 -0.13 39.56 -5.58
C SER H 67 1.35 39.63 -5.94
N GLY H 68 1.88 38.53 -6.46
CA GLY H 68 3.28 38.50 -6.84
C GLY H 68 4.19 38.76 -5.65
N THR H 69 5.08 39.73 -5.80
CA THR H 69 5.97 40.15 -4.73
C THR H 69 5.48 41.41 -4.02
N SER H 70 4.19 41.72 -4.13
CA SER H 70 3.63 42.90 -3.50
C SER H 70 2.42 42.52 -2.65
N ALA H 71 2.11 43.38 -1.68
CA ALA H 71 0.97 43.19 -0.80
C ALA H 71 0.31 44.55 -0.54
N SER H 72 -0.97 44.50 -0.17
CA SER H 72 -1.74 45.73 0.03
C SER H 72 -2.65 45.60 1.24
N LEU H 73 -2.79 46.70 1.97
CA LEU H 73 -3.73 46.82 3.08
C LEU H 73 -4.75 47.90 2.73
N ALA H 74 -6.02 47.55 2.78
CA ALA H 74 -7.11 48.46 2.41
C ALA H 74 -7.94 48.79 3.64
N ILE H 75 -8.23 50.08 3.82
CA ILE H 75 -9.06 50.56 4.92
C ILE H 75 -10.23 51.31 4.33
N SER H 76 -11.45 50.91 4.70
CA SER H 76 -12.67 51.52 4.21
C SER H 76 -13.42 52.20 5.35
N GLY H 77 -14.30 53.13 4.99
CA GLY H 77 -15.03 53.89 5.99
C GLY H 77 -14.11 54.65 6.91
N LEU H 78 -13.16 55.37 6.31
CA LEU H 78 -12.07 55.98 7.07
C LEU H 78 -12.60 56.91 8.15
N GLN H 79 -12.04 56.78 9.35
CA GLN H 79 -12.44 57.56 10.52
C GLN H 79 -11.20 58.23 11.11
N THR H 80 -11.42 59.03 12.15
CA THR H 80 -10.32 59.73 12.82
C THR H 80 -9.51 58.81 13.72
N GLU H 81 -10.12 57.74 14.25
CA GLU H 81 -9.38 56.82 15.11
C GLU H 81 -8.39 55.96 14.34
N ASP H 82 -8.40 55.99 13.01
CA ASP H 82 -7.49 55.21 12.20
C ASP H 82 -6.13 55.85 12.00
N GLU H 83 -5.92 57.08 12.47
CA GLU H 83 -4.63 57.72 12.36
C GLU H 83 -3.60 56.96 13.21
N ALA H 84 -2.57 56.45 12.56
CA ALA H 84 -1.56 55.62 13.22
C ALA H 84 -0.38 55.44 12.27
N ASP H 85 0.55 54.59 12.67
CA ASP H 85 1.58 54.06 11.78
C ASP H 85 1.27 52.61 11.48
N TYR H 86 1.55 52.19 10.25
CA TYR H 86 1.26 50.84 9.81
C TYR H 86 2.52 50.22 9.24
N TYR H 87 2.82 48.99 9.66
CA TYR H 87 4.03 48.30 9.25
C TYR H 87 3.69 46.95 8.64
N CYS H 88 4.42 46.59 7.58
CA CYS H 88 4.32 45.26 6.98
C CYS H 88 5.59 44.47 7.27
N ALA H 89 5.42 43.15 7.39
CA ALA H 89 6.55 42.27 7.67
C ALA H 89 6.35 40.95 6.94
N ALA H 90 7.45 40.28 6.61
CA ALA H 90 7.38 39.00 5.93
C ALA H 90 8.57 38.12 6.31
N TRP H 91 8.32 36.82 6.43
CA TRP H 91 9.38 35.86 6.69
C TRP H 91 10.31 35.76 5.47
N ASP H 92 11.61 35.72 5.72
CA ASP H 92 12.61 35.61 4.66
C ASP H 92 13.38 34.32 4.83
N ASP H 93 13.42 33.51 3.77
CA ASP H 93 14.07 32.21 3.83
C ASP H 93 15.58 32.31 3.98
N SER H 94 16.20 33.39 3.51
CA SER H 94 17.64 33.55 3.64
C SER H 94 18.07 34.03 5.01
N LEU H 95 17.15 34.53 5.83
CA LEU H 95 17.47 35.02 7.17
C LEU H 95 16.94 34.15 8.29
N SER H 96 15.97 33.26 8.00
CA SER H 96 15.25 32.53 9.04
C SER H 96 14.62 33.48 10.04
N GLY H 97 14.06 34.58 9.54
CA GLY H 97 13.42 35.56 10.38
C GLY H 97 12.62 36.57 9.57
N PRO H 98 11.94 37.48 10.26
CA PRO H 98 11.13 38.48 9.57
C PRO H 98 11.95 39.65 9.07
N VAL H 99 11.46 40.28 8.00
CA VAL H 99 11.95 41.55 7.51
C VAL H 99 10.78 42.54 7.50
N PHE H 100 11.06 43.76 7.96
CA PHE H 100 10.06 44.80 8.16
C PHE H 100 10.09 45.81 7.02
N GLY H 101 8.95 46.47 6.82
CA GLY H 101 8.90 47.64 5.98
C GLY H 101 9.25 48.90 6.75
N GLY H 102 9.34 50.01 6.01
CA GLY H 102 9.68 51.28 6.62
C GLY H 102 8.57 51.92 7.43
N GLY H 103 7.34 51.55 7.19
CA GLY H 103 6.20 52.10 7.89
C GLY H 103 5.54 53.24 7.14
N THR H 104 4.22 53.33 7.25
CA THR H 104 3.43 54.37 6.62
C THR H 104 2.56 55.04 7.67
N ARG H 105 2.65 56.36 7.78
CA ARG H 105 1.80 57.12 8.70
C ARG H 105 0.55 57.59 7.98
N LEU H 106 -0.61 57.33 8.57
CA LEU H 106 -1.89 57.65 7.96
C LEU H 106 -2.47 58.90 8.59
N THR H 107 -2.79 59.88 7.75
CA THR H 107 -3.42 61.14 8.19
C THR H 107 -4.78 61.25 7.51
N VAL H 108 -5.80 61.54 8.29
CA VAL H 108 -7.16 61.68 7.77
C VAL H 108 -7.53 63.16 7.75
N LEU H 109 -8.14 63.59 6.64
CA LEU H 109 -8.53 64.98 6.47
C LEU H 109 -9.90 65.25 7.08
N PRO I 1 43.32 0.30 -10.32
CA PRO I 1 44.73 0.64 -10.53
C PRO I 1 45.11 0.66 -12.01
N VAL I 2 45.19 -0.52 -12.64
CA VAL I 2 45.53 -0.61 -14.04
C VAL I 2 44.94 -1.91 -14.59
N LEU I 3 44.67 -1.93 -15.89
CA LEU I 3 44.15 -3.08 -16.59
C LEU I 3 45.23 -3.66 -17.50
N THR I 4 45.24 -4.99 -17.63
CA THR I 4 46.29 -5.68 -18.37
C THR I 4 45.82 -6.01 -19.77
N GLN I 5 46.54 -5.50 -20.78
CA GLN I 5 46.32 -5.77 -22.19
C GLN I 5 47.58 -6.37 -22.81
N PRO I 6 47.45 -7.12 -23.90
CA PRO I 6 48.64 -7.58 -24.63
C PRO I 6 49.23 -6.45 -25.46
N PRO I 7 50.56 -6.32 -25.47
CA PRO I 7 51.17 -5.19 -26.19
C PRO I 7 50.88 -5.16 -27.69
N SER I 8 50.71 -6.31 -28.32
CA SER I 8 50.58 -6.37 -29.77
C SER I 8 49.63 -7.47 -30.18
N ALA I 9 49.08 -7.33 -31.38
CA ALA I 9 48.24 -8.36 -32.00
C ALA I 9 48.39 -8.26 -33.50
N SER I 10 48.18 -9.38 -34.19
CA SER I 10 48.38 -9.41 -35.64
C SER I 10 47.55 -10.53 -36.25
N GLU I 11 47.04 -10.29 -37.45
CA GLU I 11 46.23 -11.26 -38.18
C GLU I 11 46.10 -10.80 -39.62
N ALA I 12 45.98 -11.76 -40.52
CA ALA I 12 45.89 -11.46 -41.95
C ALA I 12 44.51 -10.91 -42.30
N ALA I 13 44.41 -10.36 -43.50
CA ALA I 13 43.18 -9.73 -43.96
C ALA I 13 42.07 -10.76 -44.15
N ARG I 14 40.83 -10.27 -44.08
CA ARG I 14 39.62 -11.07 -44.24
C ARG I 14 39.47 -12.08 -43.11
N LYS I 15 40.34 -12.02 -42.11
CA LYS I 15 40.29 -12.90 -40.96
C LYS I 15 39.68 -12.14 -39.77
N SER I 16 39.73 -12.75 -38.58
CA SER I 16 39.20 -12.15 -37.38
C SER I 16 40.21 -12.27 -36.25
N VAL I 17 40.21 -11.26 -35.37
CA VAL I 17 41.14 -11.18 -34.26
C VAL I 17 40.38 -10.81 -33.00
N THR I 18 40.99 -11.10 -31.84
CA THR I 18 40.40 -10.85 -30.54
C THR I 18 41.43 -10.21 -29.62
N ILE I 19 41.02 -9.19 -28.87
CA ILE I 19 41.88 -8.44 -27.97
C ILE I 19 41.31 -8.58 -26.56
N SER I 20 42.15 -8.96 -25.61
CA SER I 20 41.73 -9.23 -24.24
C SER I 20 42.09 -8.09 -23.31
N CYS I 21 41.33 -7.96 -22.23
CA CYS I 21 41.52 -6.93 -21.23
C CYS I 21 41.20 -7.53 -19.87
N SER I 22 42.17 -7.54 -18.97
CA SER I 22 42.04 -8.20 -17.67
C SER I 22 42.03 -7.17 -16.55
N GLY I 23 41.14 -7.38 -15.58
CA GLY I 23 41.00 -6.47 -14.46
C GLY I 23 40.79 -7.16 -13.13
N SER I 24 40.05 -6.51 -12.22
CA SER I 24 39.82 -7.06 -10.90
C SER I 24 38.36 -6.93 -10.49
N SER I 25 38.06 -7.27 -9.24
CA SER I 25 36.68 -7.26 -8.75
C SER I 25 36.15 -5.84 -8.61
N SER I 26 37.01 -4.88 -8.29
CA SER I 26 36.53 -3.53 -8.00
C SER I 26 36.15 -2.76 -9.26
N ASN I 27 36.73 -3.11 -10.42
CA ASN I 27 36.47 -2.36 -11.63
C ASN I 27 35.73 -3.16 -12.70
N ILE I 28 36.28 -4.27 -13.17
CA ILE I 28 35.63 -5.00 -14.25
C ILE I 28 34.57 -5.97 -13.72
N GLY I 29 34.82 -6.59 -12.57
CA GLY I 29 33.86 -7.54 -12.03
C GLY I 29 32.52 -6.91 -11.72
N SER I 30 32.52 -5.65 -11.27
CA SER I 30 31.31 -4.98 -10.83
C SER I 30 30.79 -3.92 -11.80
N ASN I 31 31.56 -3.53 -12.81
CA ASN I 31 31.17 -2.47 -13.73
C ASN I 31 31.53 -2.87 -15.15
N SER I 32 31.05 -2.09 -16.12
CA SER I 32 31.19 -2.41 -17.53
C SER I 32 32.50 -1.86 -18.10
N VAL I 33 32.75 -2.16 -19.37
CA VAL I 33 34.01 -1.84 -20.05
C VAL I 33 33.71 -0.97 -21.27
N SER I 34 34.57 0.00 -21.53
CA SER I 34 34.52 0.81 -22.73
C SER I 34 35.80 0.61 -23.55
N TRP I 35 35.64 0.65 -24.87
CA TRP I 35 36.75 0.45 -25.82
C TRP I 35 36.87 1.67 -26.71
N TYR I 36 38.10 2.18 -26.83
CA TYR I 36 38.43 3.35 -27.63
C TYR I 36 39.48 3.00 -28.69
N GLN I 37 39.41 3.69 -29.83
CA GLN I 37 40.31 3.51 -30.96
C GLN I 37 41.10 4.78 -31.22
N GLN I 38 42.39 4.62 -31.52
CA GLN I 38 43.27 5.73 -31.85
C GLN I 38 44.00 5.41 -33.15
N LEU I 39 43.61 6.09 -34.22
CA LEU I 39 44.26 5.96 -35.52
C LEU I 39 45.49 6.85 -35.57
N PRO I 40 46.44 6.56 -36.47
CA PRO I 40 47.67 7.36 -36.53
C PRO I 40 47.39 8.83 -36.85
N GLY I 41 47.75 9.69 -35.91
CA GLY I 41 47.63 11.13 -36.10
C GLY I 41 46.23 11.66 -36.26
N THR I 42 45.30 11.23 -35.40
CA THR I 42 43.94 11.74 -35.43
C THR I 42 43.32 11.58 -34.04
N ALA I 43 42.19 12.23 -33.84
CA ALA I 43 41.53 12.25 -32.55
C ALA I 43 41.00 10.87 -32.17
N LEU I 44 41.07 10.57 -30.87
CA LEU I 44 40.52 9.34 -30.34
C LEU I 44 39.00 9.34 -30.46
N LYS I 45 38.42 8.16 -30.61
CA LYS I 45 36.97 8.02 -30.70
C LYS I 45 36.52 6.82 -29.90
N LEU I 46 35.26 6.88 -29.44
CA LEU I 46 34.67 5.83 -28.64
C LEU I 46 34.11 4.74 -29.54
N LEU I 47 34.56 3.50 -29.34
CA LEU I 47 34.05 2.37 -30.11
C LEU I 47 32.91 1.67 -29.38
N ILE I 48 33.15 1.18 -28.17
CA ILE I 48 32.20 0.34 -27.46
C ILE I 48 31.98 0.90 -26.06
N SER I 49 30.74 0.81 -25.57
CA SER I 49 30.42 1.11 -24.18
C SER I 49 29.41 0.10 -23.67
N TYR I 50 29.35 -0.04 -22.34
CA TYR I 50 28.46 -1.00 -21.66
C TYR I 50 28.71 -2.43 -22.14
N ASN I 51 29.96 -2.74 -22.46
CA ASN I 51 30.50 -4.05 -22.82
C ASN I 51 30.07 -4.56 -24.20
N ASP I 52 29.00 -4.02 -24.78
CA ASP I 52 28.58 -4.52 -26.09
C ASP I 52 27.91 -3.50 -26.99
N GLN I 53 27.75 -2.24 -26.59
CA GLN I 53 26.94 -1.29 -27.33
C GLN I 53 27.83 -0.43 -28.22
N ARG I 54 27.64 -0.54 -29.53
CA ARG I 54 28.43 0.22 -30.49
C ARG I 54 27.94 1.66 -30.57
N ALA I 55 28.87 2.58 -30.79
CA ALA I 55 28.52 3.97 -30.98
C ALA I 55 27.90 4.18 -32.36
N SER I 56 27.33 5.36 -32.57
CA SER I 56 26.70 5.68 -33.85
C SER I 56 27.76 5.71 -34.96
N GLY I 57 27.41 5.10 -36.09
CA GLY I 57 28.32 5.04 -37.21
C GLY I 57 29.56 4.21 -36.97
N VAL I 58 29.42 3.08 -36.29
CA VAL I 58 30.51 2.14 -36.06
C VAL I 58 30.14 0.82 -36.73
N SER I 59 31.08 0.28 -37.50
CA SER I 59 30.80 -0.91 -38.31
C SER I 59 30.43 -2.11 -37.43
N ASP I 60 29.58 -2.97 -37.97
CA ASP I 60 29.12 -4.15 -37.25
C ASP I 60 30.21 -5.20 -37.07
N ARG I 61 31.36 -5.03 -37.71
CA ARG I 61 32.47 -5.97 -37.55
C ARG I 61 33.13 -5.89 -36.19
N PHE I 62 32.80 -4.89 -35.38
CA PHE I 62 33.32 -4.77 -34.01
C PHE I 62 32.29 -5.32 -33.04
N SER I 63 32.74 -6.19 -32.13
CA SER I 63 31.86 -6.71 -31.09
C SER I 63 32.62 -6.76 -29.76
N GLY I 64 31.88 -6.73 -28.66
CA GLY I 64 32.47 -6.78 -27.35
C GLY I 64 31.76 -7.79 -26.47
N SER I 65 32.51 -8.29 -25.47
CA SER I 65 31.96 -9.23 -24.52
C SER I 65 32.69 -9.11 -23.20
N LYS I 66 32.04 -9.59 -22.14
CA LYS I 66 32.60 -9.58 -20.80
C LYS I 66 32.29 -10.89 -20.10
N SER I 67 33.26 -11.41 -19.35
CA SER I 67 33.07 -12.62 -18.55
C SER I 67 33.96 -12.51 -17.32
N GLY I 68 33.35 -12.65 -16.14
CA GLY I 68 34.11 -12.57 -14.91
C GLY I 68 34.79 -11.22 -14.76
N THR I 69 36.10 -11.25 -14.53
CA THR I 69 36.91 -10.04 -14.45
C THR I 69 37.67 -9.77 -15.74
N SER I 70 37.23 -10.32 -16.86
CA SER I 70 37.90 -10.13 -18.14
C SER I 70 36.90 -9.65 -19.19
N ALA I 71 37.42 -9.03 -20.25
CA ALA I 71 36.61 -8.54 -21.34
C ALA I 71 37.37 -8.74 -22.65
N SER I 72 36.63 -8.76 -23.76
CA SER I 72 37.21 -9.03 -25.06
C SER I 72 36.56 -8.16 -26.13
N LEU I 73 37.38 -7.74 -27.09
CA LEU I 73 36.93 -7.03 -28.29
C LEU I 73 37.29 -7.84 -29.52
N ALA I 74 36.30 -8.16 -30.33
CA ALA I 74 36.48 -9.00 -31.51
C ALA I 74 36.28 -8.18 -32.77
N ILE I 75 37.18 -8.34 -33.74
CA ILE I 75 37.12 -7.66 -35.02
C ILE I 75 37.11 -8.72 -36.12
N SER I 76 36.09 -8.68 -36.97
CA SER I 76 35.95 -9.63 -38.06
C SER I 76 36.07 -8.91 -39.40
N GLY I 77 36.37 -9.68 -40.45
CA GLY I 77 36.56 -9.11 -41.76
C GLY I 77 37.69 -8.12 -41.79
N LEU I 78 38.84 -8.52 -41.23
CA LEU I 78 39.94 -7.59 -40.99
C LEU I 78 40.39 -6.90 -42.27
N GLN I 79 40.58 -5.60 -42.19
CA GLN I 79 41.00 -4.77 -43.33
C GLN I 79 42.23 -3.97 -42.94
N THR I 80 42.75 -3.21 -43.91
CA THR I 80 43.93 -2.38 -43.66
C THR I 80 43.60 -1.12 -42.87
N GLU I 81 42.38 -0.60 -42.99
CA GLU I 81 42.00 0.60 -42.26
C GLU I 81 41.84 0.36 -40.76
N ASP I 82 41.89 -0.89 -40.31
CA ASP I 82 41.73 -1.22 -38.91
C ASP I 82 43.03 -1.14 -38.12
N GLU I 83 44.16 -0.86 -38.76
CA GLU I 83 45.42 -0.68 -38.05
C GLU I 83 45.33 0.56 -37.17
N ALA I 84 45.50 0.38 -35.87
CA ALA I 84 45.36 1.46 -34.90
C ALA I 84 45.86 0.97 -33.55
N ASP I 85 45.65 1.78 -32.51
CA ASP I 85 45.80 1.36 -31.13
C ASP I 85 44.42 1.28 -30.50
N TYR I 86 44.24 0.31 -29.60
CA TYR I 86 42.96 0.06 -28.96
C TYR I 86 43.14 0.05 -27.45
N TYR I 87 42.27 0.75 -26.74
CA TYR I 87 42.37 0.89 -25.30
C TYR I 87 41.07 0.46 -24.64
N CYS I 88 41.17 -0.18 -23.48
CA CYS I 88 40.02 -0.53 -22.66
C CYS I 88 40.04 0.27 -21.37
N ALA I 89 38.85 0.61 -20.87
CA ALA I 89 38.72 1.39 -19.65
C ALA I 89 37.52 0.90 -18.86
N ALA I 90 37.59 1.06 -17.54
CA ALA I 90 36.49 0.62 -16.68
C ALA I 90 36.42 1.49 -15.43
N TRP I 91 35.19 1.77 -15.00
CA TRP I 91 34.97 2.49 -13.75
C TRP I 91 35.43 1.67 -12.56
N ASP I 92 36.11 2.32 -11.61
CA ASP I 92 36.59 1.67 -10.41
C ASP I 92 35.92 2.29 -9.19
N ASP I 93 35.30 1.44 -8.37
CA ASP I 93 34.56 1.93 -7.21
C ASP I 93 35.46 2.52 -6.13
N SER I 94 36.72 2.09 -6.06
CA SER I 94 37.64 2.64 -5.06
C SER I 94 38.24 3.97 -5.46
N LEU I 95 38.14 4.35 -6.74
CA LEU I 95 38.69 5.61 -7.23
C LEU I 95 37.65 6.65 -7.59
N SER I 96 36.39 6.24 -7.76
CA SER I 96 35.35 7.10 -8.32
C SER I 96 35.79 7.68 -9.67
N GLY I 97 36.41 6.85 -10.50
CA GLY I 97 36.87 7.25 -11.79
C GLY I 97 37.29 6.07 -12.66
N PRO I 98 37.64 6.33 -13.91
CA PRO I 98 38.04 5.25 -14.80
C PRO I 98 39.50 4.85 -14.62
N VAL I 99 39.76 3.57 -14.90
CA VAL I 99 41.11 3.03 -15.01
C VAL I 99 41.28 2.50 -16.42
N PHE I 100 42.46 2.76 -17.00
CA PHE I 100 42.77 2.45 -18.38
C PHE I 100 43.65 1.19 -18.48
N GLY I 101 43.60 0.56 -19.65
CA GLY I 101 44.57 -0.46 -20.00
C GLY I 101 45.79 0.13 -20.68
N GLY I 102 46.78 -0.73 -20.91
CA GLY I 102 48.02 -0.28 -21.53
C GLY I 102 47.94 -0.05 -23.03
N GLY I 103 46.94 -0.60 -23.68
CA GLY I 103 46.76 -0.41 -25.10
C GLY I 103 47.34 -1.56 -25.91
N THR I 104 46.70 -1.85 -27.04
CA THR I 104 47.15 -2.90 -27.96
C THR I 104 47.23 -2.33 -29.37
N ARG I 105 48.37 -2.50 -30.01
CA ARG I 105 48.56 -2.03 -31.38
C ARG I 105 48.26 -3.17 -32.35
N LEU I 106 47.41 -2.90 -33.32
CA LEU I 106 46.95 -3.92 -34.26
C LEU I 106 47.67 -3.75 -35.59
N THR I 107 48.32 -4.82 -36.05
CA THR I 107 49.01 -4.84 -37.33
C THR I 107 48.39 -5.92 -38.21
N VAL I 108 48.00 -5.53 -39.42
CA VAL I 108 47.39 -6.46 -40.37
C VAL I 108 48.44 -6.91 -41.38
N LEU I 109 48.40 -8.19 -41.74
CA LEU I 109 49.36 -8.75 -42.67
C LEU I 109 48.85 -8.70 -44.10
#